data_4CBV
#
_entry.id   4CBV
#
_cell.length_a   88.893
_cell.length_b   135.004
_cell.length_c   461.395
_cell.angle_alpha   90.00
_cell.angle_beta   90.00
_cell.angle_gamma   90.00
#
_symmetry.space_group_name_H-M   'C 2 2 21'
#
_entity_poly.entity_id   1
_entity_poly.type   'polypeptide(L)'
_entity_poly.pdbx_seq_one_letter_code
;(MSE)KVLILEDVIEHQVRLERILDEISKESNIPISYKTTGKVREFEEYIENDEVNQLYFLAIDIHGIEKKGFEVAQLIR
HYNPYAIIVFITSRSEFATLTYKYQVSALDFVDKDINDE(MSE)FKKRIEQNIFYTKS(MSE)LLENEDVVDYFDYNYKG
NDLKIPYHDILYIETTGVSHKLRIIGKNFAKEFYGT(MSE)TDIQEKDKHTQRFYSPHKSFLVNIGNIREIDRKNLEIVF
YEDHRCPISRLKIRKLKDILEKKSQKHHHHHH
;
_entity_poly.pdbx_strand_id   A,B,C,D,E,F
#
# COMPACT_ATOMS: atom_id res chain seq x y z
N MSE A 1 45.49 15.75 -22.25
CA MSE A 1 44.91 14.69 -21.42
C MSE A 1 44.43 13.54 -22.31
O MSE A 1 43.41 13.66 -23.00
CB MSE A 1 43.79 15.24 -20.52
CG MSE A 1 43.00 14.18 -19.77
SE MSE A 1 41.58 14.96 -18.67
CE MSE A 1 40.43 13.44 -18.57
N LYS A 2 45.17 12.43 -22.30
CA LYS A 2 44.89 11.25 -23.09
C LYS A 2 43.68 10.51 -22.51
N VAL A 3 42.72 10.10 -23.34
CA VAL A 3 41.51 9.42 -22.89
C VAL A 3 41.19 8.24 -23.85
N LEU A 4 40.61 7.15 -23.30
CA LEU A 4 40.34 5.93 -24.07
C LEU A 4 38.85 5.56 -24.10
N ILE A 5 38.28 5.57 -25.32
CA ILE A 5 36.88 5.27 -25.58
C ILE A 5 36.71 3.91 -26.26
N LEU A 6 35.81 3.09 -25.72
CA LEU A 6 35.41 1.79 -26.27
C LEU A 6 33.94 1.92 -26.68
N GLU A 7 33.67 1.94 -28.00
CA GLU A 7 32.31 2.10 -28.52
C GLU A 7 32.13 1.42 -29.88
N ASP A 8 31.19 0.46 -29.93
CA ASP A 8 30.82 -0.29 -31.14
C ASP A 8 29.86 0.51 -32.05
N VAL A 9 29.13 1.51 -31.49
CA VAL A 9 28.16 2.33 -32.24
C VAL A 9 28.83 3.63 -32.69
N ILE A 10 28.91 3.83 -34.02
CA ILE A 10 29.50 4.99 -34.70
C ILE A 10 28.75 6.28 -34.30
N GLU A 11 27.40 6.21 -34.22
CA GLU A 11 26.48 7.30 -33.83
C GLU A 11 26.88 7.88 -32.45
N HIS A 12 27.13 7.01 -31.45
CA HIS A 12 27.50 7.42 -30.10
C HIS A 12 28.99 7.74 -29.99
N GLN A 13 29.80 7.21 -30.92
CA GLN A 13 31.24 7.44 -31.02
C GLN A 13 31.49 8.91 -31.37
N VAL A 14 30.83 9.39 -32.44
CA VAL A 14 30.94 10.75 -32.98
C VAL A 14 30.42 11.79 -31.95
N ARG A 15 29.36 11.45 -31.18
CA ARG A 15 28.78 12.32 -30.16
C ARG A 15 29.81 12.64 -29.08
N LEU A 16 30.30 11.60 -28.38
CA LEU A 16 31.29 11.73 -27.31
C LEU A 16 32.58 12.41 -27.79
N GLU A 17 33.08 12.07 -28.99
CA GLU A 17 34.28 12.68 -29.56
C GLU A 17 34.11 14.19 -29.73
N ARG A 18 32.90 14.64 -30.13
CA ARG A 18 32.56 16.05 -30.31
C ARG A 18 32.50 16.75 -28.95
N ILE A 19 31.76 16.18 -27.97
CA ILE A 19 31.59 16.71 -26.61
C ILE A 19 32.97 16.95 -25.97
N LEU A 20 33.87 15.94 -26.05
CA LEU A 20 35.25 15.95 -25.56
C LEU A 20 36.06 17.11 -26.15
N ASP A 21 35.80 17.47 -27.41
CA ASP A 21 36.48 18.57 -28.10
C ASP A 21 35.90 19.92 -27.69
N GLU A 22 34.56 19.99 -27.49
CA GLU A 22 33.83 21.19 -27.09
C GLU A 22 34.25 21.62 -25.70
N ILE A 23 34.52 20.63 -24.82
CA ILE A 23 34.97 20.83 -23.45
C ILE A 23 36.41 21.37 -23.50
N SER A 24 37.31 20.67 -24.21
CA SER A 24 38.72 20.99 -24.43
C SER A 24 38.98 22.46 -24.83
N LYS A 25 38.00 23.11 -25.49
CA LYS A 25 38.08 24.51 -25.90
C LYS A 25 37.48 25.41 -24.82
N GLU A 26 36.25 25.08 -24.35
CA GLU A 26 35.51 25.84 -23.33
C GLU A 26 36.23 25.88 -21.99
N SER A 27 36.73 24.72 -21.54
CA SER A 27 37.43 24.54 -20.28
C SER A 27 38.92 24.83 -20.41
N ASN A 28 39.41 24.98 -21.65
CA ASN A 28 40.80 25.31 -22.01
C ASN A 28 41.81 24.24 -21.54
N ILE A 29 41.41 22.95 -21.61
CA ILE A 29 42.31 21.83 -21.23
C ILE A 29 42.42 20.84 -22.41
N PRO A 30 43.64 20.43 -22.82
CA PRO A 30 43.77 19.53 -23.98
C PRO A 30 43.22 18.13 -23.70
N ILE A 31 42.43 17.59 -24.64
CA ILE A 31 41.86 16.25 -24.51
C ILE A 31 42.14 15.50 -25.80
N SER A 32 42.95 14.44 -25.69
CA SER A 32 43.33 13.53 -26.77
C SER A 32 42.51 12.29 -26.62
N TYR A 33 42.14 11.61 -27.73
CA TYR A 33 41.31 10.40 -27.60
C TYR A 33 41.63 9.35 -28.64
N LYS A 34 41.59 8.07 -28.19
CA LYS A 34 41.75 6.86 -28.99
C LYS A 34 40.46 6.05 -28.85
N THR A 35 39.69 5.93 -29.93
CA THR A 35 38.39 5.23 -29.87
C THR A 35 38.32 4.00 -30.81
N THR A 36 37.62 2.92 -30.36
CA THR A 36 37.41 1.64 -31.09
C THR A 36 36.20 0.86 -30.59
N GLY A 37 35.66 0.02 -31.47
CA GLY A 37 34.56 -0.90 -31.19
C GLY A 37 35.05 -2.32 -31.00
N LYS A 38 36.22 -2.63 -31.61
CA LYS A 38 36.87 -3.93 -31.54
C LYS A 38 37.70 -4.02 -30.26
N VAL A 39 37.40 -5.05 -29.45
CA VAL A 39 38.03 -5.33 -28.15
C VAL A 39 39.52 -5.66 -28.33
N ARG A 40 39.87 -6.40 -29.40
CA ARG A 40 41.27 -6.78 -29.69
C ARG A 40 42.15 -5.54 -29.84
N GLU A 41 41.64 -4.49 -30.53
CA GLU A 41 42.38 -3.25 -30.74
C GLU A 41 42.43 -2.46 -29.45
N PHE A 42 41.31 -2.43 -28.71
CA PHE A 42 41.21 -1.69 -27.46
C PHE A 42 42.05 -2.34 -26.35
N GLU A 43 42.32 -3.66 -26.45
CA GLU A 43 43.18 -4.37 -25.49
C GLU A 43 44.62 -3.91 -25.63
N GLU A 44 45.04 -3.59 -26.86
CA GLU A 44 46.37 -3.06 -27.18
C GLU A 44 46.51 -1.64 -26.66
N TYR A 45 45.38 -0.88 -26.63
CA TYR A 45 45.29 0.50 -26.11
C TYR A 45 45.49 0.48 -24.59
N ILE A 46 44.89 -0.53 -23.91
CA ILE A 46 44.99 -0.76 -22.48
C ILE A 46 46.46 -1.07 -22.15
N GLU A 47 47.16 -1.77 -23.05
CA GLU A 47 48.57 -2.13 -22.82
C GLU A 47 49.49 -0.90 -22.82
N ASN A 48 49.12 0.16 -23.56
CA ASN A 48 49.95 1.37 -23.66
C ASN A 48 49.20 2.55 -23.06
N ASP A 49 48.55 2.33 -21.92
CA ASP A 49 47.75 3.37 -21.26
C ASP A 49 48.53 4.09 -20.14
N GLU A 50 48.11 5.34 -19.83
CA GLU A 50 48.64 6.21 -18.77
C GLU A 50 48.37 5.54 -17.41
N VAL A 51 49.15 5.87 -16.36
CA VAL A 51 48.96 5.21 -15.05
C VAL A 51 47.57 5.54 -14.48
N ASN A 52 47.16 6.82 -14.50
CA ASN A 52 45.84 7.22 -14.00
C ASN A 52 44.89 7.41 -15.18
N GLN A 53 44.74 6.38 -16.03
CA GLN A 53 43.97 6.47 -17.27
C GLN A 53 42.47 6.68 -17.08
N LEU A 54 41.88 7.61 -17.88
CA LEU A 54 40.44 7.79 -17.89
C LEU A 54 39.89 6.96 -19.05
N TYR A 55 38.93 6.10 -18.75
CA TYR A 55 38.28 5.20 -19.69
C TYR A 55 36.81 5.57 -19.87
N PHE A 56 36.33 5.48 -21.11
CA PHE A 56 34.94 5.74 -21.49
C PHE A 56 34.44 4.47 -22.15
N LEU A 57 33.84 3.61 -21.33
CA LEU A 57 33.43 2.28 -21.72
C LEU A 57 31.94 2.09 -21.96
N ALA A 58 31.61 1.38 -23.06
CA ALA A 58 30.26 0.93 -23.39
C ALA A 58 30.09 -0.43 -22.71
N ILE A 59 28.88 -1.01 -22.64
CA ILE A 59 28.74 -2.30 -21.95
C ILE A 59 28.32 -3.38 -22.96
N ASP A 60 27.18 -3.20 -23.63
CA ASP A 60 26.70 -4.14 -24.63
C ASP A 60 27.44 -3.83 -25.93
N ILE A 61 28.58 -4.51 -26.15
CA ILE A 61 29.45 -4.32 -27.32
C ILE A 61 29.37 -5.54 -28.23
N HIS A 62 29.08 -5.31 -29.52
CA HIS A 62 28.98 -6.30 -30.61
C HIS A 62 28.12 -7.51 -30.20
N GLY A 63 26.89 -7.20 -29.74
CA GLY A 63 25.88 -8.17 -29.33
C GLY A 63 26.19 -8.96 -28.07
N ILE A 64 27.16 -8.48 -27.28
CA ILE A 64 27.53 -9.14 -26.02
C ILE A 64 27.24 -8.17 -24.89
N GLU A 65 26.07 -8.33 -24.26
CA GLU A 65 25.70 -7.53 -23.10
C GLU A 65 26.63 -7.94 -21.96
N LYS A 66 27.10 -6.96 -21.15
CA LYS A 66 28.02 -7.17 -20.03
C LYS A 66 29.50 -7.38 -20.51
N LYS A 67 29.80 -7.09 -21.81
CA LYS A 67 31.16 -7.21 -22.37
C LYS A 67 32.02 -6.08 -21.86
N GLY A 68 31.38 -4.92 -21.68
CA GLY A 68 32.02 -3.72 -21.15
C GLY A 68 32.48 -3.89 -19.73
N PHE A 69 31.87 -4.88 -19.02
CA PHE A 69 32.20 -5.22 -17.65
C PHE A 69 33.37 -6.21 -17.64
N GLU A 70 33.45 -7.07 -18.67
CA GLU A 70 34.53 -8.05 -18.83
C GLU A 70 35.86 -7.33 -19.04
N VAL A 71 35.84 -6.25 -19.86
CA VAL A 71 37.01 -5.41 -20.17
C VAL A 71 37.30 -4.51 -18.95
N ALA A 72 36.25 -3.95 -18.29
CA ALA A 72 36.39 -3.12 -17.09
C ALA A 72 37.10 -3.87 -15.94
N GLN A 73 36.91 -5.21 -15.89
CA GLN A 73 37.56 -6.08 -14.90
C GLN A 73 39.04 -6.18 -15.20
N LEU A 74 39.36 -6.49 -16.46
CA LEU A 74 40.71 -6.67 -17.02
C LEU A 74 41.57 -5.41 -16.80
N ILE A 75 40.97 -4.21 -17.05
CA ILE A 75 41.59 -2.89 -16.89
C ILE A 75 42.02 -2.70 -15.44
N ARG A 76 41.07 -2.93 -14.49
CA ARG A 76 41.22 -2.80 -13.05
C ARG A 76 42.30 -3.74 -12.54
N HIS A 77 42.31 -4.97 -13.03
CA HIS A 77 43.27 -6.01 -12.65
C HIS A 77 44.71 -5.60 -12.99
N TYR A 78 44.90 -4.99 -14.15
CA TYR A 78 46.22 -4.55 -14.62
C TYR A 78 46.60 -3.21 -14.01
N ASN A 79 45.62 -2.29 -13.88
CA ASN A 79 45.82 -0.93 -13.38
C ASN A 79 44.85 -0.60 -12.24
N PRO A 80 45.33 -0.58 -10.97
CA PRO A 80 44.44 -0.22 -9.86
C PRO A 80 44.20 1.30 -9.76
N TYR A 81 44.71 2.08 -10.73
CA TYR A 81 44.61 3.55 -10.75
C TYR A 81 43.80 4.10 -11.94
N ALA A 82 43.26 3.22 -12.79
CA ALA A 82 42.49 3.68 -13.92
C ALA A 82 41.14 4.20 -13.46
N ILE A 83 40.65 5.27 -14.09
CA ILE A 83 39.35 5.84 -13.80
C ILE A 83 38.38 5.27 -14.86
N ILE A 84 37.45 4.39 -14.44
CA ILE A 84 36.52 3.72 -15.36
C ILE A 84 35.12 4.37 -15.31
N VAL A 85 34.72 5.00 -16.43
CA VAL A 85 33.41 5.63 -16.57
C VAL A 85 32.64 4.86 -17.63
N PHE A 86 31.41 4.41 -17.28
CA PHE A 86 30.56 3.65 -18.19
C PHE A 86 29.55 4.54 -18.87
N ILE A 87 29.60 4.61 -20.20
CA ILE A 87 28.66 5.36 -21.04
C ILE A 87 27.82 4.28 -21.76
N THR A 88 26.53 4.12 -21.40
CA THR A 88 25.69 3.08 -22.02
C THR A 88 24.21 3.43 -22.09
N SER A 89 23.46 2.64 -22.86
CA SER A 89 22.01 2.76 -23.05
C SER A 89 21.26 1.89 -22.06
N ARG A 90 21.80 0.68 -21.76
CA ARG A 90 21.23 -0.29 -20.82
C ARG A 90 21.48 0.18 -19.37
N SER A 91 20.58 1.06 -18.89
CA SER A 91 20.61 1.74 -17.59
C SER A 91 20.34 0.80 -16.39
N GLU A 92 19.72 -0.37 -16.62
CA GLU A 92 19.43 -1.36 -15.58
C GLU A 92 20.72 -1.97 -14.98
N PHE A 93 21.84 -1.87 -15.73
CA PHE A 93 23.15 -2.41 -15.37
C PHE A 93 23.89 -1.55 -14.31
N ALA A 94 23.29 -0.42 -13.87
CA ALA A 94 23.87 0.48 -12.87
C ALA A 94 24.21 -0.28 -11.57
N THR A 95 23.35 -1.21 -11.15
CA THR A 95 23.48 -2.07 -9.97
C THR A 95 24.62 -3.09 -10.11
N LEU A 96 24.86 -3.57 -11.35
CA LEU A 96 25.82 -4.62 -11.69
C LEU A 96 27.30 -4.24 -11.49
N THR A 97 27.65 -2.96 -11.70
CA THR A 97 29.00 -2.42 -11.56
C THR A 97 29.76 -3.04 -10.37
N TYR A 98 29.18 -2.90 -9.16
CA TYR A 98 29.75 -3.35 -7.87
C TYR A 98 30.15 -4.83 -7.86
N LYS A 99 29.31 -5.70 -8.47
CA LYS A 99 29.51 -7.14 -8.56
C LYS A 99 30.83 -7.49 -9.26
N TYR A 100 31.21 -6.70 -10.28
CA TYR A 100 32.42 -6.91 -11.07
C TYR A 100 33.68 -6.42 -10.33
N GLN A 101 33.55 -6.11 -9.01
CA GLN A 101 34.64 -5.67 -8.11
C GLN A 101 35.47 -4.52 -8.72
N VAL A 102 34.85 -3.73 -9.59
CA VAL A 102 35.46 -2.57 -10.25
C VAL A 102 34.99 -1.30 -9.52
N SER A 103 35.93 -0.41 -9.19
CA SER A 103 35.59 0.81 -8.49
C SER A 103 35.36 1.91 -9.54
N ALA A 104 34.21 1.84 -10.22
CA ALA A 104 33.85 2.77 -11.28
C ALA A 104 33.54 4.16 -10.73
N LEU A 105 33.84 5.22 -11.51
CA LEU A 105 33.59 6.60 -11.11
C LEU A 105 32.17 6.98 -11.46
N ASP A 106 31.70 6.66 -12.69
CA ASP A 106 30.37 7.04 -13.15
C ASP A 106 29.67 6.02 -14.09
N PHE A 107 28.34 6.16 -14.20
CA PHE A 107 27.44 5.38 -15.04
C PHE A 107 26.51 6.38 -15.77
N VAL A 108 26.86 6.71 -17.03
CA VAL A 108 26.17 7.70 -17.86
C VAL A 108 25.20 7.04 -18.84
N ASP A 109 23.93 7.46 -18.82
CA ASP A 109 22.91 6.98 -19.74
C ASP A 109 23.00 7.82 -21.03
N LYS A 110 23.31 7.17 -22.18
CA LYS A 110 23.46 7.88 -23.45
C LYS A 110 22.11 8.31 -24.09
N ASP A 111 20.98 7.87 -23.52
CA ASP A 111 19.64 8.22 -24.00
C ASP A 111 19.25 9.65 -23.58
N ILE A 112 19.98 10.26 -22.62
CA ILE A 112 19.72 11.64 -22.15
C ILE A 112 20.13 12.65 -23.26
N ASN A 113 19.51 13.85 -23.25
CA ASN A 113 19.76 14.95 -24.20
C ASN A 113 21.23 15.41 -24.13
N ASP A 114 21.77 15.91 -25.27
CA ASP A 114 23.15 16.36 -25.45
C ASP A 114 23.62 17.40 -24.43
N GLU A 115 22.72 18.30 -23.96
CA GLU A 115 23.06 19.32 -22.96
C GLU A 115 23.41 18.66 -21.64
N MSE A 116 22.51 17.79 -21.13
CA MSE A 116 22.70 17.05 -19.88
C MSE A 116 23.85 16.07 -19.99
O MSE A 116 24.56 15.87 -19.00
CB MSE A 116 21.43 16.32 -19.49
CG MSE A 116 20.45 17.17 -18.71
SE MSE A 116 18.95 16.16 -17.98
CE MSE A 116 19.96 14.97 -16.73
N PHE A 117 24.01 15.43 -21.18
CA PHE A 117 25.07 14.47 -21.47
C PHE A 117 26.45 15.16 -21.40
N LYS A 118 26.57 16.38 -21.99
CA LYS A 118 27.80 17.18 -21.98
C LYS A 118 28.16 17.52 -20.54
N LYS A 119 27.16 17.93 -19.72
CA LYS A 119 27.31 18.25 -18.31
C LYS A 119 27.82 17.03 -17.52
N ARG A 120 27.36 15.81 -17.91
CA ARG A 120 27.72 14.56 -17.24
C ARG A 120 29.14 14.14 -17.50
N ILE A 121 29.65 14.28 -18.74
CA ILE A 121 31.02 13.84 -19.03
C ILE A 121 32.02 14.99 -18.70
N GLU A 122 31.52 16.22 -18.44
CA GLU A 122 32.32 17.35 -17.97
C GLU A 122 32.86 16.99 -16.59
N GLN A 123 31.92 16.53 -15.72
CA GLN A 123 32.10 16.06 -14.35
C GLN A 123 33.23 15.05 -14.20
N ASN A 124 33.36 14.13 -15.15
CA ASN A 124 34.37 13.08 -15.10
C ASN A 124 35.74 13.60 -15.55
N ILE A 125 35.77 14.51 -16.54
CA ILE A 125 37.00 15.13 -17.05
C ILE A 125 37.51 16.14 -16.00
N PHE A 126 36.59 16.83 -15.29
CA PHE A 126 36.96 17.76 -14.23
C PHE A 126 37.37 17.01 -12.96
N TYR A 127 36.89 15.76 -12.76
CA TYR A 127 37.28 14.95 -11.62
C TYR A 127 38.75 14.54 -11.79
N THR A 128 39.11 14.06 -12.98
CA THR A 128 40.47 13.62 -13.30
C THR A 128 41.43 14.79 -13.12
N LYS A 129 41.09 15.96 -13.71
CA LYS A 129 41.87 17.19 -13.67
C LYS A 129 42.00 17.74 -12.24
N SER A 130 40.95 18.38 -11.70
CA SER A 130 40.95 19.06 -10.41
C SER A 130 40.92 18.12 -9.20
N MSE A 131 39.97 17.16 -9.14
CA MSE A 131 39.82 16.30 -7.98
C MSE A 131 40.87 15.18 -7.88
O MSE A 131 40.85 14.43 -6.90
CB MSE A 131 38.40 15.70 -7.91
CG MSE A 131 37.52 16.29 -6.82
SE MSE A 131 38.38 16.37 -5.01
CE MSE A 131 38.81 18.34 -4.96
N LEU A 132 41.83 15.09 -8.82
CA LEU A 132 42.85 14.05 -8.71
C LEU A 132 44.26 14.55 -9.08
N LEU A 133 44.48 14.92 -10.35
CA LEU A 133 45.82 15.31 -10.80
C LEU A 133 46.28 16.64 -10.24
N GLU A 134 45.39 17.65 -10.22
CA GLU A 134 45.74 18.99 -9.75
C GLU A 134 45.37 19.20 -8.26
N ASN A 135 44.87 18.14 -7.58
CA ASN A 135 44.57 18.15 -6.16
C ASN A 135 45.88 17.98 -5.38
N GLU A 136 46.27 18.99 -4.62
CA GLU A 136 47.53 18.99 -3.90
C GLU A 136 47.33 18.66 -2.42
N ASP A 137 46.08 18.30 -2.05
CA ASP A 137 45.69 17.91 -0.68
C ASP A 137 45.66 16.41 -0.51
N VAL A 138 46.19 15.67 -1.51
CA VAL A 138 46.30 14.22 -1.47
C VAL A 138 47.43 13.90 -0.50
N VAL A 139 47.18 12.99 0.43
CA VAL A 139 48.16 12.66 1.45
C VAL A 139 49.09 11.47 1.05
N ASP A 140 50.41 11.76 1.04
CA ASP A 140 51.54 10.85 0.80
C ASP A 140 51.52 10.15 -0.58
N TYR A 141 51.25 10.92 -1.65
CA TYR A 141 51.24 10.48 -3.05
C TYR A 141 52.53 10.89 -3.75
N PHE A 142 52.99 10.07 -4.70
CA PHE A 142 54.17 10.35 -5.49
C PHE A 142 53.73 10.94 -6.79
N ASP A 143 53.96 12.26 -6.98
CA ASP A 143 53.55 12.90 -8.23
C ASP A 143 54.78 13.15 -9.10
N TYR A 144 54.83 12.46 -10.26
CA TYR A 144 55.95 12.57 -11.19
C TYR A 144 55.45 13.04 -12.54
N ASN A 145 56.09 14.09 -13.08
CA ASN A 145 55.70 14.62 -14.38
C ASN A 145 56.93 14.75 -15.28
N TYR A 146 57.12 13.80 -16.19
CA TYR A 146 58.25 13.82 -17.12
C TYR A 146 57.80 14.20 -18.52
N LYS A 147 58.33 15.34 -19.00
CA LYS A 147 58.10 15.86 -20.35
C LYS A 147 56.61 15.81 -20.71
N GLY A 148 55.76 16.33 -19.81
CA GLY A 148 54.32 16.41 -19.99
C GLY A 148 53.51 15.19 -19.61
N ASN A 149 54.17 14.04 -19.35
CA ASN A 149 53.51 12.78 -18.95
C ASN A 149 53.38 12.72 -17.43
N ASP A 150 52.13 12.76 -16.95
CA ASP A 150 51.78 12.77 -15.53
C ASP A 150 51.52 11.38 -14.92
N LEU A 151 52.04 11.17 -13.70
CA LEU A 151 51.91 9.99 -12.83
C LEU A 151 51.62 10.46 -11.41
N LYS A 152 50.61 9.88 -10.75
CA LYS A 152 50.23 10.25 -9.39
C LYS A 152 49.68 9.02 -8.66
N ILE A 153 50.52 8.35 -7.86
CA ILE A 153 50.10 7.15 -7.15
C ILE A 153 50.61 7.22 -5.69
N PRO A 154 49.91 6.60 -4.70
CA PRO A 154 50.40 6.67 -3.31
C PRO A 154 51.78 6.05 -3.17
N TYR A 155 52.64 6.68 -2.36
CA TYR A 155 54.01 6.22 -2.08
C TYR A 155 53.95 4.85 -1.41
N HIS A 156 52.86 4.62 -0.64
CA HIS A 156 52.52 3.39 0.07
C HIS A 156 52.63 2.18 -0.85
N ASP A 157 52.07 2.31 -2.05
CA ASP A 157 51.98 1.27 -3.06
C ASP A 157 53.29 1.04 -3.84
N ILE A 158 54.23 1.99 -3.78
CA ILE A 158 55.50 1.87 -4.50
C ILE A 158 56.51 1.05 -3.72
N LEU A 159 57.01 -0.04 -4.33
CA LEU A 159 58.07 -0.86 -3.77
C LEU A 159 59.38 -0.32 -4.33
N TYR A 160 59.56 -0.46 -5.66
CA TYR A 160 60.73 0.02 -6.39
C TYR A 160 60.38 0.42 -7.84
N ILE A 161 61.33 1.07 -8.49
CA ILE A 161 61.28 1.48 -9.90
C ILE A 161 62.50 0.86 -10.57
N GLU A 162 62.29 0.11 -11.66
CA GLU A 162 63.43 -0.49 -12.35
C GLU A 162 63.55 0.07 -13.76
N THR A 163 64.78 0.12 -14.28
CA THR A 163 65.04 0.64 -15.63
C THR A 163 64.59 -0.41 -16.68
N THR A 164 64.23 0.07 -17.90
CA THR A 164 63.80 -0.80 -19.01
C THR A 164 64.74 -0.64 -20.19
N GLY A 165 64.76 -1.66 -21.04
CA GLY A 165 65.56 -1.72 -22.27
C GLY A 165 65.19 -0.66 -23.29
N VAL A 166 63.93 -0.19 -23.24
CA VAL A 166 63.39 0.89 -24.07
C VAL A 166 63.82 2.27 -23.45
N SER A 167 64.19 3.24 -24.32
CA SER A 167 64.66 4.58 -23.93
C SER A 167 63.57 5.44 -23.27
N HIS A 168 63.99 6.28 -22.29
CA HIS A 168 63.18 7.20 -21.49
C HIS A 168 61.93 6.53 -20.92
N LYS A 169 62.08 5.26 -20.50
CA LYS A 169 61.01 4.45 -19.94
C LYS A 169 61.45 3.70 -18.68
N LEU A 170 60.60 3.76 -17.64
CA LEU A 170 60.84 3.09 -16.36
C LEU A 170 59.64 2.23 -16.00
N ARG A 171 59.76 1.43 -14.95
CA ARG A 171 58.69 0.53 -14.53
C ARG A 171 58.51 0.64 -13.04
N ILE A 172 57.32 1.10 -12.62
CA ILE A 172 56.97 1.21 -11.21
C ILE A 172 56.47 -0.19 -10.78
N ILE A 173 56.83 -0.63 -9.57
CA ILE A 173 56.45 -1.96 -9.10
C ILE A 173 55.90 -1.89 -7.69
N GLY A 174 54.82 -2.63 -7.46
CA GLY A 174 54.16 -2.74 -6.17
C GLY A 174 53.63 -4.14 -5.89
N LYS A 175 52.89 -4.27 -4.78
CA LYS A 175 52.26 -5.54 -4.44
C LYS A 175 51.11 -5.77 -5.41
N ASN A 176 51.16 -6.88 -6.16
CA ASN A 176 50.13 -7.28 -7.12
C ASN A 176 49.88 -6.19 -8.20
N PHE A 177 50.96 -5.53 -8.72
CA PHE A 177 50.89 -4.49 -9.77
C PHE A 177 52.30 -4.05 -10.27
N ALA A 178 52.40 -3.75 -11.57
CA ALA A 178 53.59 -3.26 -12.26
C ALA A 178 53.17 -2.47 -13.49
N LYS A 179 53.77 -1.28 -13.69
CA LYS A 179 53.36 -0.38 -14.76
C LYS A 179 54.54 0.42 -15.32
N GLU A 180 54.67 0.47 -16.67
CA GLU A 180 55.74 1.21 -17.35
C GLU A 180 55.36 2.67 -17.54
N PHE A 181 56.34 3.58 -17.44
CA PHE A 181 56.06 5.01 -17.59
C PHE A 181 57.28 5.76 -18.15
N TYR A 182 57.02 6.94 -18.71
CA TYR A 182 58.07 7.80 -19.22
C TYR A 182 58.75 8.53 -18.06
N GLY A 183 60.06 8.36 -17.99
CA GLY A 183 60.89 8.96 -16.96
C GLY A 183 62.32 8.51 -17.07
N THR A 184 63.19 9.17 -16.28
CA THR A 184 64.61 8.83 -16.17
C THR A 184 64.95 8.79 -14.69
N MSE A 185 65.59 7.70 -14.26
CA MSE A 185 65.99 7.46 -12.87
C MSE A 185 66.75 8.66 -12.29
O MSE A 185 66.52 9.03 -11.14
CB MSE A 185 66.85 6.18 -12.79
CG MSE A 185 66.56 5.31 -11.59
SE MSE A 185 67.84 3.82 -11.42
CE MSE A 185 69.53 4.82 -10.93
N THR A 186 67.59 9.30 -13.11
CA THR A 186 68.39 10.49 -12.77
C THR A 186 67.49 11.71 -12.48
N ASP A 187 66.35 11.83 -13.20
CA ASP A 187 65.39 12.92 -13.04
C ASP A 187 64.55 12.74 -11.76
N ILE A 188 64.18 11.50 -11.45
CA ILE A 188 63.42 11.12 -10.25
C ILE A 188 64.29 11.45 -9.02
N GLN A 189 65.60 11.11 -9.10
CA GLN A 189 66.61 11.34 -8.08
C GLN A 189 66.86 12.84 -7.86
N GLU A 190 66.87 13.63 -8.96
CA GLU A 190 67.02 15.09 -8.88
C GLU A 190 65.84 15.71 -8.16
N LYS A 191 64.63 15.16 -8.42
CA LYS A 191 63.37 15.63 -7.85
C LYS A 191 63.17 15.17 -6.39
N ASP A 192 63.97 14.20 -5.93
CA ASP A 192 63.92 13.64 -4.58
C ASP A 192 65.02 14.19 -3.65
N LYS A 193 66.05 14.90 -4.18
CA LYS A 193 67.21 15.42 -3.42
C LYS A 193 66.86 16.03 -2.05
N HIS A 194 65.64 16.58 -1.88
CA HIS A 194 65.20 17.17 -0.62
C HIS A 194 64.19 16.28 0.12
N THR A 195 63.25 15.65 -0.62
CA THR A 195 62.22 14.77 -0.05
C THR A 195 62.85 13.49 0.53
N GLN A 196 63.83 12.93 -0.21
CA GLN A 196 64.68 11.78 0.08
C GLN A 196 63.84 10.57 0.52
N ARG A 197 62.96 10.11 -0.39
CA ARG A 197 62.06 8.97 -0.18
C ARG A 197 62.62 7.71 -0.86
N PHE A 198 63.36 7.92 -1.95
CA PHE A 198 63.97 6.88 -2.76
C PHE A 198 65.46 6.66 -2.44
N TYR A 199 65.98 5.48 -2.81
CA TYR A 199 67.39 5.10 -2.68
C TYR A 199 67.80 4.22 -3.87
N SER A 200 69.07 4.26 -4.30
CA SER A 200 69.51 3.42 -5.40
C SER A 200 70.49 2.32 -4.90
N PRO A 201 69.99 1.12 -4.54
CA PRO A 201 70.91 0.06 -4.07
C PRO A 201 71.67 -0.62 -5.21
N HIS A 202 71.10 -0.52 -6.42
CA HIS A 202 71.59 -1.09 -7.66
C HIS A 202 71.59 -0.03 -8.76
N LYS A 203 72.37 -0.25 -9.83
CA LYS A 203 72.49 0.65 -10.96
C LYS A 203 71.19 0.74 -11.75
N SER A 204 70.36 -0.33 -11.69
CA SER A 204 69.10 -0.40 -12.42
C SER A 204 67.86 -0.33 -11.46
N PHE A 205 68.06 0.15 -10.23
CA PHE A 205 66.99 0.17 -9.24
C PHE A 205 66.89 1.46 -8.45
N LEU A 206 65.67 1.76 -8.01
CA LEU A 206 65.34 2.88 -7.15
C LEU A 206 64.26 2.41 -6.21
N VAL A 207 64.63 2.20 -4.95
CA VAL A 207 63.76 1.66 -3.91
C VAL A 207 63.10 2.75 -3.05
N ASN A 208 61.86 2.49 -2.63
CA ASN A 208 61.12 3.34 -1.71
C ASN A 208 61.54 2.92 -0.29
N ILE A 209 62.40 3.75 0.37
CA ILE A 209 62.97 3.58 1.73
C ILE A 209 61.90 3.09 2.73
N GLY A 210 60.72 3.72 2.67
CA GLY A 210 59.60 3.45 3.54
C GLY A 210 59.08 2.03 3.56
N ASN A 211 59.25 1.31 2.44
CA ASN A 211 58.77 -0.06 2.33
C ASN A 211 59.88 -1.10 2.56
N ILE A 212 61.11 -0.65 2.92
CA ILE A 212 62.20 -1.56 3.26
C ILE A 212 61.92 -2.01 4.69
N ARG A 213 62.02 -3.31 4.94
CA ARG A 213 61.79 -3.89 6.25
C ARG A 213 63.09 -4.43 6.81
N GLU A 214 63.92 -4.98 5.92
CA GLU A 214 65.18 -5.66 6.27
C GLU A 214 66.20 -5.57 5.15
N ILE A 215 67.48 -5.78 5.49
CA ILE A 215 68.56 -5.86 4.52
C ILE A 215 69.24 -7.22 4.73
N ASP A 216 69.10 -8.11 3.74
CA ASP A 216 69.71 -9.43 3.77
C ASP A 216 71.16 -9.26 3.34
N ARG A 217 72.06 -9.05 4.32
CA ARG A 217 73.48 -8.82 4.11
C ARG A 217 74.14 -10.03 3.45
N LYS A 218 73.68 -11.27 3.76
CA LYS A 218 74.27 -12.48 3.19
C LYS A 218 73.89 -12.65 1.71
N ASN A 219 72.60 -12.55 1.38
CA ASN A 219 72.11 -12.74 0.03
C ASN A 219 72.17 -11.45 -0.80
N LEU A 220 72.74 -10.35 -0.23
CA LEU A 220 72.89 -9.03 -0.84
C LEU A 220 71.54 -8.46 -1.36
N GLU A 221 70.42 -8.83 -0.70
CA GLU A 221 69.08 -8.42 -1.11
C GLU A 221 68.41 -7.51 -0.10
N ILE A 222 67.50 -6.65 -0.61
CA ILE A 222 66.66 -5.76 0.19
C ILE A 222 65.32 -6.46 0.43
N VAL A 223 64.93 -6.65 1.69
CA VAL A 223 63.66 -7.28 2.02
C VAL A 223 62.60 -6.21 2.27
N PHE A 224 61.52 -6.28 1.51
CA PHE A 224 60.40 -5.36 1.67
C PHE A 224 59.34 -6.00 2.53
N TYR A 225 58.37 -5.19 2.99
CA TYR A 225 57.24 -5.71 3.76
C TYR A 225 56.51 -6.71 2.86
N GLU A 226 56.06 -7.83 3.44
CA GLU A 226 55.38 -8.91 2.73
C GLU A 226 56.40 -9.75 1.93
N ASP A 227 57.66 -9.77 2.43
CA ASP A 227 58.80 -10.56 1.95
C ASP A 227 59.05 -10.44 0.45
N HIS A 228 59.19 -9.21 -0.05
CA HIS A 228 59.50 -8.99 -1.44
C HIS A 228 61.01 -8.77 -1.55
N ARG A 229 61.81 -9.77 -1.10
CA ARG A 229 63.30 -9.75 -1.18
C ARG A 229 63.62 -9.57 -2.63
N CYS A 230 63.63 -8.32 -3.11
CA CYS A 230 63.79 -8.22 -4.54
C CYS A 230 64.99 -7.38 -4.92
N PRO A 231 65.06 -6.05 -4.72
CA PRO A 231 66.28 -5.33 -5.11
C PRO A 231 67.51 -5.93 -4.47
N ILE A 232 68.51 -5.84 -5.28
CA ILE A 232 69.83 -6.31 -5.13
C ILE A 232 70.65 -5.13 -4.65
N SER A 233 71.19 -5.23 -3.44
CA SER A 233 72.00 -4.15 -2.92
C SER A 233 73.46 -4.55 -3.11
N ARG A 234 74.30 -3.68 -3.69
CA ARG A 234 75.74 -3.90 -3.84
C ARG A 234 76.33 -3.69 -2.45
N LEU A 235 77.24 -4.57 -1.96
CA LEU A 235 77.74 -4.46 -0.57
C LEU A 235 78.32 -3.06 -0.25
N LYS A 236 78.93 -2.40 -1.23
CA LYS A 236 79.46 -1.04 -1.04
C LYS A 236 78.30 -0.04 -0.79
N ILE A 237 77.15 -0.25 -1.46
CA ILE A 237 75.95 0.60 -1.39
C ILE A 237 75.10 0.27 -0.12
N ARG A 238 75.44 -0.79 0.62
CA ARG A 238 74.71 -1.22 1.83
C ARG A 238 74.91 -0.31 3.06
N LYS A 239 76.18 0.03 3.37
CA LYS A 239 76.60 0.83 4.53
C LYS A 239 75.89 2.19 4.63
N LEU A 240 75.69 2.87 3.48
CA LEU A 240 75.03 4.19 3.38
C LEU A 240 73.54 4.15 3.70
N LYS A 241 72.88 3.02 3.41
CA LYS A 241 71.44 2.85 3.62
C LYS A 241 71.12 2.34 5.00
N ASP A 242 71.98 1.49 5.58
CA ASP A 242 71.69 0.96 6.91
C ASP A 242 71.74 2.08 7.93
N ILE A 243 72.73 2.99 7.79
CA ILE A 243 72.87 4.16 8.66
C ILE A 243 71.64 5.07 8.44
N LEU A 244 71.16 5.15 7.19
CA LEU A 244 69.99 5.93 6.78
C LEU A 244 68.67 5.29 7.30
N GLU A 245 68.55 3.95 7.21
CA GLU A 245 67.37 3.17 7.61
C GLU A 245 67.18 3.17 9.13
N LYS A 246 68.24 2.94 9.92
CA LYS A 246 68.11 2.92 11.38
C LYS A 246 67.90 4.33 11.97
N LYS A 247 68.55 5.37 11.40
CA LYS A 247 68.44 6.76 11.88
C LYS A 247 67.03 7.31 11.71
N SER A 248 66.36 6.96 10.61
CA SER A 248 65.03 7.44 10.35
C SER A 248 63.98 6.63 11.14
N GLN A 249 64.02 5.29 11.04
CA GLN A 249 63.04 4.43 11.70
C GLN A 249 63.49 4.03 13.14
N LYS A 250 63.74 5.04 13.99
CA LYS A 250 64.09 4.92 15.41
C LYS A 250 63.25 5.93 16.24
N HIS A 251 62.52 6.82 15.53
CA HIS A 251 61.65 7.85 16.12
C HIS A 251 60.35 7.95 15.32
N MSE B 1 45.13 -5.05 9.25
CA MSE B 1 44.55 -3.89 8.57
C MSE B 1 43.61 -3.12 9.49
O MSE B 1 42.96 -3.70 10.35
CB MSE B 1 43.81 -4.29 7.26
CG MSE B 1 42.61 -5.21 7.46
SE MSE B 1 41.60 -5.44 5.80
CE MSE B 1 42.85 -6.57 4.85
N LYS B 2 43.58 -1.78 9.32
CA LYS B 2 42.74 -0.87 10.09
C LYS B 2 41.51 -0.54 9.28
N VAL B 3 40.33 -0.67 9.89
CA VAL B 3 39.05 -0.40 9.23
C VAL B 3 38.21 0.61 10.06
N LEU B 4 37.66 1.63 9.37
CA LEU B 4 36.83 2.68 9.97
C LEU B 4 35.36 2.45 9.61
N ILE B 5 34.46 2.52 10.60
CA ILE B 5 33.02 2.31 10.40
C ILE B 5 32.21 3.52 10.88
N LEU B 6 31.29 3.99 10.03
CA LEU B 6 30.38 5.07 10.38
C LEU B 6 28.95 4.49 10.38
N GLU B 7 28.43 4.20 11.58
CA GLU B 7 27.09 3.64 11.78
C GLU B 7 26.47 4.21 13.05
N ASP B 8 25.23 4.71 12.91
CA ASP B 8 24.48 5.31 14.02
C ASP B 8 23.65 4.26 14.79
N VAL B 9 23.03 3.29 14.08
CA VAL B 9 22.22 2.24 14.74
C VAL B 9 23.15 1.15 15.31
N ILE B 10 23.09 0.97 16.66
CA ILE B 10 23.90 0.02 17.42
C ILE B 10 23.63 -1.43 16.97
N GLU B 11 22.35 -1.75 16.69
CA GLU B 11 21.87 -3.05 16.22
C GLU B 11 22.66 -3.53 14.99
N HIS B 12 22.95 -2.61 14.04
CA HIS B 12 23.68 -2.88 12.81
C HIS B 12 25.17 -2.57 12.93
N GLN B 13 25.54 -1.88 14.02
CA GLN B 13 26.92 -1.54 14.35
C GLN B 13 27.62 -2.78 14.90
N VAL B 14 26.97 -3.48 15.83
CA VAL B 14 27.52 -4.68 16.46
C VAL B 14 27.47 -5.88 15.48
N ARG B 15 26.53 -5.88 14.50
CA ARG B 15 26.39 -6.95 13.52
C ARG B 15 27.66 -7.07 12.68
N LEU B 16 28.16 -5.94 12.18
CA LEU B 16 29.35 -5.85 11.35
C LEU B 16 30.61 -6.14 12.16
N GLU B 17 30.76 -5.52 13.34
CA GLU B 17 31.90 -5.70 14.26
C GLU B 17 32.13 -7.18 14.55
N ARG B 18 31.04 -7.92 14.85
CA ARG B 18 31.03 -9.36 15.11
C ARG B 18 31.49 -10.14 13.87
N ILE B 19 30.97 -9.77 12.67
CA ILE B 19 31.31 -10.41 11.39
C ILE B 19 32.78 -10.15 11.02
N LEU B 20 33.31 -8.94 11.29
CA LEU B 20 34.73 -8.62 11.02
C LEU B 20 35.62 -9.49 11.92
N ASP B 21 35.20 -9.69 13.19
CA ASP B 21 35.90 -10.52 14.16
C ASP B 21 35.88 -11.98 13.73
N GLU B 22 34.76 -12.43 13.15
CA GLU B 22 34.57 -13.81 12.67
C GLU B 22 35.51 -14.11 11.50
N ILE B 23 35.50 -13.24 10.46
CA ILE B 23 36.32 -13.41 9.26
C ILE B 23 37.82 -13.22 9.59
N SER B 24 38.14 -12.43 10.64
CA SER B 24 39.51 -12.18 11.08
C SER B 24 40.17 -13.48 11.53
N LYS B 25 39.49 -14.26 12.38
CA LYS B 25 39.98 -15.53 12.93
C LYS B 25 39.92 -16.65 11.89
N GLU B 26 38.90 -16.64 11.02
CA GLU B 26 38.69 -17.66 9.99
C GLU B 26 39.71 -17.57 8.86
N SER B 27 40.10 -16.35 8.48
CA SER B 27 41.01 -16.15 7.35
C SER B 27 42.37 -15.55 7.77
N ASN B 28 42.73 -15.66 9.07
CA ASN B 28 43.97 -15.22 9.75
C ASN B 28 44.42 -13.78 9.38
N ILE B 29 43.47 -12.88 9.10
CA ILE B 29 43.76 -11.48 8.76
C ILE B 29 43.61 -10.64 10.03
N PRO B 30 44.61 -9.83 10.42
CA PRO B 30 44.42 -8.98 11.62
C PRO B 30 43.53 -7.79 11.26
N ILE B 31 42.35 -7.71 11.90
CA ILE B 31 41.40 -6.65 11.63
C ILE B 31 41.05 -5.93 12.94
N SER B 32 41.38 -4.63 13.01
CA SER B 32 41.06 -3.76 14.13
C SER B 32 40.11 -2.70 13.62
N TYR B 33 38.93 -2.60 14.22
CA TYR B 33 37.90 -1.66 13.78
C TYR B 33 37.70 -0.50 14.76
N LYS B 34 37.12 0.60 14.23
CA LYS B 34 36.78 1.84 14.90
C LYS B 34 35.40 2.25 14.39
N THR B 35 34.37 2.29 15.27
CA THR B 35 33.01 2.62 14.84
C THR B 35 32.48 3.88 15.54
N THR B 36 31.77 4.76 14.80
CA THR B 36 31.17 6.00 15.35
C THR B 36 29.89 6.40 14.62
N GLY B 37 28.96 6.93 15.38
CA GLY B 37 27.67 7.40 14.87
C GLY B 37 27.70 8.89 14.53
N LYS B 38 28.58 9.66 15.20
CA LYS B 38 28.72 11.09 15.00
C LYS B 38 29.79 11.37 13.95
N VAL B 39 29.43 12.21 12.97
CA VAL B 39 30.25 12.60 11.82
C VAL B 39 31.45 13.44 12.28
N ARG B 40 31.26 14.35 13.26
CA ARG B 40 32.33 15.20 13.80
C ARG B 40 33.51 14.36 14.29
N GLU B 41 33.20 13.19 14.90
CA GLU B 41 34.17 12.23 15.41
C GLU B 41 34.81 11.47 14.27
N PHE B 42 34.04 11.12 13.25
CA PHE B 42 34.52 10.37 12.09
C PHE B 42 35.47 11.20 11.23
N GLU B 43 35.16 12.49 11.02
CA GLU B 43 35.99 13.43 10.25
C GLU B 43 37.34 13.60 10.93
N GLU B 44 37.36 13.54 12.27
CA GLU B 44 38.57 13.62 13.10
C GLU B 44 39.45 12.40 12.79
N TYR B 45 38.85 11.21 12.69
CA TYR B 45 39.54 9.96 12.39
C TYR B 45 40.16 9.97 10.98
N ILE B 46 39.59 10.79 10.07
CA ILE B 46 40.04 10.92 8.69
C ILE B 46 41.13 11.99 8.60
N GLU B 47 40.91 13.15 9.26
CA GLU B 47 41.84 14.28 9.21
C GLU B 47 43.07 14.06 10.11
N ASN B 48 42.95 14.27 11.43
CA ASN B 48 44.06 14.14 12.38
C ASN B 48 44.56 12.68 12.44
N ASP B 49 43.68 11.73 12.85
CA ASP B 49 44.01 10.30 12.94
C ASP B 49 44.52 9.84 11.57
N GLU B 50 45.65 9.12 11.60
CA GLU B 50 46.37 8.69 10.41
C GLU B 50 46.15 7.21 10.06
N VAL B 51 46.22 6.95 8.72
CA VAL B 51 46.15 5.72 7.92
C VAL B 51 45.14 4.64 8.38
N ASN B 52 44.09 4.47 7.56
CA ASN B 52 43.04 3.45 7.66
C ASN B 52 42.88 2.85 6.27
N GLN B 53 42.79 1.52 6.18
CA GLN B 53 42.78 0.81 4.90
C GLN B 53 41.39 0.62 4.29
N LEU B 54 40.36 0.43 5.12
CA LEU B 54 39.00 0.20 4.62
C LEU B 54 38.01 1.14 5.31
N TYR B 55 36.95 1.55 4.59
CA TYR B 55 35.94 2.46 5.09
C TYR B 55 34.53 1.93 4.84
N PHE B 56 33.86 1.49 5.90
CA PHE B 56 32.49 1.01 5.85
C PHE B 56 31.58 2.16 6.26
N LEU B 57 30.68 2.57 5.36
CA LEU B 57 29.84 3.74 5.63
C LEU B 57 28.35 3.49 5.45
N ALA B 58 27.56 4.15 6.31
CA ALA B 58 26.11 4.20 6.21
C ALA B 58 25.79 5.37 5.26
N ILE B 59 24.51 5.75 5.08
CA ILE B 59 24.17 6.87 4.20
C ILE B 59 23.23 7.82 4.98
N ASP B 60 22.17 7.27 5.60
CA ASP B 60 21.26 8.04 6.42
C ASP B 60 21.82 8.05 7.83
N ILE B 61 22.46 9.17 8.23
CA ILE B 61 23.09 9.30 9.54
C ILE B 61 22.38 10.43 10.31
N HIS B 62 21.68 10.02 11.39
CA HIS B 62 20.93 10.87 12.31
C HIS B 62 19.94 11.79 11.56
N GLY B 63 19.01 11.16 10.84
CA GLY B 63 17.98 11.84 10.07
C GLY B 63 18.44 12.46 8.76
N ILE B 64 19.76 12.71 8.62
CA ILE B 64 20.33 13.31 7.42
C ILE B 64 20.52 12.23 6.37
N GLU B 65 19.63 12.23 5.36
CA GLU B 65 19.70 11.31 4.21
C GLU B 65 20.91 11.66 3.37
N LYS B 66 21.53 10.67 2.69
CA LYS B 66 22.68 10.86 1.79
C LYS B 66 23.91 11.55 2.47
N LYS B 67 23.95 11.52 3.83
CA LYS B 67 25.04 12.08 4.64
C LYS B 67 26.32 11.26 4.44
N GLY B 68 26.18 9.95 4.32
CA GLY B 68 27.27 9.01 4.11
C GLY B 68 28.07 9.28 2.85
N PHE B 69 27.38 9.79 1.82
CA PHE B 69 27.98 10.17 0.54
C PHE B 69 28.85 11.41 0.72
N GLU B 70 28.33 12.39 1.50
CA GLU B 70 28.97 13.66 1.83
C GLU B 70 30.29 13.44 2.60
N VAL B 71 30.35 12.43 3.48
CA VAL B 71 31.57 12.12 4.22
C VAL B 71 32.50 11.34 3.27
N ALA B 72 31.97 10.35 2.51
CA ALA B 72 32.76 9.58 1.53
C ALA B 72 33.42 10.49 0.46
N GLN B 73 32.86 11.72 0.28
CA GLN B 73 33.39 12.75 -0.62
C GLN B 73 34.67 13.35 -0.01
N LEU B 74 34.68 13.51 1.32
CA LEU B 74 35.83 14.03 2.05
C LEU B 74 36.94 12.98 2.11
N ILE B 75 36.55 11.71 2.34
CA ILE B 75 37.52 10.61 2.42
C ILE B 75 38.30 10.54 1.12
N ARG B 76 37.57 10.67 -0.02
CA ARG B 76 38.14 10.61 -1.35
C ARG B 76 39.01 11.84 -1.62
N HIS B 77 38.64 13.03 -1.07
CA HIS B 77 39.39 14.26 -1.29
C HIS B 77 40.87 14.11 -0.85
N TYR B 78 41.09 13.52 0.32
CA TYR B 78 42.42 13.34 0.86
C TYR B 78 43.12 12.11 0.25
N ASN B 79 42.34 11.14 -0.26
CA ASN B 79 42.87 9.93 -0.90
C ASN B 79 41.97 9.47 -2.07
N PRO B 80 42.30 9.89 -3.33
CA PRO B 80 41.45 9.49 -4.48
C PRO B 80 41.41 7.99 -4.75
N TYR B 81 42.27 7.20 -4.11
CA TYR B 81 42.26 5.77 -4.35
C TYR B 81 41.90 4.97 -3.07
N ALA B 82 41.25 5.63 -2.09
CA ALA B 82 40.80 5.03 -0.83
C ALA B 82 39.74 3.97 -1.08
N ILE B 83 39.69 2.88 -0.30
CA ILE B 83 38.67 1.85 -0.54
C ILE B 83 37.42 2.21 0.27
N ILE B 84 36.34 2.59 -0.45
CA ILE B 84 35.06 2.99 0.18
C ILE B 84 34.00 1.90 -0.09
N VAL B 85 33.37 1.40 0.96
CA VAL B 85 32.31 0.38 0.84
C VAL B 85 31.10 0.87 1.63
N PHE B 86 29.93 0.93 0.98
CA PHE B 86 28.71 1.36 1.61
C PHE B 86 27.88 0.19 2.10
N ILE B 87 27.32 0.34 3.30
CA ILE B 87 26.44 -0.63 3.94
C ILE B 87 25.19 0.16 4.35
N THR B 88 24.03 -0.14 3.72
CA THR B 88 22.81 0.60 4.03
C THR B 88 21.54 -0.24 3.85
N SER B 89 20.47 0.20 4.54
CA SER B 89 19.13 -0.38 4.47
C SER B 89 18.36 0.21 3.30
N ARG B 90 18.83 1.38 2.81
CA ARG B 90 18.25 2.14 1.72
C ARG B 90 18.85 1.70 0.38
N SER B 91 18.30 0.60 -0.16
CA SER B 91 18.72 -0.07 -1.40
C SER B 91 18.64 0.84 -2.64
N GLU B 92 17.64 1.75 -2.67
CA GLU B 92 17.39 2.66 -3.79
C GLU B 92 18.56 3.61 -4.10
N PHE B 93 19.46 3.84 -3.13
CA PHE B 93 20.60 4.75 -3.29
C PHE B 93 21.77 4.14 -4.08
N ALA B 94 21.64 2.88 -4.53
CA ALA B 94 22.68 2.17 -5.30
C ALA B 94 23.02 2.89 -6.60
N THR B 95 22.00 3.37 -7.32
CA THR B 95 22.19 4.07 -8.60
C THR B 95 22.64 5.54 -8.38
N LEU B 96 22.51 6.05 -7.14
CA LEU B 96 22.79 7.45 -6.78
C LEU B 96 24.22 7.73 -6.30
N THR B 97 25.02 6.67 -6.05
CA THR B 97 26.42 6.83 -5.58
C THR B 97 27.28 7.56 -6.62
N TYR B 98 26.92 7.43 -7.91
CA TYR B 98 27.66 8.01 -9.03
C TYR B 98 27.56 9.52 -9.06
N LYS B 99 26.39 10.08 -8.65
CA LYS B 99 26.16 11.53 -8.62
C LYS B 99 27.13 12.24 -7.68
N TYR B 100 27.59 11.53 -6.63
CA TYR B 100 28.50 12.03 -5.61
C TYR B 100 29.98 11.87 -5.95
N GLN B 101 30.29 11.34 -7.17
CA GLN B 101 31.66 11.14 -7.71
C GLN B 101 32.51 10.27 -6.75
N VAL B 102 31.84 9.60 -5.80
CA VAL B 102 32.47 8.68 -4.84
C VAL B 102 32.71 7.38 -5.59
N SER B 103 33.98 7.01 -5.79
CA SER B 103 34.23 5.78 -6.53
C SER B 103 34.23 4.60 -5.55
N ALA B 104 33.02 4.19 -5.14
CA ALA B 104 32.80 3.11 -4.19
C ALA B 104 33.09 1.76 -4.81
N LEU B 105 33.69 0.85 -4.01
CA LEU B 105 34.01 -0.50 -4.45
C LEU B 105 32.76 -1.38 -4.42
N ASP B 106 31.93 -1.23 -3.37
CA ASP B 106 30.72 -2.03 -3.20
C ASP B 106 29.65 -1.32 -2.37
N PHE B 107 28.39 -1.69 -2.63
CA PHE B 107 27.18 -1.20 -1.98
C PHE B 107 26.44 -2.41 -1.40
N VAL B 108 26.57 -2.64 -0.09
CA VAL B 108 25.96 -3.79 0.59
C VAL B 108 24.60 -3.40 1.19
N ASP B 109 23.57 -4.19 0.85
CA ASP B 109 22.22 -3.96 1.37
C ASP B 109 22.08 -4.69 2.71
N LYS B 110 21.69 -3.96 3.74
CA LYS B 110 21.53 -4.48 5.10
C LYS B 110 20.49 -5.59 5.21
N ASP B 111 19.39 -5.47 4.43
CA ASP B 111 18.22 -6.35 4.45
C ASP B 111 18.48 -7.83 4.02
N ILE B 112 19.68 -8.17 3.51
CA ILE B 112 19.99 -9.56 3.13
C ILE B 112 20.41 -10.36 4.38
N ASN B 113 20.31 -11.71 4.31
CA ASN B 113 20.67 -12.64 5.38
C ASN B 113 22.17 -12.54 5.74
N ASP B 114 22.53 -12.95 6.98
CA ASP B 114 23.90 -12.93 7.48
C ASP B 114 24.83 -13.82 6.64
N GLU B 115 24.30 -14.94 6.10
CA GLU B 115 24.99 -15.91 5.25
C GLU B 115 25.67 -15.17 4.10
N MSE B 116 24.91 -14.37 3.33
CA MSE B 116 25.43 -13.62 2.19
C MSE B 116 26.08 -12.30 2.62
O MSE B 116 26.94 -11.81 1.89
CB MSE B 116 24.32 -13.34 1.16
CG MSE B 116 23.96 -14.57 0.36
SE MSE B 116 22.15 -14.48 -0.34
CE MSE B 116 21.60 -16.35 -0.04
N PHE B 117 25.69 -11.75 3.79
CA PHE B 117 26.26 -10.51 4.32
C PHE B 117 27.73 -10.73 4.69
N LYS B 118 28.03 -11.86 5.37
CA LYS B 118 29.39 -12.25 5.76
C LYS B 118 30.24 -12.48 4.49
N LYS B 119 29.66 -13.15 3.47
CA LYS B 119 30.33 -13.40 2.20
C LYS B 119 30.67 -12.08 1.49
N ARG B 120 29.73 -11.10 1.48
CA ARG B 120 29.95 -9.81 0.83
C ARG B 120 30.97 -8.96 1.59
N ILE B 121 31.11 -9.20 2.91
CA ILE B 121 32.08 -8.50 3.75
C ILE B 121 33.46 -9.10 3.44
N GLU B 122 33.54 -10.46 3.38
CA GLU B 122 34.75 -11.23 3.06
C GLU B 122 35.41 -10.71 1.80
N GLN B 123 34.64 -10.64 0.69
CA GLN B 123 35.06 -10.16 -0.62
C GLN B 123 35.77 -8.82 -0.55
N ASN B 124 35.24 -7.89 0.27
CA ASN B 124 35.77 -6.54 0.45
C ASN B 124 37.06 -6.54 1.25
N ILE B 125 37.14 -7.33 2.34
CA ILE B 125 38.37 -7.43 3.14
C ILE B 125 39.45 -8.08 2.27
N PHE B 126 39.11 -9.18 1.58
CA PHE B 126 39.99 -9.91 0.66
C PHE B 126 40.48 -9.03 -0.48
N TYR B 127 39.66 -8.07 -0.94
CA TYR B 127 40.06 -7.12 -1.97
C TYR B 127 41.17 -6.25 -1.40
N THR B 128 40.87 -5.59 -0.26
CA THR B 128 41.77 -4.71 0.48
C THR B 128 43.08 -5.44 0.80
N LYS B 129 42.99 -6.73 1.20
CA LYS B 129 44.14 -7.57 1.50
C LYS B 129 45.05 -7.69 0.28
N SER B 130 44.48 -8.02 -0.91
CA SER B 130 45.21 -8.19 -2.17
C SER B 130 45.78 -6.88 -2.72
N MSE B 131 45.33 -5.74 -2.20
CA MSE B 131 45.75 -4.42 -2.66
C MSE B 131 46.82 -3.79 -1.79
O MSE B 131 47.91 -3.50 -2.29
CB MSE B 131 44.54 -3.46 -2.72
CG MSE B 131 43.39 -3.99 -3.55
SE MSE B 131 43.77 -4.02 -5.46
CE MSE B 131 43.19 -2.15 -5.80
N LEU B 132 46.52 -3.57 -0.51
CA LEU B 132 47.41 -2.89 0.41
C LEU B 132 48.56 -3.77 0.89
N LEU B 133 49.77 -3.17 0.87
CA LEU B 133 51.01 -3.77 1.34
C LEU B 133 51.04 -3.63 2.87
N GLU B 134 51.28 -4.75 3.59
CA GLU B 134 51.33 -4.80 5.05
C GLU B 134 52.57 -4.11 5.61
N ASN B 135 52.60 -2.77 5.61
CA ASN B 135 53.74 -2.04 6.16
C ASN B 135 53.40 -1.54 7.58
N GLU B 136 54.28 -0.70 8.17
CA GLU B 136 54.11 -0.14 9.51
C GLU B 136 52.81 0.65 9.67
N ASP B 137 52.22 1.07 8.53
CA ASP B 137 50.97 1.83 8.46
C ASP B 137 49.76 0.92 8.48
N VAL B 138 49.93 -0.41 8.35
CA VAL B 138 48.76 -1.30 8.38
C VAL B 138 48.86 -2.30 9.56
N VAL B 139 50.09 -2.67 9.99
CA VAL B 139 50.32 -3.63 11.09
C VAL B 139 51.52 -3.23 11.95
N ASP B 140 51.37 -3.35 13.28
CA ASP B 140 52.41 -3.02 14.27
C ASP B 140 53.50 -4.11 14.29
N TYR B 141 54.72 -3.71 13.88
CA TYR B 141 55.93 -4.52 13.76
C TYR B 141 56.82 -4.42 14.97
N PHE B 142 57.47 -5.54 15.33
CA PHE B 142 58.44 -5.60 16.42
C PHE B 142 59.81 -5.38 15.81
N ASP B 143 60.27 -4.13 15.83
CA ASP B 143 61.55 -3.71 15.29
C ASP B 143 62.60 -3.94 16.36
N TYR B 144 63.51 -4.88 16.14
CA TYR B 144 64.52 -5.18 17.16
C TYR B 144 65.90 -5.34 16.56
N ASN B 145 66.90 -4.75 17.23
CA ASN B 145 68.31 -4.81 16.86
C ASN B 145 69.13 -5.25 18.06
N TYR B 146 70.13 -6.12 17.84
CA TYR B 146 71.01 -6.59 18.89
C TYR B 146 72.38 -6.92 18.34
N LYS B 147 73.36 -6.02 18.59
CA LYS B 147 74.78 -6.15 18.20
C LYS B 147 74.96 -6.47 16.70
N GLY B 148 74.22 -5.75 15.85
CA GLY B 148 74.30 -5.92 14.40
C GLY B 148 73.30 -6.88 13.79
N ASN B 149 72.63 -7.66 14.63
CA ASN B 149 71.61 -8.62 14.21
C ASN B 149 70.26 -7.95 14.37
N ASP B 150 69.45 -7.95 13.31
CA ASP B 150 68.14 -7.31 13.38
C ASP B 150 67.00 -8.22 12.92
N LEU B 151 65.86 -8.10 13.62
CA LEU B 151 64.61 -8.83 13.39
C LEU B 151 63.44 -7.82 13.35
N LYS B 152 62.58 -7.92 12.33
CA LYS B 152 61.43 -7.02 12.23
C LYS B 152 60.21 -7.79 11.74
N ILE B 153 59.45 -8.39 12.67
CA ILE B 153 58.25 -9.13 12.29
C ILE B 153 57.02 -8.57 13.05
N PRO B 154 55.78 -8.68 12.51
CA PRO B 154 54.63 -8.12 13.24
C PRO B 154 54.40 -8.81 14.57
N TYR B 155 53.95 -8.03 15.56
CA TYR B 155 53.67 -8.55 16.91
C TYR B 155 52.59 -9.63 16.88
N HIS B 156 51.55 -9.50 16.00
CA HIS B 156 50.47 -10.48 15.92
C HIS B 156 50.98 -11.87 15.56
N ASP B 157 52.13 -11.94 14.87
CA ASP B 157 52.78 -13.20 14.50
C ASP B 157 53.47 -13.83 15.70
N ILE B 158 53.92 -12.99 16.67
CA ILE B 158 54.59 -13.46 17.88
C ILE B 158 53.54 -13.97 18.86
N LEU B 159 53.75 -15.17 19.42
CA LEU B 159 52.91 -15.72 20.48
C LEU B 159 53.67 -15.57 21.77
N TYR B 160 54.90 -16.10 21.77
CA TYR B 160 55.84 -16.06 22.88
C TYR B 160 57.27 -16.24 22.39
N ILE B 161 58.22 -15.71 23.16
CA ILE B 161 59.64 -15.79 22.88
C ILE B 161 60.23 -16.76 23.90
N GLU B 162 60.67 -17.89 23.38
CA GLU B 162 61.28 -18.99 24.10
C GLU B 162 62.80 -18.94 23.84
N THR B 163 63.60 -19.51 24.76
CA THR B 163 65.06 -19.58 24.66
C THR B 163 65.50 -20.67 23.67
N THR B 164 66.81 -20.80 23.45
CA THR B 164 67.37 -21.84 22.59
C THR B 164 68.68 -22.36 23.23
N GLY B 165 69.18 -23.48 22.73
CA GLY B 165 70.39 -24.12 23.25
C GLY B 165 71.70 -23.34 23.10
N VAL B 166 71.62 -22.10 22.58
CA VAL B 166 72.78 -21.22 22.35
C VAL B 166 72.52 -19.86 22.99
N SER B 167 73.56 -19.32 23.66
CA SER B 167 73.52 -18.01 24.33
C SER B 167 73.38 -16.86 23.34
N HIS B 168 72.62 -15.83 23.74
CA HIS B 168 72.33 -14.61 22.99
C HIS B 168 71.63 -14.95 21.67
N LYS B 169 70.71 -15.93 21.72
CA LYS B 169 69.87 -16.36 20.63
C LYS B 169 68.53 -16.82 21.21
N LEU B 170 67.42 -16.37 20.61
CA LEU B 170 66.06 -16.69 21.08
C LEU B 170 65.20 -17.19 19.92
N ARG B 171 63.97 -17.67 20.22
CA ARG B 171 63.10 -18.18 19.18
C ARG B 171 61.67 -17.65 19.33
N ILE B 172 61.16 -17.02 18.25
CA ILE B 172 59.79 -16.52 18.14
C ILE B 172 58.91 -17.71 17.82
N ILE B 173 57.85 -17.94 18.62
CA ILE B 173 56.93 -19.04 18.35
C ILE B 173 55.62 -18.43 17.82
N GLY B 174 55.23 -18.88 16.63
CA GLY B 174 53.99 -18.47 15.96
C GLY B 174 53.06 -19.66 15.80
N LYS B 175 51.79 -19.42 15.44
CA LYS B 175 50.81 -20.49 15.30
C LYS B 175 51.14 -21.47 14.15
N ASN B 176 52.00 -21.05 13.20
CA ASN B 176 52.41 -21.85 12.04
C ASN B 176 53.92 -21.96 11.90
N PHE B 177 54.67 -21.05 12.55
CA PHE B 177 56.12 -20.95 12.41
C PHE B 177 56.88 -20.79 13.73
N ALA B 178 58.22 -20.76 13.60
CA ALA B 178 59.23 -20.50 14.62
C ALA B 178 60.33 -19.65 13.99
N LYS B 179 60.77 -18.57 14.67
CA LYS B 179 61.81 -17.71 14.09
C LYS B 179 62.94 -17.47 15.08
N GLU B 180 64.10 -18.08 14.78
CA GLU B 180 65.32 -17.93 15.57
C GLU B 180 65.93 -16.57 15.25
N PHE B 181 66.47 -15.90 16.26
CA PHE B 181 67.08 -14.58 16.13
C PHE B 181 67.98 -14.31 17.32
N TYR B 182 68.99 -13.44 17.14
CA TYR B 182 69.91 -13.09 18.21
C TYR B 182 69.38 -11.94 19.07
N GLY B 183 69.50 -12.11 20.37
CA GLY B 183 69.06 -11.15 21.37
C GLY B 183 69.09 -11.69 22.79
N THR B 184 68.82 -10.79 23.75
CA THR B 184 68.74 -11.05 25.18
C THR B 184 67.30 -10.80 25.58
N MSE B 185 66.77 -11.62 26.50
CA MSE B 185 65.39 -11.40 26.95
C MSE B 185 65.29 -10.18 27.87
O MSE B 185 64.25 -9.54 27.94
CB MSE B 185 64.85 -12.65 27.64
CG MSE B 185 63.68 -13.24 26.89
SE MSE B 185 63.26 -15.03 27.43
CE MSE B 185 62.85 -14.67 29.35
N THR B 186 66.42 -9.85 28.53
CA THR B 186 66.58 -8.69 29.40
C THR B 186 66.54 -7.45 28.53
N ASP B 187 67.22 -7.50 27.37
CA ASP B 187 67.30 -6.40 26.42
C ASP B 187 65.94 -6.04 25.83
N ILE B 188 65.14 -7.04 25.40
CA ILE B 188 63.78 -6.84 24.87
C ILE B 188 62.91 -6.18 25.94
N GLN B 189 62.95 -6.72 27.18
CA GLN B 189 62.21 -6.21 28.34
C GLN B 189 62.64 -4.78 28.69
N GLU B 190 63.95 -4.46 28.52
CA GLU B 190 64.54 -3.15 28.79
C GLU B 190 64.01 -2.09 27.82
N LYS B 191 63.75 -2.51 26.57
CA LYS B 191 63.27 -1.66 25.48
C LYS B 191 61.75 -1.52 25.51
N ASP B 192 61.05 -2.59 25.92
CA ASP B 192 59.60 -2.65 25.99
C ASP B 192 59.03 -1.95 27.22
N LYS B 193 59.90 -1.49 28.16
CA LYS B 193 59.53 -0.85 29.44
C LYS B 193 58.41 0.21 29.34
N HIS B 194 58.25 0.85 28.17
CA HIS B 194 57.19 1.85 27.98
C HIS B 194 56.09 1.33 27.06
N THR B 195 56.47 0.56 26.02
CA THR B 195 55.56 -0.03 25.01
C THR B 195 54.66 -1.11 25.63
N GLN B 196 55.22 -1.91 26.55
CA GLN B 196 54.57 -2.95 27.36
C GLN B 196 53.73 -3.94 26.50
N ARG B 197 54.36 -4.51 25.47
CA ARG B 197 53.72 -5.51 24.61
C ARG B 197 54.12 -6.94 25.03
N PHE B 198 55.12 -7.04 25.94
CA PHE B 198 55.62 -8.32 26.44
C PHE B 198 55.63 -8.40 27.97
N TYR B 199 55.40 -9.63 28.47
CA TYR B 199 55.41 -10.01 29.88
C TYR B 199 56.31 -11.23 30.03
N SER B 200 57.00 -11.36 31.18
CA SER B 200 57.85 -12.53 31.43
C SER B 200 57.13 -13.45 32.44
N PRO B 201 56.41 -14.49 31.96
CA PRO B 201 55.72 -15.38 32.91
C PRO B 201 56.64 -16.41 33.56
N HIS B 202 57.87 -16.53 33.04
CA HIS B 202 58.88 -17.48 33.50
C HIS B 202 60.27 -16.94 33.13
N LYS B 203 61.31 -17.40 33.88
CA LYS B 203 62.71 -17.02 33.68
C LYS B 203 63.17 -17.21 32.21
N SER B 204 62.59 -18.21 31.52
CA SER B 204 62.96 -18.63 30.17
C SER B 204 61.95 -18.21 29.08
N PHE B 205 60.88 -17.48 29.42
CA PHE B 205 59.82 -17.08 28.48
C PHE B 205 59.48 -15.59 28.47
N LEU B 206 59.09 -15.11 27.29
CA LEU B 206 58.62 -13.75 27.05
C LEU B 206 57.39 -13.84 26.17
N VAL B 207 56.22 -13.73 26.78
CA VAL B 207 54.94 -13.90 26.13
C VAL B 207 54.42 -12.58 25.52
N ASN B 208 53.81 -12.67 24.32
CA ASN B 208 53.17 -11.55 23.65
C ASN B 208 51.80 -11.36 24.31
N ILE B 209 51.74 -10.34 25.16
CA ILE B 209 50.60 -9.97 25.99
C ILE B 209 49.25 -9.90 25.24
N GLY B 210 49.27 -9.58 23.94
CA GLY B 210 48.07 -9.42 23.14
C GLY B 210 47.45 -10.67 22.56
N ASN B 211 48.19 -11.79 22.52
CA ASN B 211 47.69 -13.02 21.93
C ASN B 211 47.26 -14.08 22.98
N ILE B 212 47.23 -13.71 24.29
CA ILE B 212 46.80 -14.64 25.35
C ILE B 212 45.27 -14.75 25.32
N ARG B 213 44.74 -15.92 25.73
CA ARG B 213 43.31 -16.24 25.83
C ARG B 213 42.96 -16.43 27.31
N GLU B 214 43.64 -17.36 27.98
CA GLU B 214 43.41 -17.70 29.39
C GLU B 214 44.71 -18.00 30.13
N ILE B 215 44.64 -18.04 31.48
CA ILE B 215 45.76 -18.43 32.34
C ILE B 215 45.33 -19.69 33.10
N ASP B 216 45.84 -20.86 32.68
CA ASP B 216 45.50 -22.14 33.31
C ASP B 216 46.21 -22.28 34.66
N ARG B 217 45.56 -21.76 35.72
CA ARG B 217 46.05 -21.78 37.11
C ARG B 217 46.42 -23.20 37.55
N LYS B 218 45.54 -24.17 37.25
CA LYS B 218 45.67 -25.59 37.58
C LYS B 218 46.96 -26.20 36.99
N ASN B 219 47.16 -26.10 35.67
CA ASN B 219 48.31 -26.68 34.97
C ASN B 219 49.51 -25.71 34.89
N LEU B 220 49.40 -24.51 35.50
CA LEU B 220 50.43 -23.46 35.52
C LEU B 220 50.90 -23.13 34.10
N GLU B 221 49.96 -22.73 33.23
CA GLU B 221 50.20 -22.42 31.82
C GLU B 221 49.42 -21.21 31.33
N ILE B 222 49.77 -20.70 30.14
CA ILE B 222 49.11 -19.57 29.47
C ILE B 222 48.51 -20.08 28.16
N VAL B 223 47.19 -19.91 27.98
CA VAL B 223 46.49 -20.38 26.78
C VAL B 223 46.46 -19.24 25.77
N PHE B 224 46.85 -19.51 24.51
CA PHE B 224 46.81 -18.48 23.47
C PHE B 224 45.49 -18.58 22.70
N TYR B 225 45.18 -17.60 21.79
CA TYR B 225 43.89 -17.55 21.06
C TYR B 225 43.53 -18.89 20.38
N GLU B 226 44.55 -19.69 20.04
CA GLU B 226 44.42 -21.06 19.52
C GLU B 226 45.07 -21.97 20.56
N ASP B 227 44.63 -23.24 20.66
CA ASP B 227 45.10 -24.24 21.63
C ASP B 227 46.63 -24.47 21.52
N HIS B 228 47.38 -23.46 21.95
CA HIS B 228 48.84 -23.38 21.93
C HIS B 228 49.32 -22.98 23.31
N ARG B 229 48.70 -23.56 24.37
CA ARG B 229 49.04 -23.30 25.78
C ARG B 229 50.41 -23.89 26.08
N CYS B 230 51.40 -23.38 25.37
CA CYS B 230 52.78 -23.84 25.41
C CYS B 230 53.63 -23.11 26.47
N PRO B 231 53.44 -21.79 26.79
CA PRO B 231 54.29 -21.18 27.81
C PRO B 231 53.86 -21.56 29.21
N ILE B 232 54.76 -21.31 30.13
CA ILE B 232 54.62 -21.66 31.52
C ILE B 232 54.42 -20.42 32.35
N SER B 233 53.50 -20.49 33.30
CA SER B 233 53.30 -19.38 34.21
C SER B 233 53.58 -19.90 35.60
N ARG B 234 54.57 -19.32 36.26
CA ARG B 234 54.90 -19.67 37.63
C ARG B 234 53.91 -18.91 38.57
N LEU B 235 53.31 -19.58 39.59
CA LEU B 235 52.34 -18.99 40.53
C LEU B 235 52.78 -17.58 40.93
N LYS B 236 54.06 -17.49 41.35
CA LYS B 236 54.79 -16.30 41.81
C LYS B 236 54.58 -15.07 40.92
N ILE B 237 54.30 -15.28 39.61
CA ILE B 237 54.17 -14.23 38.59
C ILE B 237 52.74 -14.17 37.92
N ARG B 238 51.87 -15.16 38.22
CA ARG B 238 50.51 -15.27 37.69
C ARG B 238 49.57 -14.12 38.11
N LYS B 239 49.86 -13.47 39.28
CA LYS B 239 49.06 -12.39 39.86
C LYS B 239 49.03 -11.13 38.97
N LEU B 240 50.18 -10.49 38.74
CA LEU B 240 50.36 -9.27 37.95
C LEU B 240 49.75 -9.37 36.56
N LYS B 241 49.87 -10.54 35.93
CA LYS B 241 49.37 -10.81 34.59
C LYS B 241 47.87 -11.00 34.54
N ASP B 242 47.26 -11.43 35.64
CA ASP B 242 45.82 -11.66 35.72
C ASP B 242 45.11 -10.30 35.65
N ILE B 243 45.58 -9.33 36.45
CA ILE B 243 45.05 -7.97 36.52
C ILE B 243 45.49 -7.15 35.29
N LEU B 244 46.64 -7.49 34.69
CA LEU B 244 47.20 -6.82 33.50
C LEU B 244 46.29 -7.04 32.29
N GLU B 245 45.85 -8.30 32.10
CA GLU B 245 44.97 -8.75 31.03
C GLU B 245 43.57 -8.16 31.24
N LYS B 246 43.10 -8.10 32.50
CA LYS B 246 41.79 -7.56 32.87
C LYS B 246 41.70 -6.03 32.56
N LYS B 247 42.68 -5.24 33.06
CA LYS B 247 42.78 -3.78 32.93
C LYS B 247 43.00 -3.34 31.47
N SER B 248 44.01 -3.91 30.78
CA SER B 248 44.35 -3.54 29.40
C SER B 248 43.28 -4.00 28.40
N GLN B 249 42.75 -5.24 28.59
CA GLN B 249 41.74 -5.82 27.70
C GLN B 249 40.38 -5.91 28.43
N LYS B 250 39.53 -4.89 28.23
CA LYS B 250 38.19 -4.75 28.81
C LYS B 250 37.28 -3.87 27.93
N HIS B 251 37.85 -2.81 27.33
CA HIS B 251 37.17 -1.82 26.49
C HIS B 251 37.14 -2.27 25.02
N MSE C 1 -8.58 -19.34 -1.31
CA MSE C 1 -7.80 -18.45 -2.15
C MSE C 1 -6.76 -19.26 -2.94
O MSE C 1 -5.74 -19.68 -2.39
CB MSE C 1 -7.13 -17.36 -1.30
CG MSE C 1 -6.36 -16.32 -2.10
SE MSE C 1 -5.44 -15.05 -0.93
CE MSE C 1 -4.14 -14.42 -2.14
N LYS C 2 -7.05 -19.48 -4.23
CA LYS C 2 -6.19 -20.24 -5.14
C LYS C 2 -5.06 -19.36 -5.67
N VAL C 3 -3.81 -19.84 -5.54
CA VAL C 3 -2.60 -19.11 -5.97
C VAL C 3 -1.74 -20.03 -6.88
N LEU C 4 -1.00 -19.42 -7.83
CA LEU C 4 -0.14 -20.12 -8.79
C LEU C 4 1.31 -19.64 -8.66
N ILE C 5 2.24 -20.60 -8.57
CA ILE C 5 3.68 -20.33 -8.39
C ILE C 5 4.50 -20.94 -9.53
N LEU C 6 5.45 -20.16 -10.08
CA LEU C 6 6.39 -20.58 -11.10
C LEU C 6 7.80 -20.42 -10.53
N GLU C 7 8.46 -21.55 -10.23
CA GLU C 7 9.81 -21.57 -9.66
C GLU C 7 10.56 -22.83 -10.10
N ASP C 8 11.73 -22.63 -10.74
CA ASP C 8 12.58 -23.71 -11.24
C ASP C 8 13.51 -24.26 -10.16
N VAL C 9 13.72 -23.49 -9.07
CA VAL C 9 14.60 -23.89 -7.95
C VAL C 9 13.76 -24.53 -6.85
N ILE C 10 14.09 -25.78 -6.49
CA ILE C 10 13.44 -26.59 -5.45
C ILE C 10 13.58 -25.91 -4.07
N GLU C 11 14.76 -25.30 -3.81
CA GLU C 11 15.10 -24.60 -2.58
C GLU C 11 14.10 -23.45 -2.30
N HIS C 12 13.83 -22.60 -3.31
CA HIS C 12 12.90 -21.45 -3.19
C HIS C 12 11.44 -21.87 -3.38
N GLN C 13 11.22 -23.08 -3.96
CA GLN C 13 9.90 -23.66 -4.18
C GLN C 13 9.33 -24.04 -2.81
N VAL C 14 10.11 -24.81 -2.03
CA VAL C 14 9.80 -25.27 -0.67
C VAL C 14 9.60 -24.05 0.23
N ARG C 15 10.53 -23.07 0.17
CA ARG C 15 10.55 -21.83 0.95
C ARG C 15 9.24 -21.07 0.87
N LEU C 16 8.72 -20.82 -0.34
CA LEU C 16 7.48 -20.07 -0.55
C LEU C 16 6.25 -20.89 -0.12
N GLU C 17 6.25 -22.21 -0.38
CA GLU C 17 5.15 -23.11 0.00
C GLU C 17 5.03 -23.19 1.53
N ARG C 18 6.18 -23.10 2.25
CA ARG C 18 6.26 -23.11 3.70
C ARG C 18 5.67 -21.82 4.30
N ILE C 19 6.12 -20.65 3.79
CA ILE C 19 5.67 -19.31 4.24
C ILE C 19 4.14 -19.17 4.00
N LEU C 20 3.65 -19.67 2.86
CA LEU C 20 2.23 -19.65 2.47
C LEU C 20 1.36 -20.39 3.49
N ASP C 21 1.85 -21.57 3.96
CA ASP C 21 1.16 -22.38 4.96
C ASP C 21 1.21 -21.72 6.34
N GLU C 22 2.30 -20.96 6.61
CA GLU C 22 2.50 -20.22 7.86
C GLU C 22 1.50 -19.06 7.97
N ILE C 23 1.21 -18.38 6.85
CA ILE C 23 0.27 -17.26 6.78
C ILE C 23 -1.17 -17.81 6.89
N SER C 24 -1.50 -18.88 6.14
CA SER C 24 -2.81 -19.54 6.09
C SER C 24 -3.36 -19.88 7.49
N LYS C 25 -2.47 -20.22 8.44
CA LYS C 25 -2.84 -20.58 9.81
C LYS C 25 -2.87 -19.35 10.73
N GLU C 26 -1.92 -18.40 10.53
CA GLU C 26 -1.81 -17.19 11.34
C GLU C 26 -2.88 -16.13 11.02
N SER C 27 -3.17 -15.91 9.73
CA SER C 27 -4.16 -14.92 9.27
C SER C 27 -5.58 -15.51 9.16
N ASN C 28 -5.71 -16.85 9.37
CA ASN C 28 -6.95 -17.64 9.36
C ASN C 28 -7.68 -17.56 8.00
N ILE C 29 -6.92 -17.62 6.89
CA ILE C 29 -7.47 -17.58 5.53
C ILE C 29 -6.93 -18.77 4.70
N PRO C 30 -7.82 -19.57 4.04
CA PRO C 30 -7.33 -20.74 3.29
C PRO C 30 -6.62 -20.37 1.99
N ILE C 31 -5.42 -20.97 1.79
CA ILE C 31 -4.58 -20.76 0.60
C ILE C 31 -4.23 -22.12 -0.04
N SER C 32 -4.58 -22.28 -1.32
CA SER C 32 -4.31 -23.47 -2.14
C SER C 32 -3.30 -23.09 -3.21
N TYR C 33 -2.20 -23.85 -3.34
CA TYR C 33 -1.14 -23.53 -4.31
C TYR C 33 -0.86 -24.68 -5.30
N LYS C 34 -0.36 -24.29 -6.49
CA LYS C 34 0.08 -25.13 -7.59
C LYS C 34 1.43 -24.59 -8.08
N THR C 35 2.50 -25.40 -7.94
CA THR C 35 3.85 -24.94 -8.32
C THR C 35 4.52 -25.88 -9.33
N THR C 36 5.23 -25.30 -10.31
CA THR C 36 5.98 -26.00 -11.37
C THR C 36 7.18 -25.17 -11.86
N GLY C 37 8.25 -25.87 -12.21
CA GLY C 37 9.46 -25.28 -12.79
C GLY C 37 9.40 -25.34 -14.30
N LYS C 38 8.60 -26.28 -14.84
CA LYS C 38 8.39 -26.50 -16.26
C LYS C 38 7.32 -25.54 -16.79
N VAL C 39 7.70 -24.75 -17.81
CA VAL C 39 6.88 -23.72 -18.47
C VAL C 39 5.63 -24.37 -19.10
N ARG C 40 5.81 -25.49 -19.85
CA ARG C 40 4.74 -26.24 -20.52
C ARG C 40 3.59 -26.60 -19.57
N GLU C 41 3.92 -27.17 -18.39
CA GLU C 41 2.96 -27.57 -17.37
C GLU C 41 2.28 -26.35 -16.76
N PHE C 42 3.02 -25.24 -16.59
CA PHE C 42 2.48 -23.99 -16.03
C PHE C 42 1.57 -23.28 -17.05
N GLU C 43 1.74 -23.55 -18.36
CA GLU C 43 0.91 -22.97 -19.42
C GLU C 43 -0.50 -23.57 -19.38
N GLU C 44 -0.62 -24.81 -18.88
CA GLU C 44 -1.90 -25.50 -18.70
C GLU C 44 -2.57 -25.01 -17.41
N TYR C 45 -1.78 -24.41 -16.49
CA TYR C 45 -2.26 -23.86 -15.21
C TYR C 45 -2.97 -22.54 -15.44
N ILE C 46 -2.43 -21.67 -16.32
CA ILE C 46 -3.01 -20.36 -16.68
C ILE C 46 -4.34 -20.60 -17.40
N GLU C 47 -4.43 -21.71 -18.17
CA GLU C 47 -5.63 -22.10 -18.90
C GLU C 47 -6.83 -22.34 -17.97
N ASN C 48 -6.58 -22.88 -16.76
CA ASN C 48 -7.63 -23.18 -15.78
C ASN C 48 -7.43 -22.38 -14.49
N ASP C 49 -7.12 -21.07 -14.62
CA ASP C 49 -6.88 -20.19 -13.47
C ASP C 49 -8.13 -19.37 -13.10
N GLU C 50 -8.14 -18.79 -11.88
CA GLU C 50 -9.22 -17.92 -11.38
C GLU C 50 -9.17 -16.56 -12.10
N VAL C 51 -10.28 -15.80 -12.08
CA VAL C 51 -10.42 -14.50 -12.75
C VAL C 51 -9.42 -13.48 -12.19
N ASN C 52 -9.37 -13.32 -10.86
CA ASN C 52 -8.44 -12.41 -10.19
C ASN C 52 -7.35 -13.26 -9.53
N GLN C 53 -6.52 -13.89 -10.35
CA GLN C 53 -5.49 -14.83 -9.90
C GLN C 53 -4.19 -14.18 -9.44
N LEU C 54 -3.69 -14.63 -8.28
CA LEU C 54 -2.42 -14.19 -7.72
C LEU C 54 -1.33 -15.11 -8.28
N TYR C 55 -0.30 -14.50 -8.89
CA TYR C 55 0.82 -15.21 -9.50
C TYR C 55 2.13 -14.90 -8.80
N PHE C 56 2.90 -15.96 -8.46
CA PHE C 56 4.22 -15.83 -7.86
C PHE C 56 5.23 -16.34 -8.87
N LEU C 57 5.68 -15.42 -9.73
CA LEU C 57 6.52 -15.68 -10.88
C LEU C 57 8.00 -15.40 -10.68
N ALA C 58 8.85 -16.35 -11.12
CA ALA C 58 10.30 -16.23 -11.16
C ALA C 58 10.67 -15.60 -12.51
N ILE C 59 11.96 -15.29 -12.75
CA ILE C 59 12.36 -14.67 -14.04
C ILE C 59 13.44 -15.53 -14.73
N ASP C 60 14.52 -15.90 -14.02
CA ASP C 60 15.58 -16.72 -14.59
C ASP C 60 15.19 -18.21 -14.43
N ILE C 61 14.31 -18.69 -15.33
CA ILE C 61 13.81 -20.08 -15.32
C ILE C 61 14.57 -20.92 -16.35
N HIS C 62 15.26 -21.98 -15.86
CA HIS C 62 16.06 -22.96 -16.60
C HIS C 62 17.06 -22.31 -17.57
N GLY C 63 17.93 -21.46 -17.01
CA GLY C 63 18.99 -20.77 -17.74
C GLY C 63 18.55 -19.68 -18.70
N ILE C 64 17.24 -19.38 -18.75
CA ILE C 64 16.70 -18.33 -19.62
C ILE C 64 16.34 -17.12 -18.78
N GLU C 65 17.18 -16.09 -18.83
CA GLU C 65 16.96 -14.83 -18.12
C GLU C 65 15.87 -14.05 -18.87
N LYS C 66 14.93 -13.44 -18.14
CA LYS C 66 13.77 -12.68 -18.63
C LYS C 66 12.69 -13.62 -19.24
N LYS C 67 12.67 -14.92 -18.83
CA LYS C 67 11.68 -15.91 -19.27
C LYS C 67 10.34 -15.67 -18.56
N GLY C 68 10.42 -15.25 -17.30
CA GLY C 68 9.26 -14.94 -16.48
C GLY C 68 8.51 -13.73 -17.00
N PHE C 69 9.23 -12.79 -17.64
CA PHE C 69 8.65 -11.59 -18.24
C PHE C 69 7.82 -11.98 -19.47
N GLU C 70 8.25 -13.03 -20.20
CA GLU C 70 7.56 -13.56 -21.37
C GLU C 70 6.23 -14.19 -20.98
N VAL C 71 6.18 -14.94 -19.86
CA VAL C 71 4.97 -15.56 -19.36
C VAL C 71 4.07 -14.50 -18.68
N ALA C 72 4.67 -13.43 -18.10
CA ALA C 72 3.94 -12.33 -17.47
C ALA C 72 3.11 -11.57 -18.51
N GLN C 73 3.71 -11.36 -19.70
CA GLN C 73 3.07 -10.70 -20.84
C GLN C 73 1.93 -11.55 -21.36
N LEU C 74 2.11 -12.90 -21.35
CA LEU C 74 1.15 -13.91 -21.77
C LEU C 74 -0.03 -13.96 -20.80
N ILE C 75 0.25 -13.92 -19.49
CA ILE C 75 -0.77 -13.95 -18.44
C ILE C 75 -1.63 -12.67 -18.53
N ARG C 76 -0.99 -11.49 -18.66
CA ARG C 76 -1.64 -10.17 -18.76
C ARG C 76 -2.48 -10.05 -20.04
N HIS C 77 -1.92 -10.50 -21.19
CA HIS C 77 -2.53 -10.43 -22.52
C HIS C 77 -3.94 -11.01 -22.55
N TYR C 78 -4.13 -12.16 -21.88
CA TYR C 78 -5.40 -12.86 -21.85
C TYR C 78 -6.21 -12.53 -20.59
N ASN C 79 -5.55 -12.39 -19.43
CA ASN C 79 -6.23 -12.04 -18.20
C ASN C 79 -5.82 -10.63 -17.75
N PRO C 80 -6.70 -9.62 -17.96
CA PRO C 80 -6.34 -8.25 -17.53
C PRO C 80 -6.65 -8.00 -16.06
N TYR C 81 -7.09 -9.05 -15.32
CA TYR C 81 -7.45 -8.95 -13.90
C TYR C 81 -6.54 -9.81 -13.01
N ALA C 82 -5.43 -10.32 -13.57
CA ALA C 82 -4.45 -11.12 -12.85
C ALA C 82 -3.63 -10.25 -11.91
N ILE C 83 -3.08 -10.85 -10.84
CA ILE C 83 -2.24 -10.15 -9.87
C ILE C 83 -0.84 -10.80 -9.93
N ILE C 84 0.04 -10.24 -10.80
CA ILE C 84 1.39 -10.76 -11.04
C ILE C 84 2.37 -10.16 -10.02
N VAL C 85 3.01 -11.05 -9.24
CA VAL C 85 4.01 -10.68 -8.24
C VAL C 85 5.29 -11.43 -8.58
N PHE C 86 6.39 -10.70 -8.81
CA PHE C 86 7.67 -11.30 -9.14
C PHE C 86 8.46 -11.64 -7.89
N ILE C 87 9.12 -12.80 -7.94
CA ILE C 87 9.93 -13.36 -6.86
C ILE C 87 11.25 -13.86 -7.47
N THR C 88 12.30 -13.01 -7.48
CA THR C 88 13.59 -13.39 -8.08
C THR C 88 14.82 -12.80 -7.36
N SER C 89 15.96 -13.49 -7.53
CA SER C 89 17.27 -13.11 -7.00
C SER C 89 17.92 -12.07 -7.91
N ARG C 90 17.41 -11.95 -9.15
CA ARG C 90 17.89 -11.00 -10.16
C ARG C 90 17.15 -9.67 -9.94
N SER C 91 17.61 -8.94 -8.91
CA SER C 91 17.11 -7.67 -8.40
C SER C 91 17.17 -6.52 -9.42
N GLU C 92 18.18 -6.50 -10.31
CA GLU C 92 18.41 -5.47 -11.33
C GLU C 92 17.26 -5.35 -12.36
N PHE C 93 16.39 -6.38 -12.46
CA PHE C 93 15.27 -6.44 -13.41
C PHE C 93 14.02 -5.65 -12.97
N ALA C 94 14.04 -5.06 -11.76
CA ALA C 94 12.93 -4.26 -11.21
C ALA C 94 12.56 -3.08 -12.12
N THR C 95 13.54 -2.56 -12.88
CA THR C 95 13.42 -1.46 -13.86
C THR C 95 12.68 -1.92 -15.13
N LEU C 96 12.94 -3.18 -15.57
CA LEU C 96 12.43 -3.80 -16.79
C LEU C 96 10.94 -4.12 -16.79
N THR C 97 10.33 -4.37 -15.61
CA THR C 97 8.91 -4.70 -15.42
C THR C 97 7.99 -3.82 -16.30
N TYR C 98 8.20 -2.49 -16.25
CA TYR C 98 7.41 -1.49 -16.97
C TYR C 98 7.50 -1.66 -18.49
N LYS C 99 8.70 -1.96 -19.01
CA LYS C 99 8.98 -2.18 -20.45
C LYS C 99 8.19 -3.37 -21.02
N TYR C 100 7.74 -4.30 -20.15
CA TYR C 100 7.00 -5.49 -20.58
C TYR C 100 5.46 -5.28 -20.54
N GLN C 101 5.00 -4.01 -20.37
CA GLN C 101 3.58 -3.58 -20.36
C GLN C 101 2.71 -4.42 -19.38
N VAL C 102 3.34 -5.00 -18.35
CA VAL C 102 2.70 -5.81 -17.31
C VAL C 102 2.50 -4.92 -16.07
N SER C 103 1.28 -4.92 -15.53
CA SER C 103 0.97 -4.14 -14.33
C SER C 103 1.22 -5.03 -13.10
N ALA C 104 2.50 -5.23 -12.77
CA ALA C 104 2.93 -6.05 -11.65
C ALA C 104 2.74 -5.31 -10.33
N LEU C 105 2.23 -6.03 -9.32
CA LEU C 105 1.95 -5.51 -7.98
C LEU C 105 3.22 -5.37 -7.16
N ASP C 106 4.08 -6.42 -7.17
CA ASP C 106 5.30 -6.44 -6.37
C ASP C 106 6.46 -7.21 -7.04
N PHE C 107 7.69 -6.86 -6.64
CA PHE C 107 8.95 -7.44 -7.06
C PHE C 107 9.73 -7.78 -5.80
N VAL C 108 9.73 -9.06 -5.41
CA VAL C 108 10.37 -9.53 -4.18
C VAL C 108 11.75 -10.12 -4.45
N ASP C 109 12.78 -9.57 -3.79
CA ASP C 109 14.15 -10.09 -3.87
C ASP C 109 14.22 -11.30 -2.94
N LYS C 110 14.51 -12.49 -3.48
CA LYS C 110 14.53 -13.70 -2.65
C LYS C 110 15.83 -13.81 -1.80
N ASP C 111 16.76 -12.86 -1.95
CA ASP C 111 18.01 -12.83 -1.18
C ASP C 111 17.79 -12.26 0.23
N ILE C 112 16.59 -11.68 0.49
CA ILE C 112 16.18 -11.10 1.78
C ILE C 112 15.94 -12.23 2.79
N ASN C 113 16.23 -11.96 4.08
CA ASN C 113 16.03 -12.89 5.20
C ASN C 113 14.56 -13.34 5.29
N ASP C 114 14.34 -14.59 5.74
CA ASP C 114 13.03 -15.26 5.84
C ASP C 114 11.98 -14.44 6.61
N GLU C 115 12.40 -13.70 7.67
CA GLU C 115 11.51 -12.87 8.49
C GLU C 115 10.90 -11.73 7.67
N MSE C 116 11.73 -11.01 6.90
CA MSE C 116 11.29 -9.92 6.03
C MSE C 116 10.64 -10.46 4.76
O MSE C 116 9.78 -9.79 4.19
CB MSE C 116 12.46 -9.00 5.67
CG MSE C 116 12.80 -7.98 6.73
SE MSE C 116 14.27 -6.82 6.15
CE MSE C 116 13.34 -5.82 4.70
N PHE C 117 11.05 -11.67 4.33
CA PHE C 117 10.53 -12.36 3.14
C PHE C 117 9.07 -12.75 3.37
N LYS C 118 8.75 -13.23 4.59
CA LYS C 118 7.40 -13.61 5.02
C LYS C 118 6.51 -12.37 4.97
N LYS C 119 7.04 -11.24 5.48
CA LYS C 119 6.38 -9.95 5.54
C LYS C 119 6.14 -9.35 4.14
N ARG C 120 7.00 -9.66 3.15
CA ARG C 120 6.86 -9.13 1.78
C ARG C 120 5.73 -9.83 1.04
N ILE C 121 5.64 -11.17 1.12
CA ILE C 121 4.60 -11.93 0.43
C ILE C 121 3.26 -11.83 1.20
N GLU C 122 3.32 -11.47 2.52
CA GLU C 122 2.15 -11.26 3.38
C GLU C 122 1.31 -10.13 2.81
N GLN C 123 1.96 -8.97 2.52
CA GLN C 123 1.38 -7.75 1.95
C GLN C 123 0.54 -8.04 0.71
N ASN C 124 1.10 -8.84 -0.21
CA ASN C 124 0.52 -9.22 -1.49
C ASN C 124 -0.73 -10.09 -1.30
N ILE C 125 -0.68 -11.08 -0.40
CA ILE C 125 -1.81 -11.98 -0.09
C ILE C 125 -2.90 -11.15 0.63
N PHE C 126 -2.51 -10.27 1.58
CA PHE C 126 -3.42 -9.39 2.31
C PHE C 126 -4.07 -8.36 1.39
N TYR C 127 -3.32 -7.84 0.38
CA TYR C 127 -3.85 -6.88 -0.59
C TYR C 127 -4.95 -7.53 -1.43
N THR C 128 -4.71 -8.77 -1.89
CA THR C 128 -5.63 -9.55 -2.72
C THR C 128 -6.97 -9.79 -2.00
N LYS C 129 -6.92 -10.24 -0.73
CA LYS C 129 -8.12 -10.51 0.06
C LYS C 129 -8.90 -9.21 0.33
N SER C 130 -8.22 -8.15 0.81
CA SER C 130 -8.83 -6.85 1.13
C SER C 130 -9.42 -6.16 -0.11
N MSE C 131 -8.89 -6.46 -1.32
CA MSE C 131 -9.39 -5.89 -2.57
C MSE C 131 -10.70 -6.60 -2.99
O MSE C 131 -11.70 -5.93 -3.26
CB MSE C 131 -8.33 -5.99 -3.67
CG MSE C 131 -8.80 -5.51 -5.03
SE MSE C 131 -8.70 -6.93 -6.37
CE MSE C 131 -6.86 -6.60 -6.98
N LEU C 132 -10.67 -7.95 -3.02
CA LEU C 132 -11.80 -8.80 -3.42
C LEU C 132 -12.97 -8.74 -2.43
N LEU C 133 -12.67 -8.61 -1.11
CA LEU C 133 -13.69 -8.56 -0.06
C LEU C 133 -14.50 -7.26 -0.11
N GLU C 134 -15.84 -7.41 -0.01
CA GLU C 134 -16.94 -6.41 0.02
C GLU C 134 -16.54 -5.03 -0.58
N ASN C 135 -16.13 -4.06 0.29
CA ASN C 135 -15.72 -2.68 0.01
C ASN C 135 -16.87 -1.82 -0.53
N GLU C 136 -17.35 -0.89 0.32
CA GLU C 136 -18.45 0.03 0.02
C GLU C 136 -17.96 1.27 -0.75
N ASP C 137 -16.67 1.62 -0.59
CA ASP C 137 -16.03 2.78 -1.23
C ASP C 137 -15.82 2.56 -2.74
N VAL C 138 -15.58 1.30 -3.15
CA VAL C 138 -15.34 0.92 -4.56
C VAL C 138 -16.61 1.20 -5.37
N VAL C 139 -16.42 1.70 -6.61
CA VAL C 139 -17.45 2.05 -7.61
C VAL C 139 -18.31 0.81 -8.00
N ASP C 140 -19.22 0.95 -9.00
CA ASP C 140 -20.07 -0.16 -9.42
C ASP C 140 -19.26 -1.26 -10.15
N TYR C 141 -18.84 -2.25 -9.36
CA TYR C 141 -18.08 -3.43 -9.77
C TYR C 141 -18.98 -4.65 -9.68
N PHE C 142 -18.80 -5.62 -10.57
CA PHE C 142 -19.61 -6.83 -10.56
C PHE C 142 -18.93 -7.93 -9.76
N ASP C 143 -19.44 -8.17 -8.53
CA ASP C 143 -18.92 -9.21 -7.64
C ASP C 143 -19.89 -10.38 -7.63
N TYR C 144 -19.40 -11.57 -8.00
CA TYR C 144 -20.20 -12.78 -8.08
C TYR C 144 -19.45 -13.95 -7.46
N ASN C 145 -19.97 -14.50 -6.35
CA ASN C 145 -19.37 -15.62 -5.64
C ASN C 145 -20.28 -16.83 -5.72
N TYR C 146 -19.87 -17.87 -6.48
CA TYR C 146 -20.65 -19.09 -6.64
C TYR C 146 -19.89 -20.29 -6.07
N LYS C 147 -20.35 -20.79 -4.90
CA LYS C 147 -19.83 -21.96 -4.19
C LYS C 147 -18.29 -21.90 -4.03
N GLY C 148 -17.81 -20.80 -3.43
CA GLY C 148 -16.39 -20.58 -3.19
C GLY C 148 -15.65 -19.85 -4.28
N ASN C 149 -16.06 -20.05 -5.54
CA ASN C 149 -15.46 -19.42 -6.72
C ASN C 149 -15.89 -17.96 -6.81
N ASP C 150 -14.96 -17.04 -6.52
CA ASP C 150 -15.19 -15.59 -6.51
C ASP C 150 -14.79 -14.92 -7.84
N LEU C 151 -15.44 -13.79 -8.14
CA LEU C 151 -15.26 -12.94 -9.31
C LEU C 151 -15.49 -11.48 -8.91
N LYS C 152 -14.68 -10.55 -9.43
CA LYS C 152 -14.81 -9.11 -9.14
C LYS C 152 -14.21 -8.29 -10.29
N ILE C 153 -15.01 -8.03 -11.33
CA ILE C 153 -14.55 -7.26 -12.48
C ILE C 153 -15.51 -6.07 -12.74
N PRO C 154 -15.05 -4.92 -13.33
CA PRO C 154 -15.98 -3.79 -13.53
C PRO C 154 -17.09 -4.08 -14.53
N TYR C 155 -18.29 -3.48 -14.30
CA TYR C 155 -19.47 -3.58 -15.16
C TYR C 155 -19.21 -2.95 -16.54
N HIS C 156 -18.25 -2.01 -16.59
CA HIS C 156 -17.80 -1.28 -17.77
C HIS C 156 -17.19 -2.22 -18.82
N ASP C 157 -16.36 -3.16 -18.37
CA ASP C 157 -15.65 -4.10 -19.24
C ASP C 157 -16.48 -5.34 -19.61
N ILE C 158 -17.68 -5.52 -19.02
CA ILE C 158 -18.55 -6.67 -19.31
C ILE C 158 -19.48 -6.36 -20.47
N LEU C 159 -19.38 -7.14 -21.57
CA LEU C 159 -20.27 -7.01 -22.71
C LEU C 159 -21.46 -7.93 -22.47
N TYR C 160 -21.20 -9.25 -22.36
CA TYR C 160 -22.21 -10.28 -22.11
C TYR C 160 -21.60 -11.56 -21.50
N ILE C 161 -22.48 -12.41 -20.94
CA ILE C 161 -22.16 -13.71 -20.35
C ILE C 161 -22.94 -14.76 -21.13
N GLU C 162 -22.27 -15.84 -21.56
CA GLU C 162 -22.94 -16.91 -22.31
C GLU C 162 -22.72 -18.27 -21.63
N THR C 163 -23.66 -19.20 -21.84
CA THR C 163 -23.59 -20.55 -21.27
C THR C 163 -22.56 -21.41 -22.01
N THR C 164 -22.07 -22.45 -21.31
CA THR C 164 -21.09 -23.40 -21.84
C THR C 164 -21.67 -24.82 -21.79
N GLY C 165 -21.10 -25.71 -22.61
CA GLY C 165 -21.47 -27.13 -22.69
C GLY C 165 -21.17 -27.88 -21.40
N VAL C 166 -20.15 -27.42 -20.66
CA VAL C 166 -19.74 -27.95 -19.37
C VAL C 166 -20.71 -27.41 -18.29
N SER C 167 -21.14 -28.29 -17.36
CA SER C 167 -22.09 -27.97 -16.29
C SER C 167 -21.49 -27.02 -15.25
N HIS C 168 -22.31 -26.05 -14.78
CA HIS C 168 -22.03 -25.01 -13.77
C HIS C 168 -20.85 -24.11 -14.17
N LYS C 169 -20.75 -23.78 -15.47
CA LYS C 169 -19.71 -22.91 -16.01
C LYS C 169 -20.29 -21.91 -17.00
N LEU C 170 -19.78 -20.66 -16.95
CA LEU C 170 -20.22 -19.56 -17.81
C LEU C 170 -19.00 -18.82 -18.38
N ARG C 171 -19.16 -18.19 -19.55
CA ARG C 171 -18.09 -17.47 -20.22
C ARG C 171 -18.40 -15.95 -20.30
N ILE C 172 -17.61 -15.15 -19.56
CA ILE C 172 -17.72 -13.68 -19.55
C ILE C 172 -16.90 -13.15 -20.74
N ILE C 173 -17.53 -12.33 -21.59
CA ILE C 173 -16.88 -11.80 -22.77
C ILE C 173 -16.86 -10.28 -22.72
N GLY C 174 -15.68 -9.71 -22.93
CA GLY C 174 -15.44 -8.28 -22.95
C GLY C 174 -14.58 -7.87 -24.12
N LYS C 175 -14.08 -6.62 -24.09
CA LYS C 175 -13.20 -6.11 -25.15
C LYS C 175 -11.81 -6.69 -24.96
N ASN C 176 -11.27 -7.33 -26.03
CA ASN C 176 -9.94 -7.96 -26.09
C ASN C 176 -9.74 -9.04 -24.99
N PHE C 177 -10.84 -9.62 -24.47
CA PHE C 177 -10.81 -10.64 -23.41
C PHE C 177 -12.11 -11.49 -23.37
N ALA C 178 -11.94 -12.75 -22.93
CA ALA C 178 -12.98 -13.77 -22.73
C ALA C 178 -12.49 -14.75 -21.66
N LYS C 179 -13.33 -15.07 -20.66
CA LYS C 179 -12.93 -15.94 -19.55
C LYS C 179 -14.08 -16.84 -19.06
N GLU C 180 -13.75 -18.10 -18.72
CA GLU C 180 -14.70 -19.09 -18.20
C GLU C 180 -14.62 -19.17 -16.67
N PHE C 181 -15.78 -19.05 -16.01
CA PHE C 181 -15.90 -19.06 -14.56
C PHE C 181 -17.05 -19.95 -14.08
N TYR C 182 -16.98 -20.43 -12.82
CA TYR C 182 -18.02 -21.26 -12.23
C TYR C 182 -19.20 -20.41 -11.80
N GLY C 183 -20.40 -20.84 -12.20
CA GLY C 183 -21.66 -20.16 -11.90
C GLY C 183 -22.80 -20.56 -12.81
N THR C 184 -24.04 -20.16 -12.42
CA THR C 184 -25.26 -20.43 -13.19
C THR C 184 -25.92 -19.10 -13.57
N MSE C 185 -26.50 -19.05 -14.79
CA MSE C 185 -27.16 -17.87 -15.35
C MSE C 185 -28.41 -17.48 -14.56
O MSE C 185 -28.76 -16.30 -14.53
CB MSE C 185 -27.51 -18.11 -16.83
CG MSE C 185 -27.22 -16.91 -17.72
SE MSE C 185 -27.65 -17.23 -19.61
CE MSE C 185 -29.62 -17.40 -19.49
N THR C 186 -29.06 -18.46 -13.91
CA THR C 186 -30.25 -18.23 -13.08
C THR C 186 -29.86 -17.52 -11.76
N ASP C 187 -28.65 -17.81 -11.23
CA ASP C 187 -28.12 -17.25 -9.99
C ASP C 187 -27.80 -15.76 -10.12
N ILE C 188 -27.21 -15.34 -11.26
CA ILE C 188 -26.85 -13.95 -11.54
C ILE C 188 -28.14 -13.12 -11.65
N GLN C 189 -29.16 -13.67 -12.34
CA GLN C 189 -30.47 -13.05 -12.56
C GLN C 189 -31.24 -12.85 -11.25
N GLU C 190 -31.07 -13.78 -10.29
CA GLU C 190 -31.72 -13.72 -8.98
C GLU C 190 -31.11 -12.62 -8.11
N LYS C 191 -29.80 -12.33 -8.32
CA LYS C 191 -29.04 -11.32 -7.60
C LYS C 191 -29.17 -9.93 -8.24
N ASP C 192 -29.50 -9.88 -9.55
CA ASP C 192 -29.64 -8.65 -10.33
C ASP C 192 -31.13 -8.27 -10.53
N LYS C 193 -32.03 -8.79 -9.67
CA LYS C 193 -33.47 -8.52 -9.77
C LYS C 193 -33.81 -7.07 -9.33
N HIS C 194 -32.91 -6.42 -8.56
CA HIS C 194 -33.10 -5.04 -8.09
C HIS C 194 -32.07 -4.11 -8.70
N THR C 195 -30.80 -4.57 -8.82
CA THR C 195 -29.67 -3.81 -9.39
C THR C 195 -29.96 -3.51 -10.88
N GLN C 196 -30.49 -4.52 -11.60
CA GLN C 196 -30.89 -4.51 -13.01
C GLN C 196 -29.80 -3.92 -13.91
N ARG C 197 -28.72 -4.70 -14.08
CA ARG C 197 -27.56 -4.36 -14.91
C ARG C 197 -27.47 -5.31 -16.10
N PHE C 198 -28.20 -6.44 -16.03
CA PHE C 198 -28.22 -7.47 -17.06
C PHE C 198 -29.63 -7.77 -17.56
N TYR C 199 -29.71 -8.32 -18.78
CA TYR C 199 -30.92 -8.77 -19.46
C TYR C 199 -30.62 -10.04 -20.25
N SER C 200 -31.60 -10.95 -20.37
CA SER C 200 -31.41 -12.21 -21.10
C SER C 200 -32.13 -12.14 -22.47
N PRO C 201 -31.41 -11.75 -23.56
CA PRO C 201 -32.08 -11.66 -24.88
C PRO C 201 -32.23 -13.01 -25.58
N HIS C 202 -31.50 -14.02 -25.08
CA HIS C 202 -31.48 -15.38 -25.58
C HIS C 202 -31.42 -16.36 -24.41
N LYS C 203 -31.75 -17.64 -24.66
CA LYS C 203 -31.73 -18.70 -23.65
C LYS C 203 -30.29 -19.01 -23.20
N SER C 204 -29.32 -18.71 -24.07
CA SER C 204 -27.90 -18.95 -23.81
C SER C 204 -27.08 -17.65 -23.67
N PHE C 205 -27.72 -16.46 -23.74
CA PHE C 205 -27.03 -15.18 -23.62
C PHE C 205 -27.59 -14.30 -22.50
N LEU C 206 -26.68 -13.53 -21.85
CA LEU C 206 -27.00 -12.60 -20.77
C LEU C 206 -26.15 -11.34 -20.99
N VAL C 207 -26.77 -10.30 -21.55
CA VAL C 207 -26.10 -9.03 -21.92
C VAL C 207 -26.11 -8.00 -20.78
N ASN C 208 -25.13 -7.07 -20.83
CA ASN C 208 -25.00 -5.95 -19.89
C ASN C 208 -25.68 -4.71 -20.49
N ILE C 209 -26.82 -4.30 -19.88
CA ILE C 209 -27.68 -3.17 -20.24
C ILE C 209 -26.88 -1.87 -20.50
N GLY C 210 -25.91 -1.59 -19.63
CA GLY C 210 -25.07 -0.40 -19.71
C GLY C 210 -24.24 -0.25 -20.96
N ASN C 211 -23.93 -1.38 -21.64
CA ASN C 211 -23.11 -1.37 -22.85
C ASN C 211 -23.91 -1.57 -24.15
N ILE C 212 -25.27 -1.62 -24.07
CA ILE C 212 -26.09 -1.75 -25.27
C ILE C 212 -26.23 -0.35 -25.90
N ARG C 213 -25.71 -0.21 -27.13
CA ARG C 213 -25.70 1.05 -27.88
C ARG C 213 -26.84 1.12 -28.90
N GLU C 214 -26.93 0.08 -29.76
CA GLU C 214 -27.89 0.00 -30.87
C GLU C 214 -28.52 -1.40 -30.93
N ILE C 215 -29.72 -1.51 -31.54
CA ILE C 215 -30.40 -2.80 -31.71
C ILE C 215 -30.66 -3.00 -33.21
N ASP C 216 -30.20 -4.12 -33.77
CA ASP C 216 -30.39 -4.46 -35.18
C ASP C 216 -31.66 -5.32 -35.29
N ARG C 217 -32.79 -4.69 -35.66
CA ARG C 217 -34.09 -5.34 -35.79
C ARG C 217 -34.10 -6.35 -36.96
N LYS C 218 -33.55 -5.96 -38.13
CA LYS C 218 -33.51 -6.77 -39.35
C LYS C 218 -32.62 -8.01 -39.21
N ASN C 219 -31.48 -7.90 -38.50
CA ASN C 219 -30.54 -9.01 -38.34
C ASN C 219 -30.70 -9.73 -36.98
N LEU C 220 -31.69 -9.29 -36.16
CA LEU C 220 -32.05 -9.83 -34.83
C LEU C 220 -30.87 -9.76 -33.83
N GLU C 221 -29.91 -8.85 -34.06
CA GLU C 221 -28.70 -8.69 -33.24
C GLU C 221 -28.73 -7.46 -32.32
N ILE C 222 -27.84 -7.48 -31.31
CA ILE C 222 -27.62 -6.39 -30.35
C ILE C 222 -26.24 -5.80 -30.63
N VAL C 223 -26.20 -4.50 -30.94
CA VAL C 223 -24.96 -3.79 -31.27
C VAL C 223 -24.43 -3.11 -30.01
N PHE C 224 -23.24 -3.52 -29.56
CA PHE C 224 -22.58 -2.93 -28.40
C PHE C 224 -21.63 -1.85 -28.86
N TYR C 225 -21.15 -1.01 -27.93
CA TYR C 225 -20.20 0.06 -28.23
C TYR C 225 -18.93 -0.59 -28.80
N GLU C 226 -18.54 -0.15 -30.02
CA GLU C 226 -17.43 -0.62 -30.88
C GLU C 226 -17.91 -1.77 -31.80
N ASP C 227 -19.23 -1.77 -32.10
CA ASP C 227 -19.98 -2.67 -32.98
C ASP C 227 -19.72 -4.16 -32.66
N HIS C 228 -20.23 -4.63 -31.51
CA HIS C 228 -20.10 -6.02 -31.08
C HIS C 228 -21.44 -6.74 -31.29
N ARG C 229 -21.81 -6.93 -32.57
CA ARG C 229 -23.05 -7.60 -32.99
C ARG C 229 -22.90 -9.12 -32.82
N CYS C 230 -22.56 -9.55 -31.59
CA CYS C 230 -22.35 -10.96 -31.27
C CYS C 230 -23.62 -11.60 -30.67
N PRO C 231 -24.27 -11.08 -29.59
CA PRO C 231 -25.48 -11.76 -29.09
C PRO C 231 -26.68 -11.54 -30.00
N ILE C 232 -27.50 -12.58 -30.12
CA ILE C 232 -28.69 -12.56 -30.96
C ILE C 232 -29.91 -12.47 -30.04
N SER C 233 -30.79 -11.49 -30.29
CA SER C 233 -32.02 -11.26 -29.53
C SER C 233 -33.23 -11.78 -30.28
N ARG C 234 -34.21 -12.34 -29.55
CA ARG C 234 -35.46 -12.85 -30.11
C ARG C 234 -36.41 -11.68 -30.34
N LEU C 235 -37.22 -11.72 -31.43
CA LEU C 235 -38.14 -10.63 -31.79
C LEU C 235 -39.19 -10.34 -30.70
N LYS C 236 -39.64 -11.37 -29.95
CA LYS C 236 -40.62 -11.21 -28.87
C LYS C 236 -39.98 -10.67 -27.59
N ILE C 237 -38.67 -10.91 -27.40
CA ILE C 237 -37.90 -10.48 -26.23
C ILE C 237 -37.41 -9.01 -26.42
N ARG C 238 -37.49 -8.49 -27.65
CA ARG C 238 -37.11 -7.12 -28.02
C ARG C 238 -38.02 -6.06 -27.39
N LYS C 239 -39.35 -6.32 -27.37
CA LYS C 239 -40.38 -5.43 -26.85
C LYS C 239 -40.12 -5.00 -25.38
N LEU C 240 -39.73 -5.94 -24.50
CA LEU C 240 -39.47 -5.66 -23.08
C LEU C 240 -38.23 -4.79 -22.88
N LYS C 241 -37.11 -5.15 -23.56
CA LYS C 241 -35.82 -4.48 -23.46
C LYS C 241 -35.84 -3.07 -24.05
N ASP C 242 -36.49 -2.87 -25.22
CA ASP C 242 -36.55 -1.58 -25.92
C ASP C 242 -37.21 -0.50 -25.07
N ILE C 243 -38.33 -0.82 -24.38
CA ILE C 243 -39.05 0.12 -23.51
C ILE C 243 -38.15 0.45 -22.30
N LEU C 244 -37.47 -0.58 -21.76
CA LEU C 244 -36.55 -0.46 -20.62
C LEU C 244 -35.30 0.34 -21.00
N GLU C 245 -34.80 0.16 -22.25
CA GLU C 245 -33.60 0.84 -22.75
C GLU C 245 -33.87 2.32 -23.09
N LYS C 246 -35.03 2.62 -23.70
CA LYS C 246 -35.39 3.98 -24.11
C LYS C 246 -35.73 4.89 -22.90
N LYS C 247 -36.06 4.28 -21.75
CA LYS C 247 -36.40 4.99 -20.51
C LYS C 247 -35.11 5.34 -19.72
N SER C 248 -34.12 5.95 -20.40
CA SER C 248 -32.84 6.35 -19.82
C SER C 248 -32.94 7.78 -19.25
N GLN C 249 -33.42 8.74 -20.08
CA GLN C 249 -33.64 10.16 -19.77
C GLN C 249 -32.39 10.82 -19.16
N MSE D 1 -10.97 9.48 -24.85
CA MSE D 1 -10.75 9.02 -23.49
C MSE D 1 -10.47 10.20 -22.55
O MSE D 1 -9.99 11.25 -22.97
CB MSE D 1 -9.61 7.98 -23.40
CG MSE D 1 -8.22 8.53 -23.78
SE MSE D 1 -6.81 7.20 -23.59
CE MSE D 1 -7.23 6.07 -25.13
N LYS D 2 -10.78 10.01 -21.25
CA LYS D 2 -10.58 11.01 -20.20
C LYS D 2 -9.29 10.67 -19.43
N VAL D 3 -8.37 11.64 -19.33
CA VAL D 3 -7.07 11.45 -18.66
C VAL D 3 -6.85 12.54 -17.57
N LEU D 4 -6.42 12.12 -16.36
CA LEU D 4 -6.15 13.00 -15.23
C LEU D 4 -4.64 13.11 -14.99
N ILE D 5 -4.10 14.35 -14.98
CA ILE D 5 -2.67 14.61 -14.81
C ILE D 5 -2.42 15.43 -13.54
N LEU D 6 -1.41 15.03 -12.76
CA LEU D 6 -0.98 15.71 -11.55
C LEU D 6 0.47 16.15 -11.72
N GLU D 7 0.67 17.47 -11.83
CA GLU D 7 1.98 18.11 -12.01
C GLU D 7 1.94 19.54 -11.47
N ASP D 8 2.90 19.87 -10.60
CA ASP D 8 3.01 21.21 -10.00
C ASP D 8 3.82 22.16 -10.89
N VAL D 9 4.90 21.66 -11.55
CA VAL D 9 5.73 22.46 -12.45
C VAL D 9 5.03 22.65 -13.80
N ILE D 10 4.79 23.91 -14.18
CA ILE D 10 4.11 24.32 -15.42
C ILE D 10 4.92 23.88 -16.66
N GLU D 11 6.26 24.05 -16.61
CA GLU D 11 7.23 23.70 -17.67
C GLU D 11 7.03 22.25 -18.18
N HIS D 12 6.78 21.31 -17.25
CA HIS D 12 6.56 19.90 -17.56
C HIS D 12 5.07 19.57 -17.73
N GLN D 13 4.18 20.44 -17.22
CA GLN D 13 2.72 20.30 -17.32
C GLN D 13 2.27 20.55 -18.77
N VAL D 14 2.76 21.66 -19.37
CA VAL D 14 2.46 22.06 -20.73
C VAL D 14 3.20 21.15 -21.74
N ARG D 15 4.38 20.60 -21.35
CA ARG D 15 5.19 19.72 -22.17
C ARG D 15 4.41 18.44 -22.54
N LEU D 16 3.74 17.84 -21.54
CA LEU D 16 2.93 16.63 -21.69
C LEU D 16 1.61 16.92 -22.42
N GLU D 17 0.95 18.05 -22.08
CA GLU D 17 -0.33 18.48 -22.67
C GLU D 17 -0.20 18.69 -24.19
N ARG D 18 0.92 19.29 -24.64
CA ARG D 18 1.25 19.54 -26.04
C ARG D 18 1.40 18.21 -26.79
N ILE D 19 2.12 17.24 -26.17
CA ILE D 19 2.38 15.91 -26.70
C ILE D 19 1.06 15.10 -26.73
N LEU D 20 0.14 15.33 -25.75
CA LEU D 20 -1.17 14.66 -25.69
C LEU D 20 -2.04 15.04 -26.88
N ASP D 21 -2.01 16.33 -27.30
CA ASP D 21 -2.78 16.83 -28.44
C ASP D 21 -2.15 16.41 -29.77
N GLU D 22 -0.80 16.30 -29.81
CA GLU D 22 -0.03 15.91 -31.00
C GLU D 22 -0.37 14.48 -31.43
N ILE D 23 -0.43 13.54 -30.48
CA ILE D 23 -0.76 12.14 -30.76
C ILE D 23 -2.28 11.99 -31.00
N SER D 24 -3.09 12.91 -30.42
CA SER D 24 -4.56 12.93 -30.57
C SER D 24 -4.96 13.14 -32.01
N LYS D 25 -4.21 13.96 -32.76
CA LYS D 25 -4.44 14.25 -34.18
C LYS D 25 -3.79 13.18 -35.06
N GLU D 26 -2.53 12.79 -34.76
CA GLU D 26 -1.75 11.80 -35.50
C GLU D 26 -2.37 10.40 -35.47
N SER D 27 -2.96 10.00 -34.32
CA SER D 27 -3.54 8.68 -34.14
C SER D 27 -5.09 8.70 -34.03
N ASN D 28 -5.72 9.86 -34.37
CA ASN D 28 -7.17 10.15 -34.38
C ASN D 28 -7.92 9.73 -33.07
N ILE D 29 -7.20 9.70 -31.92
CA ILE D 29 -7.78 9.33 -30.61
C ILE D 29 -8.26 10.61 -29.90
N PRO D 30 -9.56 10.70 -29.49
CA PRO D 30 -10.00 11.90 -28.76
C PRO D 30 -9.45 11.88 -27.33
N ILE D 31 -8.71 12.93 -26.95
CA ILE D 31 -8.09 13.04 -25.63
C ILE D 31 -8.52 14.36 -24.96
N SER D 32 -9.15 14.24 -23.77
CA SER D 32 -9.59 15.36 -22.94
C SER D 32 -8.84 15.26 -21.61
N TYR D 33 -7.85 16.14 -21.41
CA TYR D 33 -6.99 16.12 -20.22
C TYR D 33 -7.40 17.15 -19.16
N LYS D 34 -7.12 16.82 -17.90
CA LYS D 34 -7.35 17.66 -16.72
C LYS D 34 -6.07 17.71 -15.90
N THR D 35 -5.45 18.90 -15.81
CA THR D 35 -4.19 19.10 -15.10
C THR D 35 -4.37 19.98 -13.87
N THR D 36 -3.84 19.54 -12.71
CA THR D 36 -3.89 20.25 -11.42
C THR D 36 -2.59 20.08 -10.64
N GLY D 37 -2.15 21.16 -9.99
CA GLY D 37 -0.95 21.18 -9.17
C GLY D 37 -1.22 20.76 -7.74
N LYS D 38 -2.32 21.27 -7.16
CA LYS D 38 -2.73 20.97 -5.79
C LYS D 38 -3.34 19.56 -5.70
N VAL D 39 -2.94 18.83 -4.66
CA VAL D 39 -3.37 17.46 -4.36
C VAL D 39 -4.86 17.43 -4.00
N ARG D 40 -5.33 18.41 -3.18
CA ARG D 40 -6.73 18.56 -2.75
C ARG D 40 -7.68 18.70 -3.93
N GLU D 41 -7.24 19.41 -4.99
CA GLU D 41 -8.01 19.62 -6.22
C GLU D 41 -8.03 18.35 -7.06
N PHE D 42 -6.94 17.56 -7.02
CA PHE D 42 -6.82 16.29 -7.76
C PHE D 42 -7.65 15.19 -7.10
N GLU D 43 -7.65 15.13 -5.74
CA GLU D 43 -8.42 14.16 -4.94
C GLU D 43 -9.93 14.34 -5.18
N GLU D 44 -10.36 15.60 -5.36
CA GLU D 44 -11.73 16.02 -5.64
C GLU D 44 -12.27 15.32 -6.90
N TYR D 45 -11.44 15.28 -7.98
CA TYR D 45 -11.79 14.65 -9.25
C TYR D 45 -11.88 13.11 -9.16
N ILE D 46 -11.45 12.51 -8.02
CA ILE D 46 -11.44 11.06 -7.85
C ILE D 46 -12.58 10.59 -6.91
N GLU D 47 -12.51 10.91 -5.60
CA GLU D 47 -13.44 10.44 -4.58
C GLU D 47 -14.89 10.99 -4.72
N ASN D 48 -15.06 12.32 -4.79
CA ASN D 48 -16.39 12.93 -4.89
C ASN D 48 -16.92 12.97 -6.34
N ASP D 49 -16.01 12.92 -7.34
CA ASP D 49 -16.36 12.98 -8.76
C ASP D 49 -16.43 11.57 -9.40
N GLU D 50 -16.87 11.50 -10.67
CA GLU D 50 -17.07 10.28 -11.46
C GLU D 50 -15.77 9.79 -12.16
N VAL D 51 -15.94 8.86 -13.11
CA VAL D 51 -14.92 8.12 -13.87
C VAL D 51 -13.89 8.99 -14.65
N ASN D 52 -12.77 8.31 -14.99
CA ASN D 52 -11.60 8.73 -15.77
C ASN D 52 -10.87 7.45 -16.23
N GLN D 53 -10.18 7.49 -17.38
CA GLN D 53 -9.56 6.29 -17.95
C GLN D 53 -8.06 6.14 -17.65
N LEU D 54 -7.26 7.21 -17.86
CA LEU D 54 -5.81 7.18 -17.66
C LEU D 54 -5.38 8.20 -16.60
N TYR D 55 -4.35 7.85 -15.80
CA TYR D 55 -3.86 8.72 -14.72
C TYR D 55 -2.34 8.91 -14.80
N PHE D 56 -1.91 10.10 -15.25
CA PHE D 56 -0.50 10.47 -15.33
C PHE D 56 -0.12 11.18 -14.03
N LEU D 57 0.92 10.70 -13.34
CA LEU D 57 1.27 11.29 -12.04
C LEU D 57 2.75 11.57 -11.84
N ALA D 58 3.02 12.62 -11.04
CA ALA D 58 4.35 13.03 -10.55
C ALA D 58 4.49 12.49 -9.14
N ILE D 59 5.71 12.52 -8.55
CA ILE D 59 5.91 11.99 -7.20
C ILE D 59 6.28 13.12 -6.23
N ASP D 60 7.22 13.99 -6.63
CA ASP D 60 7.64 15.14 -5.83
C ASP D 60 6.72 16.33 -6.16
N ILE D 61 5.66 16.51 -5.35
CA ILE D 61 4.68 17.59 -5.54
C ILE D 61 4.76 18.56 -4.37
N HIS D 62 5.06 19.84 -4.68
CA HIS D 62 5.19 20.95 -3.75
C HIS D 62 6.11 20.60 -2.56
N GLY D 63 7.32 20.13 -2.89
CA GLY D 63 8.36 19.75 -1.93
C GLY D 63 8.07 18.51 -1.11
N ILE D 64 6.98 17.78 -1.42
CA ILE D 64 6.61 16.57 -0.72
C ILE D 64 7.02 15.36 -1.56
N GLU D 65 8.11 14.69 -1.16
CA GLU D 65 8.61 13.48 -1.81
C GLU D 65 7.66 12.33 -1.49
N LYS D 66 7.49 11.40 -2.43
CA LYS D 66 6.64 10.20 -2.30
C LYS D 66 5.14 10.56 -2.09
N LYS D 67 4.74 11.80 -2.43
CA LYS D 67 3.35 12.28 -2.33
C LYS D 67 2.52 11.65 -3.45
N GLY D 68 3.14 11.52 -4.63
CA GLY D 68 2.55 10.92 -5.81
C GLY D 68 2.11 9.49 -5.59
N PHE D 69 2.82 8.77 -4.69
CA PHE D 69 2.53 7.39 -4.32
C PHE D 69 1.29 7.33 -3.43
N GLU D 70 1.21 8.24 -2.44
CA GLU D 70 0.11 8.37 -1.47
C GLU D 70 -1.22 8.63 -2.18
N VAL D 71 -1.20 9.51 -3.20
CA VAL D 71 -2.39 9.85 -3.98
C VAL D 71 -2.70 8.70 -4.98
N ALA D 72 -1.67 7.98 -5.48
CA ALA D 72 -1.87 6.84 -6.39
C ALA D 72 -2.55 5.69 -5.64
N GLN D 73 -2.24 5.56 -4.33
CA GLN D 73 -2.82 4.58 -3.42
C GLN D 73 -4.34 4.80 -3.25
N LEU D 74 -4.75 6.09 -3.31
CA LEU D 74 -6.14 6.50 -3.22
C LEU D 74 -6.91 6.10 -4.48
N ILE D 75 -6.30 6.24 -5.67
CA ILE D 75 -6.95 5.89 -6.95
C ILE D 75 -7.19 4.38 -6.99
N ARG D 76 -6.17 3.56 -6.60
CA ARG D 76 -6.28 2.10 -6.60
C ARG D 76 -7.27 1.61 -5.51
N HIS D 77 -7.51 2.44 -4.46
CA HIS D 77 -8.46 2.11 -3.41
C HIS D 77 -9.90 2.16 -3.94
N TYR D 78 -10.19 3.17 -4.80
CA TYR D 78 -11.51 3.35 -5.39
C TYR D 78 -11.65 2.54 -6.69
N ASN D 79 -10.57 2.43 -7.49
CA ASN D 79 -10.58 1.64 -8.72
C ASN D 79 -9.39 0.65 -8.72
N PRO D 80 -9.62 -0.64 -8.32
CA PRO D 80 -8.52 -1.60 -8.24
C PRO D 80 -7.92 -2.04 -9.60
N TYR D 81 -8.51 -1.63 -10.73
CA TYR D 81 -7.98 -2.00 -12.05
C TYR D 81 -7.80 -0.76 -12.97
N ALA D 82 -7.51 0.41 -12.37
CA ALA D 82 -7.25 1.66 -13.09
C ALA D 82 -5.85 1.62 -13.71
N ILE D 83 -5.56 2.51 -14.68
CA ILE D 83 -4.24 2.53 -15.32
C ILE D 83 -3.44 3.71 -14.78
N ILE D 84 -2.48 3.43 -13.86
CA ILE D 84 -1.62 4.45 -13.24
C ILE D 84 -0.28 4.50 -13.97
N VAL D 85 0.09 5.68 -14.48
CA VAL D 85 1.36 5.88 -15.17
C VAL D 85 2.10 7.00 -14.44
N PHE D 86 3.37 6.76 -14.09
CA PHE D 86 4.19 7.73 -13.39
C PHE D 86 5.09 8.48 -14.34
N ILE D 87 5.16 9.81 -14.18
CA ILE D 87 5.96 10.74 -14.97
C ILE D 87 6.68 11.63 -13.96
N THR D 88 7.99 11.42 -13.78
CA THR D 88 8.79 12.20 -12.81
C THR D 88 10.26 12.30 -13.24
N SER D 89 10.99 13.26 -12.64
CA SER D 89 12.41 13.52 -12.86
C SER D 89 13.27 12.64 -11.96
N ARG D 90 12.70 12.21 -10.82
CA ARG D 90 13.36 11.38 -9.81
C ARG D 90 13.33 9.90 -10.24
N SER D 91 14.39 9.50 -10.97
CA SER D 91 14.57 8.16 -11.54
C SER D 91 14.68 7.07 -10.47
N GLU D 92 15.32 7.37 -9.33
CA GLU D 92 15.57 6.45 -8.22
C GLU D 92 14.30 5.81 -7.61
N PHE D 93 13.15 6.53 -7.64
CA PHE D 93 11.89 6.04 -7.08
C PHE D 93 11.20 4.95 -7.91
N ALA D 94 11.83 4.48 -9.01
CA ALA D 94 11.30 3.45 -9.91
C ALA D 94 11.02 2.14 -9.18
N THR D 95 12.02 1.63 -8.41
CA THR D 95 11.94 0.39 -7.64
C THR D 95 11.04 0.53 -6.39
N LEU D 96 10.69 1.77 -6.02
CA LEU D 96 9.92 2.08 -4.82
C LEU D 96 8.40 2.05 -5.03
N THR D 97 7.92 1.91 -6.28
CA THR D 97 6.48 1.85 -6.59
C THR D 97 5.86 0.57 -5.97
N TYR D 98 6.63 -0.53 -5.93
CA TYR D 98 6.25 -1.85 -5.41
C TYR D 98 6.03 -1.82 -3.90
N LYS D 99 6.68 -0.88 -3.20
CA LYS D 99 6.56 -0.72 -1.74
C LYS D 99 5.16 -0.19 -1.39
N TYR D 100 4.61 0.69 -2.23
CA TYR D 100 3.32 1.35 -2.04
C TYR D 100 2.12 0.55 -2.56
N GLN D 101 2.36 -0.72 -2.99
CA GLN D 101 1.35 -1.68 -3.49
C GLN D 101 0.50 -1.13 -4.65
N VAL D 102 1.01 -0.10 -5.36
CA VAL D 102 0.35 0.52 -6.52
C VAL D 102 0.76 -0.28 -7.75
N SER D 103 -0.22 -0.76 -8.53
CA SER D 103 0.10 -1.52 -9.74
C SER D 103 0.21 -0.56 -10.91
N ALA D 104 1.34 0.13 -10.99
CA ALA D 104 1.61 1.10 -12.05
C ALA D 104 1.98 0.40 -13.36
N LEU D 105 1.44 0.91 -14.48
CA LEU D 105 1.71 0.36 -15.81
C LEU D 105 3.13 0.74 -16.26
N ASP D 106 3.48 2.04 -16.17
CA ASP D 106 4.79 2.56 -16.60
C ASP D 106 5.30 3.70 -15.72
N PHE D 107 6.63 3.77 -15.57
CA PHE D 107 7.39 4.79 -14.85
C PHE D 107 8.21 5.54 -15.90
N VAL D 108 7.86 6.81 -16.17
CA VAL D 108 8.50 7.62 -17.21
C VAL D 108 9.44 8.66 -16.60
N ASP D 109 10.67 8.72 -17.15
CA ASP D 109 11.71 9.68 -16.77
C ASP D 109 11.49 10.99 -17.51
N LYS D 110 11.72 12.13 -16.84
CA LYS D 110 11.52 13.44 -17.44
C LYS D 110 12.78 14.01 -18.11
N ASP D 111 13.98 13.53 -17.71
CA ASP D 111 15.26 14.02 -18.25
C ASP D 111 15.59 13.48 -19.66
N ILE D 112 14.84 12.46 -20.16
CA ILE D 112 15.04 11.87 -21.49
C ILE D 112 14.54 12.83 -22.59
N ASN D 113 15.05 12.68 -23.83
CA ASN D 113 14.69 13.52 -24.99
C ASN D 113 13.21 13.36 -25.38
N ASP D 114 12.62 14.43 -25.96
CA ASP D 114 11.22 14.50 -26.40
C ASP D 114 10.85 13.46 -27.47
N GLU D 115 11.85 12.93 -28.21
CA GLU D 115 11.66 11.90 -29.23
C GLU D 115 11.22 10.59 -28.58
N MSE D 116 11.96 10.13 -27.54
CA MSE D 116 11.67 8.91 -26.80
C MSE D 116 10.52 9.12 -25.81
O MSE D 116 9.86 8.14 -25.45
CB MSE D 116 12.91 8.39 -26.07
CG MSE D 116 13.98 7.86 -27.02
SE MSE D 116 15.59 7.28 -26.09
CE MSE D 116 16.87 7.39 -27.58
N PHE D 117 10.28 10.37 -25.38
CA PHE D 117 9.22 10.74 -24.45
C PHE D 117 7.84 10.58 -25.10
N LYS D 118 7.67 11.13 -26.32
CA LYS D 118 6.43 11.05 -27.11
C LYS D 118 6.08 9.58 -27.41
N LYS D 119 7.10 8.76 -27.72
CA LYS D 119 6.97 7.34 -28.02
C LYS D 119 6.58 6.55 -26.76
N ARG D 120 7.00 7.01 -25.56
CA ARG D 120 6.65 6.37 -24.29
C ARG D 120 5.27 6.79 -23.83
N ILE D 121 4.83 8.03 -24.20
CA ILE D 121 3.49 8.54 -23.91
C ILE D 121 2.48 7.79 -24.81
N GLU D 122 2.85 7.59 -26.09
CA GLU D 122 2.08 6.87 -27.11
C GLU D 122 1.68 5.47 -26.63
N GLN D 123 2.66 4.71 -26.08
CA GLN D 123 2.52 3.34 -25.57
C GLN D 123 1.44 3.24 -24.50
N ASN D 124 1.35 4.23 -23.60
CA ASN D 124 0.38 4.25 -22.52
C ASN D 124 -1.02 4.60 -23.03
N ILE D 125 -1.11 5.50 -24.03
CA ILE D 125 -2.40 5.88 -24.63
C ILE D 125 -2.91 4.70 -25.47
N PHE D 126 -2.02 4.04 -26.26
CA PHE D 126 -2.36 2.88 -27.08
C PHE D 126 -2.77 1.68 -26.20
N TYR D 127 -2.25 1.62 -24.96
CA TYR D 127 -2.60 0.57 -23.99
C TYR D 127 -4.03 0.78 -23.50
N THR D 128 -4.36 2.01 -23.04
CA THR D 128 -5.68 2.39 -22.52
C THR D 128 -6.78 2.20 -23.58
N LYS D 129 -6.48 2.49 -24.86
CA LYS D 129 -7.39 2.37 -25.99
C LYS D 129 -7.82 0.91 -26.20
N SER D 130 -6.85 -0.02 -26.28
CA SER D 130 -7.09 -1.45 -26.51
C SER D 130 -7.65 -2.17 -25.27
N MSE D 131 -7.60 -1.52 -24.10
CA MSE D 131 -8.07 -2.10 -22.84
C MSE D 131 -9.54 -1.77 -22.53
O MSE D 131 -10.35 -2.69 -22.39
CB MSE D 131 -7.18 -1.64 -21.67
CG MSE D 131 -5.93 -2.47 -21.52
SE MSE D 131 -6.26 -4.23 -20.77
CE MSE D 131 -6.82 -3.68 -18.94
N LEU D 132 -9.86 -0.46 -22.44
CA LEU D 132 -11.20 0.02 -22.10
C LEU D 132 -12.12 0.07 -23.30
N LEU D 133 -13.40 -0.30 -23.06
CA LEU D 133 -14.45 -0.30 -24.08
C LEU D 133 -14.91 1.13 -24.34
N GLU D 134 -14.99 1.50 -25.62
CA GLU D 134 -15.40 2.83 -26.05
C GLU D 134 -16.91 3.03 -25.86
N ASN D 135 -17.36 3.22 -24.61
CA ASN D 135 -18.77 3.44 -24.30
C ASN D 135 -19.03 4.93 -23.97
N GLU D 136 -20.21 5.24 -23.38
CA GLU D 136 -20.63 6.59 -22.99
C GLU D 136 -19.70 7.24 -21.95
N ASP D 137 -19.10 6.41 -21.06
CA ASP D 137 -18.22 6.85 -19.99
C ASP D 137 -16.81 7.25 -20.47
N VAL D 138 -16.41 6.88 -21.71
CA VAL D 138 -15.08 7.24 -22.21
C VAL D 138 -15.16 8.52 -23.07
N VAL D 139 -16.13 8.62 -24.00
CA VAL D 139 -16.33 9.80 -24.86
C VAL D 139 -17.83 10.06 -25.10
N ASP D 140 -18.17 11.33 -25.42
CA ASP D 140 -19.55 11.79 -25.68
C ASP D 140 -19.99 11.35 -27.09
N TYR D 141 -21.21 10.79 -27.21
CA TYR D 141 -21.73 10.26 -28.46
C TYR D 141 -22.98 11.00 -28.93
N PHE D 142 -23.16 11.07 -30.25
CA PHE D 142 -24.30 11.71 -30.88
C PHE D 142 -25.52 10.79 -30.85
N ASP D 143 -26.38 10.98 -29.82
CA ASP D 143 -27.60 10.21 -29.63
C ASP D 143 -28.75 10.93 -30.34
N TYR D 144 -29.17 10.41 -31.50
CA TYR D 144 -30.23 11.00 -32.32
C TYR D 144 -31.37 10.01 -32.57
N ASN D 145 -32.61 10.53 -32.57
CA ASN D 145 -33.83 9.78 -32.82
C ASN D 145 -34.79 10.63 -33.66
N TYR D 146 -35.30 10.06 -34.76
CA TYR D 146 -36.21 10.75 -35.66
C TYR D 146 -37.33 9.82 -36.14
N LYS D 147 -38.54 10.03 -35.60
CA LYS D 147 -39.80 9.30 -35.90
C LYS D 147 -39.62 7.76 -35.86
N GLY D 148 -38.97 7.27 -34.80
CA GLY D 148 -38.72 5.85 -34.59
C GLY D 148 -37.33 5.38 -34.98
N ASN D 149 -36.72 6.04 -35.98
CA ASN D 149 -35.37 5.72 -36.48
C ASN D 149 -34.32 6.32 -35.56
N ASP D 150 -33.41 5.48 -35.05
CA ASP D 150 -32.37 5.88 -34.09
C ASP D 150 -30.95 5.67 -34.63
N LEU D 151 -30.04 6.60 -34.29
CA LEU D 151 -28.62 6.59 -34.65
C LEU D 151 -27.79 7.06 -33.45
N LYS D 152 -26.87 6.20 -32.98
CA LYS D 152 -25.98 6.49 -31.86
C LYS D 152 -24.56 6.12 -32.27
N ILE D 153 -23.79 7.12 -32.74
CA ILE D 153 -22.40 6.92 -33.20
C ILE D 153 -21.45 8.02 -32.61
N PRO D 154 -20.13 7.73 -32.45
CA PRO D 154 -19.22 8.73 -31.87
C PRO D 154 -19.10 10.03 -32.65
N TYR D 155 -18.98 11.15 -31.91
CA TYR D 155 -18.87 12.50 -32.45
C TYR D 155 -17.58 12.70 -33.25
N HIS D 156 -16.43 12.20 -32.73
CA HIS D 156 -15.11 12.30 -33.37
C HIS D 156 -15.06 11.55 -34.72
N ASP D 157 -15.97 10.56 -34.91
CA ASP D 157 -16.08 9.77 -36.13
C ASP D 157 -16.79 10.57 -37.24
N ILE D 158 -17.59 11.58 -36.86
CA ILE D 158 -18.32 12.44 -37.80
C ILE D 158 -17.46 13.65 -38.21
N LEU D 159 -17.32 13.86 -39.52
CA LEU D 159 -16.63 15.01 -40.10
C LEU D 159 -17.69 16.04 -40.50
N TYR D 160 -18.67 15.59 -41.32
CA TYR D 160 -19.80 16.40 -41.80
C TYR D 160 -20.99 15.49 -42.20
N ILE D 161 -22.20 16.07 -42.22
CA ILE D 161 -23.42 15.35 -42.61
C ILE D 161 -23.86 15.88 -43.98
N GLU D 162 -23.79 15.00 -44.99
CA GLU D 162 -24.13 15.28 -46.39
C GLU D 162 -25.58 14.83 -46.70
N THR D 163 -26.34 15.70 -47.42
CA THR D 163 -27.72 15.41 -47.82
C THR D 163 -27.77 14.34 -48.90
N THR D 164 -28.87 13.57 -48.95
CA THR D 164 -29.04 12.52 -49.95
C THR D 164 -30.32 12.79 -50.78
N GLY D 165 -30.43 12.09 -51.91
CA GLY D 165 -31.54 12.20 -52.85
C GLY D 165 -32.93 11.87 -52.30
N VAL D 166 -33.00 10.88 -51.38
CA VAL D 166 -34.26 10.46 -50.75
C VAL D 166 -34.55 11.39 -49.55
N SER D 167 -35.82 11.86 -49.46
CA SER D 167 -36.32 12.76 -48.42
C SER D 167 -36.29 12.13 -47.02
N HIS D 168 -36.03 12.98 -46.00
CA HIS D 168 -35.93 12.64 -44.57
C HIS D 168 -34.83 11.61 -44.29
N LYS D 169 -33.73 11.69 -45.07
CA LYS D 169 -32.55 10.82 -44.93
C LYS D 169 -31.29 11.63 -45.16
N LEU D 170 -30.26 11.38 -44.34
CA LEU D 170 -28.97 12.07 -44.39
C LEU D 170 -27.80 11.07 -44.29
N ARG D 171 -26.57 11.49 -44.61
CA ARG D 171 -25.41 10.61 -44.57
C ARG D 171 -24.23 11.21 -43.78
N ILE D 172 -23.68 10.41 -42.84
CA ILE D 172 -22.51 10.74 -42.03
C ILE D 172 -21.26 10.43 -42.85
N ILE D 173 -20.31 11.36 -42.94
CA ILE D 173 -19.08 11.13 -43.69
C ILE D 173 -17.91 11.04 -42.71
N GLY D 174 -17.22 9.91 -42.75
CA GLY D 174 -16.06 9.62 -41.93
C GLY D 174 -14.79 9.49 -42.75
N LYS D 175 -13.63 9.37 -42.08
CA LYS D 175 -12.34 9.26 -42.76
C LYS D 175 -12.16 7.89 -43.44
N ASN D 176 -12.94 6.87 -43.01
CA ASN D 176 -12.88 5.52 -43.55
C ASN D 176 -14.27 4.98 -43.92
N PHE D 177 -15.33 5.49 -43.28
CA PHE D 177 -16.69 5.01 -43.47
C PHE D 177 -17.66 6.06 -44.04
N ALA D 178 -18.91 5.61 -44.28
CA ALA D 178 -20.07 6.37 -44.74
C ALA D 178 -21.34 5.65 -44.26
N LYS D 179 -22.07 6.26 -43.31
CA LYS D 179 -23.27 5.67 -42.71
C LYS D 179 -24.51 6.52 -43.02
N GLU D 180 -25.55 5.88 -43.59
CA GLU D 180 -26.83 6.51 -43.92
C GLU D 180 -27.82 6.35 -42.78
N PHE D 181 -28.53 7.44 -42.41
CA PHE D 181 -29.50 7.46 -41.30
C PHE D 181 -30.69 8.38 -41.61
N TYR D 182 -31.87 8.09 -41.04
CA TYR D 182 -33.07 8.89 -41.24
C TYR D 182 -33.09 10.10 -40.30
N GLY D 183 -33.35 11.28 -40.87
CA GLY D 183 -33.43 12.54 -40.14
C GLY D 183 -33.45 13.78 -41.01
N THR D 184 -33.71 14.94 -40.39
CA THR D 184 -33.76 16.25 -41.04
C THR D 184 -32.65 17.13 -40.44
N MSE D 185 -31.91 17.85 -41.31
CA MSE D 185 -30.81 18.75 -40.93
C MSE D 185 -31.28 19.90 -40.05
O MSE D 185 -30.51 20.39 -39.22
CB MSE D 185 -30.14 19.30 -42.19
CG MSE D 185 -28.76 18.72 -42.42
SE MSE D 185 -27.89 19.43 -44.02
CE MSE D 185 -27.82 21.36 -43.53
N THR D 186 -32.55 20.31 -40.22
CA THR D 186 -33.20 21.38 -39.45
C THR D 186 -33.50 20.88 -38.03
N ASP D 187 -33.87 19.58 -37.89
CA ASP D 187 -34.18 18.93 -36.61
C ASP D 187 -32.93 18.76 -35.75
N ILE D 188 -31.75 18.54 -36.38
CA ILE D 188 -30.46 18.37 -35.69
C ILE D 188 -30.05 19.72 -35.10
N GLN D 189 -30.14 20.82 -35.89
CA GLN D 189 -29.83 22.19 -35.49
C GLN D 189 -30.74 22.65 -34.34
N GLU D 190 -31.99 22.13 -34.32
CA GLU D 190 -33.02 22.41 -33.32
C GLU D 190 -32.66 21.76 -31.96
N LYS D 191 -31.93 20.64 -31.98
CA LYS D 191 -31.51 19.89 -30.79
C LYS D 191 -30.08 20.28 -30.36
N ASP D 192 -29.23 20.67 -31.33
CA ASP D 192 -27.84 21.08 -31.12
C ASP D 192 -27.75 22.61 -30.85
N LYS D 193 -28.89 23.25 -30.50
CA LYS D 193 -28.95 24.70 -30.21
C LYS D 193 -28.19 25.06 -28.92
N HIS D 194 -28.18 24.14 -27.93
CA HIS D 194 -27.47 24.31 -26.65
C HIS D 194 -26.16 23.54 -26.66
N THR D 195 -26.11 22.41 -27.40
CA THR D 195 -24.93 21.53 -27.55
C THR D 195 -23.85 22.26 -28.35
N GLN D 196 -24.24 22.83 -29.52
CA GLN D 196 -23.42 23.64 -30.46
C GLN D 196 -22.17 22.87 -30.93
N ARG D 197 -22.37 21.64 -31.42
CA ARG D 197 -21.29 20.77 -31.93
C ARG D 197 -21.34 20.71 -33.47
N PHE D 198 -22.46 21.17 -34.08
CA PHE D 198 -22.66 21.18 -35.53
C PHE D 198 -22.91 22.57 -36.06
N TYR D 199 -22.23 22.90 -37.17
CA TYR D 199 -22.35 24.17 -37.90
C TYR D 199 -22.86 23.90 -39.31
N SER D 200 -23.65 24.83 -39.88
CA SER D 200 -24.19 24.69 -41.23
C SER D 200 -23.47 25.64 -42.21
N PRO D 201 -22.39 25.19 -42.91
CA PRO D 201 -21.69 26.09 -43.84
C PRO D 201 -22.35 26.18 -45.22
N HIS D 202 -23.32 25.28 -45.47
CA HIS D 202 -24.06 25.16 -46.72
C HIS D 202 -25.48 24.64 -46.44
N LYS D 203 -26.41 24.86 -47.39
CA LYS D 203 -27.80 24.41 -47.32
C LYS D 203 -27.85 22.86 -47.30
N SER D 204 -26.90 22.20 -48.00
CA SER D 204 -26.80 20.74 -48.14
C SER D 204 -25.75 20.07 -47.20
N PHE D 205 -25.09 20.84 -46.30
CA PHE D 205 -24.08 20.28 -45.40
C PHE D 205 -24.21 20.78 -43.95
N LEU D 206 -23.79 19.91 -43.00
CA LEU D 206 -23.76 20.19 -41.56
C LEU D 206 -22.47 19.58 -40.98
N VAL D 207 -21.44 20.43 -40.83
CA VAL D 207 -20.07 20.07 -40.41
C VAL D 207 -19.90 20.05 -38.87
N ASN D 208 -19.11 19.06 -38.38
CA ASN D 208 -18.72 18.89 -36.97
C ASN D 208 -17.63 19.91 -36.65
N ILE D 209 -17.86 20.75 -35.62
CA ILE D 209 -16.99 21.84 -35.18
C ILE D 209 -15.59 21.36 -34.70
N GLY D 210 -15.52 20.16 -34.14
CA GLY D 210 -14.30 19.60 -33.57
C GLY D 210 -13.21 19.14 -34.51
N ASN D 211 -13.59 18.43 -35.60
CA ASN D 211 -12.63 17.84 -36.54
C ASN D 211 -12.09 18.80 -37.62
N ILE D 212 -12.48 20.10 -37.60
CA ILE D 212 -11.99 21.08 -38.58
C ILE D 212 -10.54 21.47 -38.26
N ARG D 213 -9.71 21.63 -39.33
CA ARG D 213 -8.30 22.03 -39.25
C ARG D 213 -8.11 23.43 -39.84
N GLU D 214 -8.58 23.65 -41.09
CA GLU D 214 -8.45 24.92 -41.82
C GLU D 214 -9.70 25.25 -42.65
N ILE D 215 -9.90 26.55 -42.93
CA ILE D 215 -10.98 27.07 -43.77
C ILE D 215 -10.34 27.72 -45.00
N ASP D 216 -10.43 27.03 -46.16
CA ASP D 216 -9.86 27.51 -47.42
C ASP D 216 -10.70 28.67 -47.97
N ARG D 217 -10.12 29.88 -48.01
CA ARG D 217 -10.80 31.08 -48.49
C ARG D 217 -10.75 31.18 -50.01
N LYS D 218 -9.67 30.64 -50.62
CA LYS D 218 -9.41 30.64 -52.06
C LYS D 218 -10.40 29.75 -52.81
N ASN D 219 -10.61 28.51 -52.35
CA ASN D 219 -11.48 27.52 -53.00
C ASN D 219 -12.87 27.38 -52.32
N LEU D 220 -13.12 28.17 -51.23
CA LEU D 220 -14.35 28.20 -50.42
C LEU D 220 -14.72 26.77 -49.92
N GLU D 221 -13.76 26.11 -49.26
CA GLU D 221 -13.93 24.75 -48.74
C GLU D 221 -13.47 24.62 -47.28
N ILE D 222 -13.89 23.54 -46.60
CA ILE D 222 -13.53 23.24 -45.20
C ILE D 222 -12.58 22.03 -45.19
N VAL D 223 -11.38 22.23 -44.61
CA VAL D 223 -10.33 21.20 -44.52
C VAL D 223 -10.34 20.59 -43.11
N PHE D 224 -10.33 19.25 -43.01
CA PHE D 224 -10.33 18.52 -41.74
C PHE D 224 -8.91 18.12 -41.34
N TYR D 225 -8.74 17.44 -40.17
CA TYR D 225 -7.43 17.02 -39.63
C TYR D 225 -6.65 16.13 -40.62
N GLU D 226 -7.37 15.34 -41.44
CA GLU D 226 -6.80 14.54 -42.52
C GLU D 226 -7.22 15.19 -43.85
N ASP D 227 -6.48 14.96 -44.95
CA ASP D 227 -6.80 15.54 -46.26
C ASP D 227 -8.10 14.95 -46.79
N HIS D 228 -9.23 15.55 -46.36
CA HIS D 228 -10.59 15.14 -46.66
C HIS D 228 -11.48 16.40 -46.81
N ARG D 229 -10.99 17.40 -47.55
CA ARG D 229 -11.71 18.65 -47.79
C ARG D 229 -12.78 18.42 -48.85
N CYS D 230 -14.02 18.19 -48.40
CA CYS D 230 -15.18 17.93 -49.26
C CYS D 230 -16.33 18.91 -48.98
N PRO D 231 -16.68 19.30 -47.71
CA PRO D 231 -17.80 20.24 -47.54
C PRO D 231 -17.45 21.63 -48.04
N ILE D 232 -18.48 22.37 -48.46
CA ILE D 232 -18.32 23.71 -49.03
C ILE D 232 -18.89 24.77 -48.09
N SER D 233 -18.13 25.85 -47.87
CA SER D 233 -18.52 27.01 -47.06
C SER D 233 -18.70 28.20 -47.99
N ARG D 234 -19.72 29.03 -47.73
CA ARG D 234 -19.99 30.22 -48.54
C ARG D 234 -19.51 31.49 -47.83
N LEU D 235 -19.17 32.56 -48.60
CA LEU D 235 -18.70 33.87 -48.10
C LEU D 235 -19.71 34.49 -47.11
N LYS D 236 -21.01 34.29 -47.37
CA LYS D 236 -22.17 34.75 -46.61
C LYS D 236 -22.19 34.19 -45.17
N ILE D 237 -21.66 32.96 -44.98
CA ILE D 237 -21.65 32.24 -43.71
C ILE D 237 -20.21 32.05 -43.14
N ARG D 238 -19.16 32.19 -43.99
CA ARG D 238 -17.74 32.02 -43.66
C ARG D 238 -17.23 32.91 -42.50
N LYS D 239 -17.83 34.11 -42.32
CA LYS D 239 -17.44 35.07 -41.28
C LYS D 239 -17.74 34.54 -39.86
N LEU D 240 -18.94 33.95 -39.65
CA LEU D 240 -19.36 33.39 -38.35
C LEU D 240 -18.58 32.13 -37.99
N LYS D 241 -18.17 31.33 -38.99
CA LYS D 241 -17.42 30.08 -38.80
C LYS D 241 -15.97 30.36 -38.39
N ASP D 242 -15.38 31.45 -38.92
CA ASP D 242 -14.00 31.87 -38.66
C ASP D 242 -13.82 32.34 -37.21
N ILE D 243 -14.78 33.10 -36.67
CA ILE D 243 -14.74 33.63 -35.30
C ILE D 243 -15.11 32.54 -34.27
N LEU D 244 -16.01 31.62 -34.64
CA LEU D 244 -16.46 30.51 -33.78
C LEU D 244 -15.35 29.48 -33.53
N GLU D 245 -14.42 29.34 -34.51
CA GLU D 245 -13.27 28.43 -34.46
C GLU D 245 -12.19 28.99 -33.52
N LYS D 246 -11.87 30.30 -33.65
CA LYS D 246 -10.86 30.99 -32.84
C LYS D 246 -11.29 31.10 -31.37
N LYS D 247 -12.61 31.29 -31.13
CA LYS D 247 -13.20 31.45 -29.80
C LYS D 247 -13.21 30.12 -29.03
N SER D 248 -13.83 29.07 -29.59
CA SER D 248 -13.95 27.75 -28.97
C SER D 248 -12.62 27.00 -28.88
N GLN D 249 -11.81 27.02 -29.96
CA GLN D 249 -10.53 26.31 -30.00
C GLN D 249 -9.36 27.32 -29.95
N LYS D 250 -8.81 27.51 -28.74
CA LYS D 250 -7.70 28.42 -28.47
C LYS D 250 -6.83 27.89 -27.34
N LYS E 2 -25.71 -24.12 25.19
CA LYS E 2 -26.43 -23.67 26.39
C LYS E 2 -27.90 -23.34 26.03
N VAL E 3 -28.83 -24.09 26.65
CA VAL E 3 -30.28 -23.97 26.44
C VAL E 3 -31.02 -24.18 27.80
N LEU E 4 -32.15 -23.47 27.99
CA LEU E 4 -32.94 -23.54 29.22
C LEU E 4 -34.36 -24.07 28.93
N ILE E 5 -34.77 -25.12 29.68
CA ILE E 5 -36.06 -25.78 29.52
C ILE E 5 -36.90 -25.65 30.81
N LEU E 6 -38.21 -25.37 30.64
CA LEU E 6 -39.18 -25.28 31.73
C LEU E 6 -40.28 -26.31 31.48
N GLU E 7 -40.30 -27.40 32.27
CA GLU E 7 -41.29 -28.47 32.13
C GLU E 7 -41.61 -29.13 33.48
N ASP E 8 -42.89 -29.08 33.87
CA ASP E 8 -43.42 -29.63 35.12
C ASP E 8 -43.64 -31.15 35.02
N VAL E 9 -44.09 -31.64 33.85
CA VAL E 9 -44.35 -33.07 33.60
C VAL E 9 -43.02 -33.76 33.30
N ILE E 10 -42.70 -34.82 34.07
CA ILE E 10 -41.47 -35.60 33.98
C ILE E 10 -41.42 -36.36 32.62
N GLU E 11 -42.58 -36.87 32.16
CA GLU E 11 -42.76 -37.63 30.91
C GLU E 11 -42.19 -36.86 29.69
N HIS E 12 -42.62 -35.59 29.51
CA HIS E 12 -42.18 -34.73 28.41
C HIS E 12 -40.76 -34.21 28.62
N GLN E 13 -40.35 -34.05 29.90
CA GLN E 13 -39.03 -33.56 30.30
C GLN E 13 -37.95 -34.50 29.76
N VAL E 14 -38.16 -35.82 29.91
CA VAL E 14 -37.29 -36.90 29.44
C VAL E 14 -37.29 -36.92 27.91
N ARG E 15 -38.47 -36.69 27.29
CA ARG E 15 -38.67 -36.67 25.84
C ARG E 15 -37.82 -35.60 25.14
N LEU E 16 -37.84 -34.34 25.65
CA LEU E 16 -37.09 -33.24 25.05
C LEU E 16 -35.58 -33.35 25.29
N GLU E 17 -35.16 -33.83 26.49
CA GLU E 17 -33.74 -34.01 26.83
C GLU E 17 -33.09 -35.06 25.92
N ARG E 18 -33.81 -36.15 25.62
CA ARG E 18 -33.39 -37.26 24.76
C ARG E 18 -33.19 -36.81 23.31
N ILE E 19 -34.15 -36.04 22.74
CA ILE E 19 -34.11 -35.53 21.37
C ILE E 19 -32.97 -34.50 21.24
N LEU E 20 -32.74 -33.68 22.28
CA LEU E 20 -31.66 -32.69 22.34
C LEU E 20 -30.28 -33.36 22.25
N ASP E 21 -30.11 -34.52 22.91
CA ASP E 21 -28.88 -35.30 22.87
C ASP E 21 -28.70 -35.98 21.51
N GLU E 22 -29.83 -36.34 20.86
CA GLU E 22 -29.85 -36.99 19.55
C GLU E 22 -29.41 -36.02 18.43
N ILE E 23 -29.84 -34.74 18.51
CA ILE E 23 -29.47 -33.71 17.53
C ILE E 23 -27.98 -33.35 17.69
N SER E 24 -27.51 -33.22 18.95
CA SER E 24 -26.14 -32.87 19.32
C SER E 24 -25.07 -33.81 18.72
N LYS E 25 -25.42 -35.10 18.54
CA LYS E 25 -24.52 -36.11 17.98
C LYS E 25 -24.69 -36.22 16.46
N GLU E 26 -25.91 -35.99 15.94
CA GLU E 26 -26.25 -36.09 14.51
C GLU E 26 -25.76 -34.85 13.72
N SER E 27 -26.09 -33.64 14.20
CA SER E 27 -25.70 -32.38 13.53
C SER E 27 -24.29 -31.92 13.95
N ASN E 28 -23.65 -32.65 14.90
CA ASN E 28 -22.30 -32.47 15.43
C ASN E 28 -22.09 -31.07 16.06
N ILE E 29 -23.02 -30.65 16.96
CA ILE E 29 -22.94 -29.37 17.67
C ILE E 29 -23.26 -29.59 19.17
N PRO E 30 -22.43 -29.09 20.13
CA PRO E 30 -22.72 -29.33 21.56
C PRO E 30 -23.93 -28.54 22.07
N ILE E 31 -24.79 -29.22 22.87
CA ILE E 31 -25.99 -28.64 23.45
C ILE E 31 -26.04 -28.99 24.95
N SER E 32 -25.97 -27.95 25.82
CA SER E 32 -26.03 -28.09 27.29
C SER E 32 -27.40 -27.64 27.78
N TYR E 33 -28.08 -28.46 28.59
CA TYR E 33 -29.43 -28.13 29.06
C TYR E 33 -29.58 -28.13 30.59
N LYS E 34 -30.49 -27.29 31.09
CA LYS E 34 -30.90 -27.12 32.48
C LYS E 34 -32.43 -27.11 32.53
N THR E 35 -33.04 -28.13 33.16
CA THR E 35 -34.50 -28.24 33.22
C THR E 35 -35.03 -28.32 34.66
N THR E 36 -36.14 -27.61 34.93
CA THR E 36 -36.81 -27.55 36.24
C THR E 36 -38.32 -27.29 36.05
N GLY E 37 -39.13 -27.99 36.83
CA GLY E 37 -40.58 -27.83 36.85
C GLY E 37 -41.02 -26.72 37.78
N LYS E 38 -40.15 -26.36 38.74
CA LYS E 38 -40.37 -25.30 39.71
C LYS E 38 -39.95 -23.95 39.13
N VAL E 39 -40.83 -22.94 39.30
CA VAL E 39 -40.65 -21.56 38.80
C VAL E 39 -39.51 -20.87 39.56
N ARG E 40 -39.47 -21.01 40.90
CA ARG E 40 -38.48 -20.41 41.81
C ARG E 40 -37.03 -20.79 41.43
N GLU E 41 -36.78 -22.06 41.07
CA GLU E 41 -35.45 -22.54 40.68
C GLU E 41 -35.12 -22.10 39.24
N PHE E 42 -36.14 -21.96 38.38
CA PHE E 42 -35.95 -21.54 36.99
C PHE E 42 -35.74 -20.02 36.89
N GLU E 43 -36.26 -19.24 37.86
CA GLU E 43 -36.11 -17.78 37.92
C GLU E 43 -34.64 -17.38 38.08
N GLU E 44 -33.88 -18.17 38.87
CA GLU E 44 -32.45 -17.99 39.12
C GLU E 44 -31.64 -18.34 37.87
N TYR E 45 -32.15 -19.26 37.03
CA TYR E 45 -31.53 -19.70 35.78
C TYR E 45 -31.57 -18.57 34.74
N ILE E 46 -32.65 -17.76 34.77
CA ILE E 46 -32.87 -16.59 33.88
C ILE E 46 -31.85 -15.50 34.26
N GLU E 47 -31.58 -15.33 35.57
CA GLU E 47 -30.64 -14.35 36.10
C GLU E 47 -29.21 -14.63 35.62
N ASN E 48 -28.82 -15.92 35.55
CA ASN E 48 -27.49 -16.36 35.13
C ASN E 48 -27.52 -17.00 33.73
N ASP E 49 -28.35 -16.46 32.81
CA ASP E 49 -28.46 -16.97 31.44
C ASP E 49 -27.41 -16.31 30.51
N GLU E 50 -27.44 -16.67 29.21
CA GLU E 50 -26.56 -16.12 28.18
C GLU E 50 -27.21 -14.87 27.56
N VAL E 51 -26.57 -14.27 26.54
CA VAL E 51 -27.09 -13.08 25.87
C VAL E 51 -28.25 -13.46 24.94
N ASN E 52 -27.99 -14.30 23.93
CA ASN E 52 -28.99 -14.75 22.95
C ASN E 52 -29.45 -16.19 23.30
N GLN E 53 -29.95 -16.37 24.53
CA GLN E 53 -30.39 -17.67 25.07
C GLN E 53 -31.64 -18.22 24.40
N LEU E 54 -31.64 -19.54 24.14
CA LEU E 54 -32.74 -20.28 23.57
C LEU E 54 -33.58 -20.88 24.71
N TYR E 55 -34.91 -20.71 24.65
CA TYR E 55 -35.81 -21.18 25.70
C TYR E 55 -36.88 -22.14 25.17
N PHE E 56 -37.13 -23.22 25.91
CA PHE E 56 -38.16 -24.21 25.61
C PHE E 56 -39.11 -24.23 26.80
N LEU E 57 -40.12 -23.35 26.74
CA LEU E 57 -41.08 -23.08 27.80
C LEU E 57 -42.45 -23.74 27.58
N ALA E 58 -43.01 -24.27 28.68
CA ALA E 58 -44.36 -24.84 28.73
C ALA E 58 -45.33 -23.71 29.06
N ILE E 59 -46.65 -23.95 29.09
CA ILE E 59 -47.63 -22.91 29.40
C ILE E 59 -48.46 -23.31 30.63
N ASP E 60 -49.05 -24.52 30.62
CA ASP E 60 -49.84 -25.03 31.75
C ASP E 60 -48.88 -25.76 32.71
N ILE E 61 -48.39 -25.03 33.74
CA ILE E 61 -47.42 -25.54 34.73
C ILE E 61 -48.03 -25.53 36.14
N HIS E 62 -47.97 -26.70 36.82
CA HIS E 62 -48.44 -26.98 38.19
C HIS E 62 -49.87 -26.48 38.44
N GLY E 63 -50.76 -26.81 37.52
CA GLY E 63 -52.18 -26.44 37.57
C GLY E 63 -52.51 -25.02 37.19
N ILE E 64 -51.49 -24.17 36.98
CA ILE E 64 -51.68 -22.75 36.62
C ILE E 64 -51.51 -22.59 35.11
N GLU E 65 -52.62 -22.32 34.42
CA GLU E 65 -52.65 -22.09 32.98
C GLU E 65 -52.16 -20.67 32.68
N LYS E 66 -51.52 -20.50 31.52
CA LYS E 66 -50.94 -19.23 31.03
C LYS E 66 -49.80 -18.72 31.95
N LYS E 67 -49.25 -19.59 32.81
CA LYS E 67 -48.14 -19.28 33.72
C LYS E 67 -46.84 -19.19 32.93
N GLY E 68 -46.77 -19.95 31.83
CA GLY E 68 -45.63 -19.97 30.93
C GLY E 68 -45.48 -18.68 30.15
N PHE E 69 -46.60 -17.95 29.98
CA PHE E 69 -46.64 -16.65 29.32
C PHE E 69 -46.09 -15.58 30.27
N GLU E 70 -46.43 -15.70 31.58
CA GLU E 70 -45.99 -14.79 32.65
C GLU E 70 -44.47 -14.76 32.77
N VAL E 71 -43.84 -15.95 32.71
CA VAL E 71 -42.38 -16.10 32.79
C VAL E 71 -41.75 -15.65 31.46
N ALA E 72 -42.40 -15.92 30.31
CA ALA E 72 -41.93 -15.49 28.98
C ALA E 72 -41.86 -13.96 28.92
N GLN E 73 -42.81 -13.28 29.59
CA GLN E 73 -42.88 -11.83 29.72
C GLN E 73 -41.70 -11.33 30.56
N LEU E 74 -41.40 -12.03 31.66
CA LEU E 74 -40.31 -11.73 32.59
C LEU E 74 -38.95 -11.96 31.92
N ILE E 75 -38.86 -12.95 31.01
CA ILE E 75 -37.65 -13.27 30.24
C ILE E 75 -37.44 -12.16 29.18
N ARG E 76 -38.52 -11.72 28.51
CA ARG E 76 -38.50 -10.67 27.50
C ARG E 76 -38.13 -9.31 28.11
N HIS E 77 -38.68 -9.00 29.31
CA HIS E 77 -38.44 -7.75 30.05
C HIS E 77 -36.96 -7.58 30.41
N TYR E 78 -36.33 -8.65 30.91
CA TYR E 78 -34.94 -8.63 31.31
C TYR E 78 -34.02 -8.80 30.09
N ASN E 79 -34.22 -9.88 29.31
CA ASN E 79 -33.40 -10.14 28.13
C ASN E 79 -34.19 -9.79 26.85
N PRO E 80 -33.83 -8.68 26.16
CA PRO E 80 -34.53 -8.34 24.91
C PRO E 80 -33.91 -9.04 23.69
N TYR E 81 -33.09 -10.09 23.93
CA TYR E 81 -32.40 -10.86 22.90
C TYR E 81 -32.61 -12.37 23.03
N ALA E 82 -33.29 -12.81 24.11
CA ALA E 82 -33.58 -14.23 24.35
C ALA E 82 -34.59 -14.78 23.35
N ILE E 83 -34.24 -15.89 22.68
CA ILE E 83 -35.11 -16.56 21.70
C ILE E 83 -36.08 -17.45 22.51
N ILE E 84 -37.40 -17.16 22.39
CA ILE E 84 -38.44 -17.89 23.13
C ILE E 84 -39.20 -18.83 22.19
N VAL E 85 -39.17 -20.13 22.53
CA VAL E 85 -39.86 -21.20 21.80
C VAL E 85 -40.80 -21.89 22.81
N PHE E 86 -42.09 -22.01 22.45
CA PHE E 86 -43.09 -22.62 23.32
C PHE E 86 -43.34 -24.09 22.99
N ILE E 87 -43.48 -24.92 24.05
CA ILE E 87 -43.76 -26.37 23.96
C ILE E 87 -44.87 -26.71 24.97
N THR E 88 -46.13 -26.77 24.49
CA THR E 88 -47.29 -27.06 25.34
C THR E 88 -48.25 -28.08 24.70
N SER E 89 -49.16 -28.64 25.52
CA SER E 89 -50.18 -29.59 25.09
C SER E 89 -51.46 -28.86 24.63
N ARG E 90 -51.68 -27.62 25.13
CA ARG E 90 -52.81 -26.75 24.81
C ARG E 90 -52.47 -25.88 23.58
N SER E 91 -52.71 -26.45 22.38
CA SER E 91 -52.43 -25.86 21.06
C SER E 91 -53.30 -24.63 20.75
N GLU E 92 -54.47 -24.50 21.40
CA GLU E 92 -55.42 -23.40 21.20
C GLU E 92 -54.85 -22.03 21.62
N PHE E 93 -53.79 -22.02 22.45
CA PHE E 93 -53.17 -20.80 22.99
C PHE E 93 -52.17 -20.11 22.03
N ALA E 94 -52.09 -20.55 20.76
CA ALA E 94 -51.19 -19.99 19.75
C ALA E 94 -51.53 -18.53 19.37
N THR E 95 -52.78 -18.10 19.63
CA THR E 95 -53.28 -16.75 19.34
C THR E 95 -53.02 -15.76 20.49
N LEU E 96 -52.82 -16.28 21.71
CA LEU E 96 -52.62 -15.52 22.95
C LEU E 96 -51.22 -14.89 23.10
N THR E 97 -50.20 -15.46 22.43
CA THR E 97 -48.78 -15.06 22.50
C THR E 97 -48.55 -13.56 22.25
N TYR E 98 -49.17 -12.97 21.20
CA TYR E 98 -49.01 -11.57 20.80
C TYR E 98 -49.50 -10.59 21.88
N LYS E 99 -50.55 -10.98 22.61
CA LYS E 99 -51.19 -10.21 23.69
C LYS E 99 -50.25 -9.98 24.88
N TYR E 100 -49.25 -10.88 25.05
CA TYR E 100 -48.27 -10.81 26.13
C TYR E 100 -47.01 -10.01 25.71
N GLN E 101 -47.04 -9.37 24.51
CA GLN E 101 -45.97 -8.52 23.92
C GLN E 101 -44.62 -9.26 23.79
N VAL E 102 -44.64 -10.60 23.86
CA VAL E 102 -43.44 -11.45 23.73
C VAL E 102 -43.23 -11.80 22.24
N SER E 103 -42.00 -11.58 21.75
CA SER E 103 -41.65 -11.86 20.36
C SER E 103 -41.12 -13.31 20.25
N ALA E 104 -42.04 -14.28 20.41
CA ALA E 104 -41.75 -15.72 20.37
C ALA E 104 -41.42 -16.20 18.96
N LEU E 105 -40.51 -17.17 18.86
CA LEU E 105 -40.06 -17.75 17.59
C LEU E 105 -41.03 -18.81 17.08
N ASP E 106 -41.43 -19.78 17.93
CA ASP E 106 -42.29 -20.88 17.52
C ASP E 106 -43.21 -21.39 18.64
N PHE E 107 -44.31 -22.05 18.22
CA PHE E 107 -45.31 -22.70 19.06
C PHE E 107 -45.36 -24.18 18.63
N VAL E 108 -44.70 -25.06 19.42
CA VAL E 108 -44.59 -26.49 19.13
C VAL E 108 -45.56 -27.27 20.04
N ASP E 109 -46.40 -28.14 19.43
CA ASP E 109 -47.37 -28.99 20.13
C ASP E 109 -46.68 -30.31 20.49
N LYS E 110 -46.69 -30.66 21.79
CA LYS E 110 -46.06 -31.89 22.31
C LYS E 110 -46.89 -33.16 22.04
N ASP E 111 -48.17 -33.02 21.63
CA ASP E 111 -49.06 -34.15 21.35
C ASP E 111 -48.74 -34.85 20.02
N ILE E 112 -47.93 -34.21 19.14
CA ILE E 112 -47.53 -34.77 17.83
C ILE E 112 -46.47 -35.88 18.06
N ASN E 113 -46.36 -36.85 17.11
CA ASN E 113 -45.43 -37.98 17.14
C ASN E 113 -43.95 -37.54 17.21
N ASP E 114 -43.09 -38.43 17.76
CA ASP E 114 -41.66 -38.24 17.99
C ASP E 114 -40.84 -37.90 16.72
N GLU E 115 -41.25 -38.40 15.53
CA GLU E 115 -40.53 -38.12 14.28
C GLU E 115 -40.75 -36.66 13.84
N MSE E 116 -41.97 -36.14 14.05
CA MSE E 116 -42.33 -34.76 13.70
C MSE E 116 -41.84 -33.79 14.77
O MSE E 116 -41.37 -32.70 14.42
CB MSE E 116 -43.84 -34.62 13.50
CG MSE E 116 -44.31 -35.14 12.16
SE MSE E 116 -46.23 -34.87 11.85
CE MSE E 116 -46.24 -32.92 11.63
N PHE E 117 -41.92 -34.18 16.06
CA PHE E 117 -41.49 -33.39 17.22
C PHE E 117 -39.97 -33.12 17.18
N LYS E 118 -39.19 -34.06 16.64
CA LYS E 118 -37.73 -33.96 16.49
C LYS E 118 -37.39 -32.89 15.44
N LYS E 119 -38.05 -32.96 14.26
CA LYS E 119 -37.86 -32.04 13.13
C LYS E 119 -38.31 -30.60 13.46
N ARG E 120 -39.34 -30.44 14.30
CA ARG E 120 -39.88 -29.13 14.70
C ARG E 120 -38.91 -28.37 15.60
N ILE E 121 -38.40 -29.02 16.67
CA ILE E 121 -37.47 -28.40 17.62
C ILE E 121 -36.07 -28.27 16.98
N GLU E 122 -35.80 -29.01 15.88
CA GLU E 122 -34.55 -28.95 15.11
C GLU E 122 -34.44 -27.58 14.44
N GLN E 123 -35.56 -27.11 13.85
CA GLN E 123 -35.70 -25.82 13.17
C GLN E 123 -35.31 -24.65 14.07
N ASN E 124 -35.71 -24.73 15.36
CA ASN E 124 -35.44 -23.72 16.38
C ASN E 124 -33.97 -23.74 16.81
N ILE E 125 -33.33 -24.93 16.78
CA ILE E 125 -31.92 -25.12 17.14
C ILE E 125 -31.05 -24.69 15.95
N PHE E 126 -31.42 -25.09 14.71
CA PHE E 126 -30.70 -24.74 13.48
C PHE E 126 -30.80 -23.26 13.12
N TYR E 127 -31.90 -22.57 13.52
CA TYR E 127 -32.09 -21.14 13.26
C TYR E 127 -31.16 -20.32 14.17
N THR E 128 -31.10 -20.70 15.46
CA THR E 128 -30.27 -20.05 16.49
C THR E 128 -28.79 -20.22 16.14
N LYS E 129 -28.38 -21.45 15.76
CA LYS E 129 -27.01 -21.83 15.42
C LYS E 129 -26.49 -21.03 14.20
N SER E 130 -27.10 -21.24 13.02
CA SER E 130 -26.66 -20.60 11.77
C SER E 130 -27.26 -19.20 11.58
N MSE E 131 -28.45 -19.09 10.95
CA MSE E 131 -29.21 -17.90 10.58
C MSE E 131 -28.95 -16.66 11.46
O MSE E 131 -28.76 -15.56 10.92
CB MSE E 131 -30.72 -18.22 10.60
CG MSE E 131 -31.55 -17.37 9.62
SE MSE E 131 -32.03 -18.32 7.98
CE MSE E 131 -33.32 -19.61 8.70
N LEU E 132 -28.91 -16.83 12.80
CA LEU E 132 -28.70 -15.72 13.73
C LEU E 132 -27.20 -15.41 13.96
N LEU E 133 -26.47 -16.27 14.72
CA LEU E 133 -25.07 -16.10 15.13
C LEU E 133 -24.06 -16.06 13.97
N GLU E 134 -24.27 -16.88 12.91
CA GLU E 134 -23.37 -16.94 11.76
C GLU E 134 -24.04 -16.30 10.54
N ASN E 135 -23.67 -15.04 10.22
CA ASN E 135 -24.24 -14.30 9.09
C ASN E 135 -23.18 -13.42 8.41
N GLU E 136 -23.33 -13.22 7.07
CA GLU E 136 -22.42 -12.44 6.21
C GLU E 136 -23.12 -11.21 5.63
N ASP E 137 -24.41 -11.35 5.26
CA ASP E 137 -25.26 -10.32 4.65
C ASP E 137 -25.64 -9.19 5.62
N VAL E 138 -25.56 -9.45 6.94
CA VAL E 138 -25.90 -8.50 8.01
C VAL E 138 -24.80 -7.40 8.16
N VAL E 139 -25.23 -6.15 8.44
CA VAL E 139 -24.34 -4.98 8.63
C VAL E 139 -24.52 -4.38 10.03
N ASP E 140 -23.56 -3.52 10.47
CA ASP E 140 -23.46 -2.80 11.75
C ASP E 140 -23.97 -3.64 12.95
N TYR E 141 -23.65 -4.94 12.94
CA TYR E 141 -23.98 -5.93 13.97
C TYR E 141 -22.70 -6.42 14.62
N PHE E 142 -22.62 -6.30 15.96
CA PHE E 142 -21.43 -6.69 16.70
C PHE E 142 -21.45 -8.19 17.02
N ASP E 143 -20.65 -8.96 16.25
CA ASP E 143 -20.50 -10.40 16.42
C ASP E 143 -19.17 -10.68 17.12
N TYR E 144 -19.24 -11.32 18.29
CA TYR E 144 -18.07 -11.62 19.10
C TYR E 144 -18.11 -13.07 19.59
N ASN E 145 -17.04 -13.82 19.29
CA ASN E 145 -16.90 -15.22 19.70
C ASN E 145 -15.61 -15.39 20.49
N TYR E 146 -15.74 -15.79 21.76
CA TYR E 146 -14.60 -16.00 22.65
C TYR E 146 -14.66 -17.39 23.25
N LYS E 147 -13.76 -18.28 22.76
CA LYS E 147 -13.57 -19.68 23.17
C LYS E 147 -14.91 -20.45 23.20
N GLY E 148 -15.62 -20.44 22.08
CA GLY E 148 -16.90 -21.12 21.91
C GLY E 148 -18.10 -20.24 22.22
N ASN E 149 -17.99 -19.39 23.25
CA ASN E 149 -19.05 -18.49 23.69
C ASN E 149 -19.26 -17.39 22.64
N ASP E 150 -20.46 -17.39 22.04
CA ASP E 150 -20.89 -16.48 20.97
C ASP E 150 -21.79 -15.36 21.48
N LEU E 151 -21.78 -14.21 20.77
CA LEU E 151 -22.56 -13.01 21.06
C LEU E 151 -22.82 -12.25 19.76
N LYS E 152 -24.10 -11.87 19.51
CA LYS E 152 -24.47 -11.10 18.32
C LYS E 152 -25.67 -10.20 18.62
N ILE E 153 -25.39 -8.91 18.89
CA ILE E 153 -26.40 -7.87 19.15
C ILE E 153 -26.05 -6.62 18.29
N PRO E 154 -27.02 -5.74 17.92
CA PRO E 154 -26.66 -4.59 17.06
C PRO E 154 -25.77 -3.56 17.74
N TYR E 155 -25.00 -2.81 16.95
CA TYR E 155 -24.09 -1.76 17.43
C TYR E 155 -24.90 -0.56 17.98
N HIS E 156 -26.12 -0.35 17.44
CA HIS E 156 -27.05 0.72 17.81
C HIS E 156 -27.45 0.62 19.29
N ASP E 157 -27.69 -0.60 19.78
CA ASP E 157 -28.15 -0.85 21.15
C ASP E 157 -27.01 -0.85 22.18
N ILE E 158 -25.74 -0.95 21.75
CA ILE E 158 -24.59 -0.94 22.67
C ILE E 158 -24.19 0.49 23.04
N LEU E 159 -24.07 0.75 24.35
CA LEU E 159 -23.59 2.03 24.84
C LEU E 159 -22.11 1.89 25.23
N TYR E 160 -21.80 0.96 26.17
CA TYR E 160 -20.45 0.67 26.64
C TYR E 160 -20.33 -0.73 27.28
N ILE E 161 -19.11 -1.29 27.26
CA ILE E 161 -18.76 -2.59 27.85
C ILE E 161 -17.76 -2.34 29.00
N GLU E 162 -18.10 -2.81 30.22
CA GLU E 162 -17.25 -2.61 31.41
C GLU E 162 -16.78 -3.94 32.02
N THR E 163 -15.57 -3.93 32.64
CA THR E 163 -14.98 -5.10 33.30
C THR E 163 -15.73 -5.44 34.59
N THR E 164 -15.67 -6.72 35.00
CA THR E 164 -16.34 -7.24 36.21
C THR E 164 -15.30 -7.77 37.22
N GLY E 165 -15.77 -8.16 38.40
CA GLY E 165 -14.95 -8.71 39.48
C GLY E 165 -14.51 -10.15 39.27
N VAL E 166 -15.23 -10.89 38.39
CA VAL E 166 -14.96 -12.30 38.05
C VAL E 166 -14.11 -12.36 36.75
N SER E 167 -13.12 -13.27 36.74
CA SER E 167 -12.15 -13.50 35.65
C SER E 167 -12.83 -13.92 34.32
N HIS E 168 -12.29 -13.40 33.19
CA HIS E 168 -12.72 -13.63 31.80
C HIS E 168 -14.22 -13.30 31.59
N LYS E 169 -14.71 -12.23 32.26
CA LYS E 169 -16.10 -11.81 32.17
C LYS E 169 -16.23 -10.30 32.02
N LEU E 170 -17.15 -9.86 31.15
CA LEU E 170 -17.47 -8.46 30.87
C LEU E 170 -18.99 -8.24 30.88
N ARG E 171 -19.43 -6.98 31.03
CA ARG E 171 -20.86 -6.64 31.05
C ARG E 171 -21.19 -5.62 29.97
N ILE E 172 -22.19 -5.93 29.14
CA ILE E 172 -22.66 -5.04 28.06
C ILE E 172 -23.87 -4.24 28.59
N ILE E 173 -23.88 -2.92 28.34
CA ILE E 173 -24.94 -2.03 28.84
C ILE E 173 -25.53 -1.18 27.71
N GLY E 174 -26.86 -1.18 27.65
CA GLY E 174 -27.66 -0.43 26.69
C GLY E 174 -28.89 0.18 27.37
N LYS E 175 -29.85 0.64 26.55
CA LYS E 175 -31.08 1.24 27.04
C LYS E 175 -31.99 0.16 27.63
N ASN E 176 -32.35 0.32 28.93
CA ASN E 176 -33.24 -0.55 29.72
C ASN E 176 -32.77 -2.04 29.72
N PHE E 177 -31.44 -2.27 29.62
CA PHE E 177 -30.85 -3.62 29.60
C PHE E 177 -29.36 -3.58 30.03
N ALA E 178 -28.93 -4.65 30.74
CA ALA E 178 -27.57 -4.90 31.22
C ALA E 178 -27.35 -6.40 31.29
N LYS E 179 -26.35 -6.93 30.56
CA LYS E 179 -26.11 -8.38 30.49
C LYS E 179 -24.63 -8.73 30.60
N GLU E 180 -24.33 -9.80 31.37
CA GLU E 180 -22.98 -10.34 31.59
C GLU E 180 -22.63 -11.36 30.51
N PHE E 181 -21.38 -11.33 30.01
CA PHE E 181 -20.90 -12.23 28.98
C PHE E 181 -19.42 -12.60 29.18
N TYR E 182 -18.99 -13.73 28.56
CA TYR E 182 -17.61 -14.20 28.64
C TYR E 182 -16.73 -13.49 27.60
N GLY E 183 -15.57 -13.04 28.06
CA GLY E 183 -14.60 -12.33 27.21
C GLY E 183 -13.65 -11.43 27.95
N THR E 184 -12.66 -10.88 27.23
CA THR E 184 -11.65 -9.95 27.75
C THR E 184 -11.63 -8.69 26.90
N MSE E 185 -11.51 -7.53 27.58
CA MSE E 185 -11.48 -6.18 26.97
C MSE E 185 -10.37 -6.02 25.93
O MSE E 185 -10.56 -5.31 24.94
CB MSE E 185 -11.33 -5.13 28.07
CG MSE E 185 -12.12 -3.86 27.79
SE MSE E 185 -11.99 -2.56 29.24
CE MSE E 185 -10.14 -1.93 28.95
N THR E 186 -9.21 -6.66 26.16
CA THR E 186 -8.06 -6.62 25.26
C THR E 186 -8.36 -7.36 23.94
N ASP E 187 -9.15 -8.46 23.99
CA ASP E 187 -9.50 -9.28 22.83
C ASP E 187 -10.46 -8.55 21.87
N ILE E 188 -11.35 -7.69 22.41
CA ILE E 188 -12.31 -6.91 21.61
C ILE E 188 -11.54 -5.86 20.81
N GLN E 189 -10.60 -5.14 21.46
CA GLN E 189 -9.75 -4.10 20.86
C GLN E 189 -8.87 -4.66 19.74
N GLU E 190 -8.43 -5.93 19.86
CA GLU E 190 -7.63 -6.63 18.86
C GLU E 190 -8.47 -6.96 17.62
N LYS E 191 -9.77 -7.22 17.82
CA LYS E 191 -10.74 -7.55 16.77
C LYS E 191 -11.37 -6.28 16.16
N ASP E 192 -11.24 -5.14 16.86
CA ASP E 192 -11.79 -3.84 16.43
C ASP E 192 -10.64 -2.86 16.09
N LYS E 193 -9.52 -3.38 15.54
CA LYS E 193 -8.37 -2.57 15.15
C LYS E 193 -8.55 -1.97 13.76
N HIS E 194 -9.31 -2.66 12.88
CA HIS E 194 -9.57 -2.22 11.51
C HIS E 194 -10.96 -1.58 11.37
N THR E 195 -11.94 -2.11 12.13
CA THR E 195 -13.33 -1.62 12.13
C THR E 195 -13.39 -0.26 12.85
N GLN E 196 -12.75 -0.17 14.05
CA GLN E 196 -12.64 1.00 14.92
C GLN E 196 -14.02 1.61 15.25
N ARG E 197 -14.78 0.89 16.09
CA ARG E 197 -16.12 1.26 16.54
C ARG E 197 -16.12 1.50 18.05
N PHE E 198 -15.19 0.85 18.78
CA PHE E 198 -15.06 0.97 20.23
C PHE E 198 -13.84 1.80 20.61
N TYR E 199 -13.90 2.44 21.78
CA TYR E 199 -12.85 3.28 22.34
C TYR E 199 -12.72 3.02 23.83
N SER E 200 -11.48 3.06 24.38
CA SER E 200 -11.25 2.83 25.80
C SER E 200 -10.95 4.16 26.53
N PRO E 201 -11.96 4.78 27.18
CA PRO E 201 -11.70 6.05 27.88
C PRO E 201 -11.07 5.86 29.27
N HIS E 202 -11.30 4.69 29.88
CA HIS E 202 -10.84 4.31 31.20
C HIS E 202 -10.21 2.90 31.15
N LYS E 203 -9.56 2.47 32.24
CA LYS E 203 -8.95 1.15 32.34
C LYS E 203 -10.03 0.06 32.51
N SER E 204 -11.26 0.46 32.90
CA SER E 204 -12.40 -0.42 33.14
C SER E 204 -13.61 -0.12 32.21
N PHE E 205 -13.42 0.71 31.15
CA PHE E 205 -14.50 1.07 30.23
C PHE E 205 -14.12 0.95 28.75
N LEU E 206 -15.11 0.59 27.91
CA LEU E 206 -15.00 0.43 26.47
C LEU E 206 -16.30 0.96 25.82
N VAL E 207 -16.28 2.25 25.43
CA VAL E 207 -17.43 2.98 24.88
C VAL E 207 -17.56 2.84 23.34
N ASN E 208 -18.83 2.86 22.87
CA ASN E 208 -19.21 2.76 21.45
C ASN E 208 -19.26 4.17 20.83
N ILE E 209 -18.35 4.44 19.86
CA ILE E 209 -18.15 5.71 19.14
C ILE E 209 -19.47 6.26 18.53
N GLY E 210 -20.25 5.38 17.91
CA GLY E 210 -21.51 5.73 17.26
C GLY E 210 -22.56 6.40 18.13
N ASN E 211 -22.71 5.94 19.38
CA ASN E 211 -23.70 6.45 20.32
C ASN E 211 -23.16 7.59 21.23
N ILE E 212 -21.91 8.05 21.04
CA ILE E 212 -21.36 9.15 21.84
C ILE E 212 -21.92 10.47 21.29
N ARG E 213 -22.61 11.22 22.16
CA ARG E 213 -23.27 12.49 21.83
C ARG E 213 -22.40 13.69 22.21
N GLU E 214 -22.08 13.82 23.51
CA GLU E 214 -21.33 14.94 24.08
C GLU E 214 -20.21 14.50 25.00
N ILE E 215 -19.20 15.36 25.19
CA ILE E 215 -18.06 15.14 26.09
C ILE E 215 -18.13 16.23 27.17
N ASP E 216 -18.36 15.83 28.43
CA ASP E 216 -18.43 16.74 29.56
C ASP E 216 -17.00 17.01 30.04
N ARG E 217 -16.37 18.08 29.51
CA ARG E 217 -14.98 18.47 29.82
C ARG E 217 -14.82 18.82 31.32
N LYS E 218 -15.83 19.49 31.91
CA LYS E 218 -15.82 19.90 33.31
C LYS E 218 -15.92 18.70 34.27
N ASN E 219 -16.90 17.82 34.04
CA ASN E 219 -17.18 16.66 34.90
C ASN E 219 -16.44 15.37 34.47
N LEU E 220 -15.55 15.45 33.45
CA LEU E 220 -14.72 14.33 32.92
C LEU E 220 -15.57 13.08 32.55
N GLU E 221 -16.82 13.30 32.07
CA GLU E 221 -17.79 12.26 31.71
C GLU E 221 -18.13 12.25 30.22
N ILE E 222 -18.63 11.11 29.73
CA ILE E 222 -19.08 10.95 28.34
C ILE E 222 -20.62 10.94 28.36
N VAL E 223 -21.22 11.92 27.70
CA VAL E 223 -22.67 12.05 27.62
C VAL E 223 -23.15 11.38 26.32
N PHE E 224 -23.86 10.25 26.46
CA PHE E 224 -24.43 9.50 25.34
C PHE E 224 -25.81 10.05 25.02
N TYR E 225 -26.46 9.52 23.96
CA TYR E 225 -27.82 9.94 23.59
C TYR E 225 -28.79 9.47 24.67
N GLU E 226 -29.86 10.26 24.93
CA GLU E 226 -30.88 10.05 25.98
C GLU E 226 -30.26 10.20 27.38
N ASP E 227 -29.13 10.95 27.46
CA ASP E 227 -28.33 11.29 28.64
C ASP E 227 -27.93 10.05 29.47
N HIS E 228 -26.80 9.43 29.09
CA HIS E 228 -26.22 8.27 29.76
C HIS E 228 -24.77 8.63 30.13
N ARG E 229 -24.62 9.47 31.17
CA ARG E 229 -23.36 10.02 31.69
C ARG E 229 -22.57 9.02 32.57
N CYS E 230 -22.94 7.72 32.56
CA CYS E 230 -22.34 6.64 33.35
C CYS E 230 -20.81 6.48 33.09
N PRO E 231 -20.28 6.43 31.83
CA PRO E 231 -18.82 6.25 31.68
C PRO E 231 -18.01 7.48 32.05
N ILE E 232 -16.71 7.26 32.30
CA ILE E 232 -15.76 8.29 32.72
C ILE E 232 -14.56 8.28 31.75
N SER E 233 -14.12 9.48 31.31
CA SER E 233 -12.99 9.67 30.40
C SER E 233 -11.90 10.52 31.05
N ARG E 234 -10.62 10.35 30.63
CA ARG E 234 -9.47 11.09 31.17
C ARG E 234 -8.81 11.96 30.08
N LEU E 235 -8.11 13.04 30.50
CA LEU E 235 -7.43 14.04 29.67
C LEU E 235 -6.52 13.46 28.56
N LYS E 236 -5.51 12.64 28.93
CA LYS E 236 -4.52 12.05 28.01
C LYS E 236 -5.15 11.17 26.92
N ILE E 237 -6.35 10.61 27.20
CA ILE E 237 -7.08 9.74 26.27
C ILE E 237 -8.12 10.58 25.48
N ARG E 238 -8.73 11.61 26.12
CA ARG E 238 -9.75 12.50 25.54
C ARG E 238 -9.21 13.31 24.34
N LYS E 239 -7.90 13.66 24.35
CA LYS E 239 -7.21 14.43 23.31
C LYS E 239 -7.45 13.82 21.91
N LEU E 240 -7.21 12.51 21.76
CA LEU E 240 -7.40 11.77 20.51
C LEU E 240 -8.88 11.46 20.26
N LYS E 241 -9.69 11.38 21.33
CA LYS E 241 -11.12 11.08 21.28
C LYS E 241 -11.94 12.22 20.65
N ASP E 242 -11.60 13.49 20.98
CA ASP E 242 -12.31 14.66 20.47
C ASP E 242 -12.01 14.93 18.99
N ILE E 243 -10.75 14.76 18.55
CA ILE E 243 -10.35 14.98 17.15
C ILE E 243 -10.88 13.82 16.24
N LEU E 244 -11.19 12.65 16.84
CA LEU E 244 -11.76 11.49 16.15
C LEU E 244 -13.27 11.69 15.96
N GLU E 245 -13.91 12.36 16.94
CA GLU E 245 -15.34 12.70 16.95
C GLU E 245 -15.65 13.73 15.84
N LYS E 246 -14.78 14.74 15.69
CA LYS E 246 -14.91 15.81 14.69
C LYS E 246 -14.46 15.32 13.29
N LYS E 247 -13.69 14.22 13.23
CA LYS E 247 -13.17 13.60 12.00
C LYS E 247 -14.30 13.05 11.13
N SER E 248 -15.23 12.28 11.73
CA SER E 248 -16.38 11.68 11.04
C SER E 248 -17.45 12.72 10.70
N GLN E 249 -17.49 13.84 11.47
CA GLN E 249 -18.46 14.92 11.27
C GLN E 249 -17.75 16.24 10.96
N MSE F 1 -38.59 8.18 15.42
CA MSE F 1 -38.40 6.82 14.93
C MSE F 1 -38.83 6.67 13.45
O MSE F 1 -39.83 7.27 13.05
CB MSE F 1 -39.13 5.78 15.81
CG MSE F 1 -40.64 5.99 15.94
SE MSE F 1 -41.52 4.49 16.83
CE MSE F 1 -40.91 4.82 18.65
N LYS F 2 -38.07 5.89 12.68
CA LYS F 2 -38.32 5.60 11.26
C LYS F 2 -39.13 4.30 11.14
N VAL F 3 -40.21 4.32 10.33
CA VAL F 3 -41.08 3.15 10.18
C VAL F 3 -41.39 2.87 8.68
N LEU F 4 -41.20 1.61 8.27
CA LEU F 4 -41.49 1.12 6.92
C LEU F 4 -42.84 0.38 6.94
N ILE F 5 -43.76 0.78 6.05
CA ILE F 5 -45.10 0.19 5.97
C ILE F 5 -45.33 -0.39 4.58
N LEU F 6 -45.83 -1.64 4.54
CA LEU F 6 -46.18 -2.33 3.30
C LEU F 6 -47.70 -2.54 3.29
N GLU F 7 -48.39 -1.82 2.38
CA GLU F 7 -49.84 -1.88 2.21
C GLU F 7 -50.21 -1.57 0.75
N ASP F 8 -50.83 -2.54 0.07
CA ASP F 8 -51.25 -2.43 -1.33
C ASP F 8 -52.52 -1.59 -1.47
N VAL F 9 -53.46 -1.71 -0.51
CA VAL F 9 -54.73 -0.96 -0.48
C VAL F 9 -54.51 0.43 0.13
N ILE F 10 -54.91 1.49 -0.60
CA ILE F 10 -54.75 2.90 -0.23
C ILE F 10 -55.67 3.24 0.97
N GLU F 11 -56.91 2.69 0.99
CA GLU F 11 -57.93 2.88 2.03
C GLU F 11 -57.36 2.63 3.45
N HIS F 12 -56.64 1.51 3.62
CA HIS F 12 -56.02 1.09 4.87
C HIS F 12 -54.68 1.78 5.10
N GLN F 13 -54.02 2.21 4.00
CA GLN F 13 -52.74 2.91 4.01
C GLN F 13 -52.91 4.32 4.59
N VAL F 14 -53.90 5.07 4.10
CA VAL F 14 -54.23 6.44 4.52
C VAL F 14 -54.78 6.44 5.96
N ARG F 15 -55.39 5.31 6.41
CA ARG F 15 -55.95 5.14 7.76
C ARG F 15 -54.82 5.07 8.79
N LEU F 16 -53.82 4.20 8.54
CA LEU F 16 -52.67 3.98 9.42
C LEU F 16 -51.77 5.22 9.50
N GLU F 17 -51.60 5.94 8.38
CA GLU F 17 -50.77 7.15 8.31
C GLU F 17 -51.38 8.28 9.13
N ARG F 18 -52.72 8.48 9.02
CA ARG F 18 -53.48 9.49 9.76
C ARG F 18 -53.37 9.23 11.28
N ILE F 19 -53.49 7.95 11.70
CA ILE F 19 -53.38 7.50 13.09
C ILE F 19 -51.92 7.65 13.56
N LEU F 20 -50.93 7.45 12.66
CA LEU F 20 -49.50 7.61 12.98
C LEU F 20 -49.13 9.08 13.20
N ASP F 21 -49.90 10.00 12.58
CA ASP F 21 -49.72 11.45 12.71
C ASP F 21 -50.36 11.96 13.99
N GLU F 22 -51.54 11.40 14.35
CA GLU F 22 -52.31 11.77 15.54
C GLU F 22 -51.54 11.44 16.83
N ILE F 23 -50.92 10.23 16.89
CA ILE F 23 -50.14 9.76 18.04
C ILE F 23 -48.83 10.56 18.16
N SER F 24 -48.28 11.02 17.00
CA SER F 24 -47.06 11.82 16.90
C SER F 24 -47.22 13.16 17.62
N LYS F 25 -48.42 13.76 17.54
CA LYS F 25 -48.73 15.03 18.18
C LYS F 25 -49.15 14.84 19.63
N GLU F 26 -49.94 13.78 19.91
CA GLU F 26 -50.45 13.45 21.25
C GLU F 26 -49.37 13.00 22.22
N SER F 27 -48.39 12.19 21.77
CA SER F 27 -47.35 11.65 22.64
C SER F 27 -45.96 12.31 22.46
N ASN F 28 -45.83 13.27 21.51
CA ASN F 28 -44.58 13.99 21.17
C ASN F 28 -43.47 12.98 20.78
N ILE F 29 -43.78 12.10 19.81
CA ILE F 29 -42.89 11.09 19.25
C ILE F 29 -42.73 11.38 17.74
N PRO F 30 -41.50 11.67 17.25
CA PRO F 30 -41.34 11.98 15.82
C PRO F 30 -41.43 10.70 14.99
N ILE F 31 -42.50 10.58 14.20
CA ILE F 31 -42.74 9.40 13.37
C ILE F 31 -42.67 9.80 11.89
N SER F 32 -41.69 9.24 11.18
CA SER F 32 -41.48 9.42 9.74
C SER F 32 -41.78 8.11 9.06
N TYR F 33 -42.91 8.05 8.32
CA TYR F 33 -43.39 6.84 7.66
C TYR F 33 -43.15 6.83 6.16
N LYS F 34 -42.94 5.63 5.61
CA LYS F 34 -42.75 5.34 4.19
C LYS F 34 -43.73 4.22 3.82
N THR F 35 -44.69 4.53 2.94
CA THR F 35 -45.73 3.58 2.53
C THR F 35 -45.61 3.20 1.06
N THR F 36 -45.35 1.90 0.80
CA THR F 36 -45.21 1.34 -0.56
C THR F 36 -46.14 0.16 -0.76
N GLY F 37 -46.66 0.04 -1.98
CA GLY F 37 -47.57 -1.02 -2.37
C GLY F 37 -46.86 -2.20 -3.03
N LYS F 38 -45.89 -1.90 -3.91
CA LYS F 38 -45.14 -2.93 -4.63
C LYS F 38 -44.10 -3.59 -3.72
N VAL F 39 -44.08 -4.93 -3.74
CA VAL F 39 -43.17 -5.79 -2.97
C VAL F 39 -41.75 -5.60 -3.51
N ARG F 40 -41.61 -5.51 -4.86
CA ARG F 40 -40.33 -5.30 -5.57
C ARG F 40 -39.70 -3.96 -5.18
N GLU F 41 -40.55 -2.95 -4.91
CA GLU F 41 -40.16 -1.61 -4.49
C GLU F 41 -39.67 -1.64 -3.03
N PHE F 42 -40.47 -2.27 -2.14
CA PHE F 42 -40.21 -2.43 -0.70
C PHE F 42 -38.93 -3.22 -0.43
N GLU F 43 -38.66 -4.27 -1.23
CA GLU F 43 -37.49 -5.13 -1.14
C GLU F 43 -36.19 -4.34 -1.34
N GLU F 44 -36.23 -3.31 -2.21
CA GLU F 44 -35.09 -2.43 -2.52
C GLU F 44 -34.67 -1.62 -1.28
N TYR F 45 -35.65 -1.16 -0.47
CA TYR F 45 -35.37 -0.37 0.74
C TYR F 45 -34.75 -1.22 1.85
N ILE F 46 -35.12 -2.51 1.95
CA ILE F 46 -34.60 -3.40 2.99
C ILE F 46 -33.30 -4.08 2.53
N GLU F 47 -33.15 -4.43 1.23
CA GLU F 47 -31.91 -5.04 0.71
C GLU F 47 -30.78 -4.01 0.72
N ASN F 48 -31.06 -2.76 0.27
CA ASN F 48 -30.11 -1.65 0.34
C ASN F 48 -30.26 -1.07 1.75
N ASP F 49 -29.67 -1.79 2.73
CA ASP F 49 -29.68 -1.58 4.18
C ASP F 49 -29.98 -0.13 4.61
N GLU F 50 -31.27 0.12 4.89
CA GLU F 50 -31.83 1.41 5.34
C GLU F 50 -32.32 1.26 6.79
N VAL F 51 -31.92 2.21 7.66
CA VAL F 51 -32.26 2.23 9.08
C VAL F 51 -33.77 2.51 9.28
N ASN F 52 -34.47 1.52 9.87
CA ASN F 52 -35.90 1.56 10.20
C ASN F 52 -36.11 0.76 11.48
N GLN F 53 -36.63 1.42 12.52
CA GLN F 53 -36.84 0.84 13.86
C GLN F 53 -38.04 -0.10 13.91
N LEU F 54 -39.15 0.27 13.25
CA LEU F 54 -40.40 -0.49 13.26
C LEU F 54 -40.80 -0.91 11.83
N TYR F 55 -41.54 -2.03 11.70
CA TYR F 55 -41.98 -2.56 10.40
C TYR F 55 -43.44 -3.04 10.47
N PHE F 56 -44.35 -2.31 9.79
CA PHE F 56 -45.77 -2.65 9.69
C PHE F 56 -46.02 -3.33 8.35
N LEU F 57 -46.62 -4.53 8.37
CA LEU F 57 -46.80 -5.28 7.13
C LEU F 57 -48.18 -5.89 6.95
N ALA F 58 -48.64 -5.92 5.68
CA ALA F 58 -49.86 -6.58 5.22
C ALA F 58 -49.45 -7.98 4.75
N ILE F 59 -50.40 -8.93 4.64
CA ILE F 59 -50.03 -10.30 4.25
C ILE F 59 -50.53 -10.61 2.82
N ASP F 60 -51.78 -10.28 2.50
CA ASP F 60 -52.34 -10.52 1.16
C ASP F 60 -52.05 -9.29 0.28
N ILE F 61 -50.94 -9.35 -0.50
CA ILE F 61 -50.52 -8.23 -1.35
C ILE F 61 -50.64 -8.59 -2.83
N HIS F 62 -51.39 -7.75 -3.58
CA HIS F 62 -51.66 -7.83 -5.02
C HIS F 62 -52.06 -9.25 -5.46
N GLY F 63 -53.02 -9.84 -4.76
CA GLY F 63 -53.55 -11.17 -5.03
C GLY F 63 -52.72 -12.32 -4.48
N ILE F 64 -51.41 -12.08 -4.23
CA ILE F 64 -50.50 -13.09 -3.72
C ILE F 64 -50.73 -13.25 -2.21
N GLU F 65 -51.18 -14.46 -1.82
CA GLU F 65 -51.43 -14.83 -0.42
C GLU F 65 -50.13 -15.16 0.28
N LYS F 66 -50.05 -14.82 1.58
CA LYS F 66 -48.90 -15.07 2.47
C LYS F 66 -47.57 -14.45 1.95
N LYS F 67 -47.66 -13.43 1.06
CA LYS F 67 -46.51 -12.71 0.51
C LYS F 67 -45.88 -11.82 1.59
N GLY F 68 -46.70 -11.41 2.56
CA GLY F 68 -46.29 -10.61 3.71
C GLY F 68 -45.37 -11.32 4.66
N PHE F 69 -45.45 -12.66 4.71
CA PHE F 69 -44.59 -13.50 5.53
C PHE F 69 -43.23 -13.70 4.86
N GLU F 70 -43.23 -13.86 3.52
CA GLU F 70 -42.05 -14.06 2.68
C GLU F 70 -41.12 -12.85 2.72
N VAL F 71 -41.71 -11.63 2.77
CA VAL F 71 -40.96 -10.38 2.87
C VAL F 71 -40.51 -10.17 4.34
N ALA F 72 -41.33 -10.63 5.33
CA ALA F 72 -41.00 -10.57 6.76
C ALA F 72 -39.79 -11.45 7.08
N GLN F 73 -39.59 -12.51 6.29
CA GLN F 73 -38.44 -13.42 6.43
C GLN F 73 -37.16 -12.71 5.99
N LEU F 74 -37.26 -11.83 4.96
CA LEU F 74 -36.16 -11.05 4.42
C LEU F 74 -35.71 -9.96 5.39
N ILE F 75 -36.66 -9.36 6.14
CA ILE F 75 -36.36 -8.32 7.14
C ILE F 75 -35.67 -8.99 8.34
N ARG F 76 -36.10 -10.21 8.71
CA ARG F 76 -35.51 -10.95 9.83
C ARG F 76 -34.11 -11.47 9.45
N HIS F 77 -33.87 -11.73 8.15
CA HIS F 77 -32.58 -12.19 7.64
C HIS F 77 -31.51 -11.11 7.77
N TYR F 78 -31.87 -9.85 7.47
CA TYR F 78 -30.95 -8.71 7.55
C TYR F 78 -30.91 -8.09 8.95
N ASN F 79 -31.91 -8.38 9.79
CA ASN F 79 -31.98 -7.88 11.16
C ASN F 79 -32.72 -8.91 12.06
N PRO F 80 -31.97 -9.79 12.78
CA PRO F 80 -32.62 -10.82 13.61
C PRO F 80 -33.34 -10.27 14.85
N TYR F 81 -33.13 -8.99 15.21
CA TYR F 81 -33.79 -8.39 16.36
C TYR F 81 -34.66 -7.18 15.95
N ALA F 82 -35.11 -7.16 14.68
CA ALA F 82 -36.00 -6.13 14.15
C ALA F 82 -37.40 -6.31 14.73
N ILE F 83 -38.19 -5.23 14.77
CA ILE F 83 -39.54 -5.33 15.31
C ILE F 83 -40.52 -5.45 14.13
N ILE F 84 -41.25 -6.59 14.08
CA ILE F 84 -42.23 -6.90 13.03
C ILE F 84 -43.64 -6.92 13.64
N VAL F 85 -44.56 -6.13 13.05
CA VAL F 85 -45.96 -6.05 13.46
C VAL F 85 -46.81 -6.22 12.20
N PHE F 86 -47.74 -7.19 12.23
CA PHE F 86 -48.61 -7.46 11.09
C PHE F 86 -49.95 -6.73 11.23
N ILE F 87 -50.34 -5.99 10.18
CA ILE F 87 -51.59 -5.24 10.10
C ILE F 87 -52.29 -5.75 8.83
N THR F 88 -53.35 -6.57 9.01
CA THR F 88 -54.08 -7.18 7.88
C THR F 88 -55.56 -7.51 8.22
N SER F 89 -56.35 -7.77 7.16
CA SER F 89 -57.77 -8.16 7.24
C SER F 89 -57.91 -9.69 7.26
N ARG F 90 -56.76 -10.41 7.26
CA ARG F 90 -56.67 -11.87 7.27
C ARG F 90 -56.37 -12.36 8.71
N SER F 91 -57.44 -12.43 9.53
CA SER F 91 -57.44 -12.82 10.95
C SER F 91 -56.96 -14.26 11.17
N GLU F 92 -57.27 -15.16 10.24
CA GLU F 92 -56.95 -16.60 10.26
C GLU F 92 -55.44 -16.91 10.32
N PHE F 93 -54.58 -16.06 9.73
CA PHE F 93 -53.14 -16.27 9.67
C PHE F 93 -52.39 -15.92 10.98
N ALA F 94 -53.12 -15.74 12.10
CA ALA F 94 -52.53 -15.42 13.41
C ALA F 94 -51.71 -16.59 13.98
N THR F 95 -52.10 -17.83 13.65
CA THR F 95 -51.43 -19.06 14.10
C THR F 95 -50.39 -19.56 13.09
N LEU F 96 -50.33 -18.95 11.88
CA LEU F 96 -49.45 -19.34 10.79
C LEU F 96 -48.17 -18.48 10.65
N THR F 97 -47.89 -17.58 11.61
CA THR F 97 -46.69 -16.73 11.56
C THR F 97 -45.43 -17.51 11.97
N TYR F 98 -45.56 -18.47 12.92
CA TYR F 98 -44.48 -19.29 13.46
C TYR F 98 -43.92 -20.26 12.41
N LYS F 99 -44.73 -20.61 11.39
CA LYS F 99 -44.36 -21.50 10.29
C LYS F 99 -43.27 -20.88 9.40
N TYR F 100 -43.19 -19.53 9.38
CA TYR F 100 -42.24 -18.77 8.58
C TYR F 100 -41.02 -18.31 9.42
N GLN F 101 -40.95 -18.78 10.69
CA GLN F 101 -39.89 -18.54 11.68
C GLN F 101 -39.67 -17.04 12.01
N VAL F 102 -40.62 -16.15 11.60
CA VAL F 102 -40.53 -14.71 11.86
C VAL F 102 -41.06 -14.47 13.29
N SER F 103 -40.22 -13.90 14.18
CA SER F 103 -40.60 -13.60 15.55
C SER F 103 -41.28 -12.23 15.61
N ALA F 104 -42.56 -12.20 15.18
CA ALA F 104 -43.37 -10.98 15.16
C ALA F 104 -43.84 -10.62 16.56
N LEU F 105 -43.79 -9.31 16.88
CA LEU F 105 -44.20 -8.76 18.16
C LEU F 105 -45.72 -8.87 18.36
N ASP F 106 -46.50 -8.45 17.33
CA ASP F 106 -47.96 -8.43 17.41
C ASP F 106 -48.63 -8.69 16.05
N PHE F 107 -49.86 -9.23 16.10
CA PHE F 107 -50.73 -9.52 14.95
C PHE F 107 -52.00 -8.69 15.12
N VAL F 108 -52.10 -7.58 14.37
CA VAL F 108 -53.20 -6.61 14.43
C VAL F 108 -54.19 -6.86 13.28
N ASP F 109 -55.49 -6.95 13.62
CA ASP F 109 -56.61 -7.15 12.70
C ASP F 109 -57.16 -5.81 12.21
N LYS F 110 -57.51 -5.71 10.91
CA LYS F 110 -58.04 -4.47 10.32
C LYS F 110 -59.55 -4.29 10.58
N ASP F 111 -60.28 -5.39 10.79
CA ASP F 111 -61.74 -5.44 11.01
C ASP F 111 -62.20 -4.70 12.30
N ILE F 112 -61.27 -4.27 13.18
CA ILE F 112 -61.57 -3.54 14.42
C ILE F 112 -61.76 -2.04 14.13
N ASN F 113 -62.52 -1.33 15.00
CA ASN F 113 -62.80 0.10 14.86
C ASN F 113 -61.55 0.97 15.10
N ASP F 114 -61.63 2.26 14.70
CA ASP F 114 -60.56 3.26 14.80
C ASP F 114 -60.08 3.48 16.24
N GLU F 115 -60.98 3.31 17.24
CA GLU F 115 -60.67 3.45 18.66
C GLU F 115 -59.67 2.36 19.09
N MSE F 116 -60.00 1.07 18.86
CA MSE F 116 -59.16 -0.07 19.18
C MSE F 116 -57.91 -0.12 18.32
O MSE F 116 -56.87 -0.59 18.79
CB MSE F 116 -59.94 -1.37 19.01
CG MSE F 116 -60.48 -1.94 20.29
SE MSE F 116 -61.30 -3.68 19.95
CE MSE F 116 -62.67 -3.14 18.69
N PHE F 117 -58.01 0.35 17.06
CA PHE F 117 -56.89 0.36 16.11
C PHE F 117 -55.79 1.31 16.57
N LYS F 118 -56.16 2.52 17.02
CA LYS F 118 -55.22 3.53 17.53
C LYS F 118 -54.51 3.00 18.78
N LYS F 119 -55.28 2.41 19.72
CA LYS F 119 -54.76 1.85 20.97
C LYS F 119 -53.78 0.70 20.72
N ARG F 120 -54.01 -0.10 19.67
CA ARG F 120 -53.13 -1.21 19.30
C ARG F 120 -51.86 -0.70 18.60
N ILE F 121 -51.97 0.36 17.78
CA ILE F 121 -50.83 0.98 17.10
C ILE F 121 -49.92 1.63 18.17
N GLU F 122 -50.54 2.30 19.16
CA GLU F 122 -49.89 2.94 20.31
C GLU F 122 -48.96 1.96 21.03
N GLN F 123 -49.49 0.78 21.43
CA GLN F 123 -48.79 -0.29 22.14
C GLN F 123 -47.46 -0.67 21.48
N ASN F 124 -47.47 -0.81 20.14
CA ASN F 124 -46.30 -1.19 19.34
C ASN F 124 -45.32 -0.02 19.22
N ILE F 125 -45.82 1.23 19.13
CA ILE F 125 -44.98 2.42 19.05
C ILE F 125 -44.32 2.65 20.41
N PHE F 126 -45.08 2.45 21.51
CA PHE F 126 -44.59 2.62 22.88
C PHE F 126 -43.61 1.49 23.25
N TYR F 127 -43.73 0.31 22.60
CA TYR F 127 -42.80 -0.81 22.78
C TYR F 127 -41.48 -0.44 22.11
N THR F 128 -41.54 0.10 20.88
CA THR F 128 -40.39 0.54 20.07
C THR F 128 -39.65 1.68 20.78
N LYS F 129 -40.38 2.63 21.39
CA LYS F 129 -39.81 3.77 22.12
C LYS F 129 -39.01 3.29 23.34
N SER F 130 -39.53 2.27 24.05
CA SER F 130 -38.88 1.71 25.23
C SER F 130 -37.68 0.82 24.86
N MSE F 131 -37.68 0.28 23.62
CA MSE F 131 -36.64 -0.62 23.12
C MSE F 131 -35.42 0.15 22.58
O MSE F 131 -34.33 0.04 23.15
CB MSE F 131 -37.20 -1.55 22.03
CG MSE F 131 -38.01 -2.72 22.56
SE MSE F 131 -36.94 -4.04 23.50
CE MSE F 131 -35.94 -4.79 21.97
N LEU F 132 -35.62 0.88 21.47
CA LEU F 132 -34.58 1.60 20.75
C LEU F 132 -34.10 2.88 21.44
N LEU F 133 -32.80 3.18 21.26
CA LEU F 133 -32.10 4.35 21.78
C LEU F 133 -32.28 5.53 20.80
N GLU F 134 -32.85 6.65 21.27
CA GLU F 134 -33.12 7.85 20.48
C GLU F 134 -31.82 8.59 20.10
N ASN F 135 -31.04 7.99 19.18
CA ASN F 135 -29.79 8.56 18.69
C ASN F 135 -30.08 9.47 17.47
N GLU F 136 -29.11 9.66 16.56
CA GLU F 136 -29.28 10.49 15.37
C GLU F 136 -30.17 9.79 14.32
N ASP F 137 -30.14 8.44 14.29
CA ASP F 137 -30.90 7.59 13.37
C ASP F 137 -32.41 7.52 13.72
N VAL F 138 -32.77 7.77 14.99
CA VAL F 138 -34.15 7.68 15.47
C VAL F 138 -34.82 9.07 15.40
N VAL F 139 -34.23 10.08 16.06
CA VAL F 139 -34.78 11.43 16.12
C VAL F 139 -33.77 12.46 15.56
N ASP F 140 -34.28 13.60 15.07
CA ASP F 140 -33.46 14.68 14.53
C ASP F 140 -32.90 15.52 15.68
N TYR F 141 -31.56 15.65 15.73
CA TYR F 141 -30.88 16.39 16.79
C TYR F 141 -30.48 17.80 16.35
N PHE F 142 -30.53 18.75 17.30
CA PHE F 142 -30.14 20.14 17.08
C PHE F 142 -28.66 20.28 17.46
N ASP F 143 -27.76 19.97 16.50
CA ASP F 143 -26.32 20.06 16.71
C ASP F 143 -25.89 21.52 16.49
N TYR F 144 -25.59 22.21 17.60
CA TYR F 144 -25.19 23.62 17.59
C TYR F 144 -23.83 23.80 18.24
N ASN F 145 -22.99 24.66 17.65
CA ASN F 145 -21.66 24.99 18.16
C ASN F 145 -21.41 26.49 18.01
N TYR F 146 -21.11 27.18 19.13
CA TYR F 146 -20.85 28.61 19.16
C TYR F 146 -19.62 28.91 20.02
N LYS F 147 -18.51 29.30 19.34
CA LYS F 147 -17.22 29.68 19.92
C LYS F 147 -16.72 28.63 20.94
N GLY F 148 -16.73 27.36 20.51
CA GLY F 148 -16.29 26.23 21.33
C GLY F 148 -17.39 25.54 22.11
N ASN F 149 -18.39 26.31 22.57
CA ASN F 149 -19.52 25.80 23.34
C ASN F 149 -20.48 25.06 22.42
N ASP F 150 -20.71 23.76 22.70
CA ASP F 150 -21.57 22.91 21.87
C ASP F 150 -22.78 22.38 22.63
N LEU F 151 -23.93 22.34 21.93
CA LEU F 151 -25.21 21.84 22.44
C LEU F 151 -25.83 20.88 21.42
N LYS F 152 -26.33 19.73 21.91
CA LYS F 152 -26.98 18.72 21.08
C LYS F 152 -28.08 18.01 21.87
N ILE F 153 -29.35 18.34 21.55
CA ILE F 153 -30.59 17.78 22.11
C ILE F 153 -31.64 17.67 20.98
N PRO F 154 -32.62 16.73 21.03
CA PRO F 154 -33.59 16.62 19.93
C PRO F 154 -34.57 17.79 19.89
N TYR F 155 -34.98 18.16 18.67
CA TYR F 155 -35.89 19.27 18.37
C TYR F 155 -37.27 19.15 19.06
N HIS F 156 -37.77 17.92 19.30
CA HIS F 156 -39.08 17.72 19.93
C HIS F 156 -39.06 18.07 21.43
N ASP F 157 -37.87 18.04 22.06
CA ASP F 157 -37.71 18.40 23.47
C ASP F 157 -37.76 19.93 23.65
N ILE F 158 -37.39 20.69 22.59
CA ILE F 158 -37.39 22.16 22.58
C ILE F 158 -38.77 22.71 22.23
N LEU F 159 -39.31 23.59 23.07
CA LEU F 159 -40.58 24.28 22.82
C LEU F 159 -40.27 25.65 22.26
N TYR F 160 -39.44 26.42 23.00
CA TYR F 160 -38.98 27.75 22.64
C TYR F 160 -37.64 28.04 23.34
N ILE F 161 -36.88 29.00 22.79
CA ILE F 161 -35.58 29.40 23.34
C ILE F 161 -35.74 30.81 23.93
N GLU F 162 -35.35 30.94 25.20
CA GLU F 162 -35.43 32.15 26.00
C GLU F 162 -34.03 32.76 26.22
N THR F 163 -33.97 34.10 26.35
CA THR F 163 -32.73 34.83 26.63
C THR F 163 -32.46 34.79 28.15
N THR F 164 -31.24 35.17 28.58
CA THR F 164 -30.89 35.19 29.99
C THR F 164 -30.08 36.47 30.29
N GLY F 165 -30.01 36.82 31.57
CA GLY F 165 -29.32 38.01 32.10
C GLY F 165 -27.88 38.23 31.65
N VAL F 166 -27.23 37.15 31.16
CA VAL F 166 -25.85 37.18 30.67
C VAL F 166 -25.87 37.11 29.13
N SER F 167 -25.00 37.92 28.49
CA SER F 167 -24.83 38.02 27.04
C SER F 167 -24.23 36.75 26.45
N HIS F 168 -24.62 36.44 25.19
CA HIS F 168 -24.18 35.30 24.38
C HIS F 168 -24.56 33.95 25.02
N LYS F 169 -25.55 33.96 25.94
CA LYS F 169 -26.07 32.77 26.60
C LYS F 169 -27.59 32.76 26.46
N LEU F 170 -28.14 31.57 26.18
CA LEU F 170 -29.58 31.36 25.99
C LEU F 170 -30.05 30.17 26.83
N ARG F 171 -31.37 29.88 26.81
CA ARG F 171 -31.93 28.78 27.59
C ARG F 171 -33.06 28.08 26.83
N ILE F 172 -32.97 26.74 26.73
CA ILE F 172 -33.98 25.87 26.12
C ILE F 172 -35.08 25.67 27.16
N ILE F 173 -36.35 25.81 26.75
CA ILE F 173 -37.47 25.60 27.67
C ILE F 173 -38.26 24.40 27.18
N GLY F 174 -38.17 23.31 27.95
CA GLY F 174 -38.87 22.06 27.69
C GLY F 174 -40.12 21.95 28.55
N LYS F 175 -40.84 20.83 28.43
CA LYS F 175 -42.06 20.63 29.21
C LYS F 175 -41.72 20.22 30.67
N ASN F 176 -40.57 19.57 30.88
CA ASN F 176 -40.13 19.10 32.19
C ASN F 176 -38.79 19.72 32.60
N PHE F 177 -37.99 20.16 31.62
CA PHE F 177 -36.66 20.70 31.86
C PHE F 177 -36.46 22.15 31.39
N ALA F 178 -35.27 22.68 31.69
CA ALA F 178 -34.75 23.99 31.32
C ALA F 178 -33.24 23.86 31.19
N LYS F 179 -32.72 23.88 29.95
CA LYS F 179 -31.30 23.71 29.69
C LYS F 179 -30.67 24.98 29.11
N GLU F 180 -29.68 25.53 29.84
CA GLU F 180 -28.94 26.72 29.43
C GLU F 180 -27.77 26.31 28.55
N PHE F 181 -27.41 27.18 27.59
CA PHE F 181 -26.32 26.95 26.64
C PHE F 181 -25.79 28.30 26.10
N TYR F 182 -24.57 28.30 25.53
CA TYR F 182 -23.98 29.52 24.96
C TYR F 182 -24.22 29.60 23.46
N GLY F 183 -24.75 30.75 23.03
CA GLY F 183 -25.09 31.05 21.64
C GLY F 183 -25.81 32.37 21.44
N THR F 184 -25.95 32.79 20.18
CA THR F 184 -26.65 34.03 19.79
C THR F 184 -27.89 33.64 18.99
N MSE F 185 -29.02 34.32 19.28
CA MSE F 185 -30.30 34.07 18.60
C MSE F 185 -30.25 34.44 17.12
O MSE F 185 -30.97 33.84 16.32
CB MSE F 185 -31.44 34.81 19.30
CG MSE F 185 -32.40 33.87 20.02
SE MSE F 185 -33.75 34.74 21.13
CE MSE F 185 -34.54 35.97 19.79
N THR F 186 -29.37 35.38 16.75
CA THR F 186 -29.13 35.81 15.36
C THR F 186 -28.37 34.70 14.64
N ASP F 187 -27.42 34.04 15.34
CA ASP F 187 -26.57 32.97 14.84
C ASP F 187 -27.37 31.67 14.58
N ILE F 188 -28.38 31.37 15.42
CA ILE F 188 -29.24 30.19 15.28
C ILE F 188 -30.09 30.33 14.01
N GLN F 189 -30.72 31.51 13.82
CA GLN F 189 -31.55 31.86 12.66
C GLN F 189 -30.73 31.85 11.36
N GLU F 190 -29.43 32.19 11.46
CA GLU F 190 -28.47 32.20 10.37
C GLU F 190 -28.21 30.76 9.89
N LYS F 191 -28.19 29.78 10.83
CA LYS F 191 -27.94 28.36 10.56
C LYS F 191 -29.25 27.60 10.27
N ASP F 192 -30.40 28.23 10.57
CA ASP F 192 -31.74 27.67 10.36
C ASP F 192 -32.45 28.38 9.18
N LYS F 193 -31.68 28.99 8.25
CA LYS F 193 -32.24 29.69 7.09
C LYS F 193 -32.76 28.70 6.02
N HIS F 194 -32.21 27.47 6.00
CA HIS F 194 -32.60 26.41 5.06
C HIS F 194 -33.45 25.34 5.74
N THR F 195 -33.09 24.99 7.01
CA THR F 195 -33.79 23.98 7.82
C THR F 195 -35.21 24.46 8.15
N GLN F 196 -35.34 25.75 8.53
CA GLN F 196 -36.57 26.50 8.86
C GLN F 196 -37.42 25.78 9.94
N ARG F 197 -36.75 25.34 11.03
CA ARG F 197 -37.38 24.67 12.17
C ARG F 197 -37.68 25.67 13.29
N PHE F 198 -37.09 26.86 13.21
CA PHE F 198 -37.25 27.93 14.20
C PHE F 198 -37.83 29.21 13.60
N TYR F 199 -38.60 29.91 14.43
CA TYR F 199 -39.25 31.18 14.11
C TYR F 199 -39.00 32.19 15.23
N SER F 200 -38.83 33.47 14.87
CA SER F 200 -38.60 34.55 15.84
C SER F 200 -39.87 35.42 16.00
N PRO F 201 -40.74 35.13 16.99
CA PRO F 201 -41.96 35.94 17.15
C PRO F 201 -41.72 37.26 17.90
N HIS F 202 -40.63 37.32 18.69
CA HIS F 202 -40.24 38.46 19.51
C HIS F 202 -38.71 38.61 19.54
N LYS F 203 -38.24 39.82 19.88
CA LYS F 203 -36.82 40.20 20.02
C LYS F 203 -36.12 39.33 21.08
N SER F 204 -36.86 38.88 22.11
CA SER F 204 -36.37 38.07 23.23
C SER F 204 -36.73 36.58 23.12
N PHE F 205 -37.43 36.15 22.04
CA PHE F 205 -37.86 34.75 21.91
C PHE F 205 -37.56 34.11 20.56
N LEU F 206 -37.29 32.80 20.59
CA LEU F 206 -37.00 31.94 19.43
C LEU F 206 -37.77 30.62 19.61
N VAL F 207 -38.88 30.47 18.87
CA VAL F 207 -39.83 29.35 19.00
C VAL F 207 -39.63 28.24 17.94
N ASN F 208 -39.79 26.97 18.37
CA ASN F 208 -39.75 25.76 17.56
C ASN F 208 -41.09 25.63 16.81
N ILE F 209 -41.02 25.64 15.47
CA ILE F 209 -42.16 25.59 14.54
C ILE F 209 -43.05 24.35 14.74
N GLY F 210 -42.46 23.20 15.08
CA GLY F 210 -43.15 21.93 15.22
C GLY F 210 -44.04 21.73 16.43
N ASN F 211 -43.58 22.19 17.61
CA ASN F 211 -44.27 21.98 18.89
C ASN F 211 -45.47 22.94 19.14
N ILE F 212 -45.72 23.92 18.25
CA ILE F 212 -46.83 24.88 18.38
C ILE F 212 -48.19 24.18 18.15
N ARG F 213 -49.23 24.64 18.86
CA ARG F 213 -50.61 24.16 18.76
C ARG F 213 -51.49 25.30 18.21
N GLU F 214 -51.60 26.41 18.97
CA GLU F 214 -52.42 27.59 18.63
C GLU F 214 -51.65 28.90 18.81
N ILE F 215 -52.22 30.00 18.26
CA ILE F 215 -51.70 31.36 18.38
C ILE F 215 -52.82 32.20 19.03
N ASP F 216 -52.62 32.60 20.29
CA ASP F 216 -53.61 33.38 21.03
C ASP F 216 -53.47 34.87 20.70
N ARG F 217 -54.29 35.33 19.73
CA ARG F 217 -54.36 36.70 19.23
C ARG F 217 -54.76 37.71 20.32
N LYS F 218 -55.68 37.31 21.22
CA LYS F 218 -56.22 38.11 22.31
C LYS F 218 -55.15 38.41 23.37
N ASN F 219 -54.37 37.40 23.79
CA ASN F 219 -53.34 37.53 24.82
C ASN F 219 -51.91 37.64 24.25
N LEU F 220 -51.78 37.73 22.90
CA LEU F 220 -50.52 37.87 22.14
C LEU F 220 -49.50 36.77 22.52
N GLU F 221 -49.99 35.52 22.65
CA GLU F 221 -49.17 34.37 23.06
C GLU F 221 -49.22 33.20 22.07
N ILE F 222 -48.29 32.25 22.24
CA ILE F 222 -48.14 31.04 21.43
C ILE F 222 -48.34 29.82 22.36
N VAL F 223 -49.44 29.08 22.16
CA VAL F 223 -49.76 27.90 22.97
C VAL F 223 -49.18 26.65 22.28
N PHE F 224 -48.46 25.82 23.05
CA PHE F 224 -47.86 24.58 22.52
C PHE F 224 -48.79 23.39 22.74
N TYR F 225 -48.41 22.17 22.27
CA TYR F 225 -49.22 20.95 22.35
C TYR F 225 -49.75 20.69 23.78
N GLU F 226 -48.95 21.03 24.80
CA GLU F 226 -49.34 20.96 26.21
C GLU F 226 -49.55 22.40 26.71
N ASP F 227 -50.36 22.59 27.77
CA ASP F 227 -50.65 23.91 28.34
C ASP F 227 -49.37 24.53 28.93
N HIS F 228 -48.55 25.12 28.05
CA HIS F 228 -47.28 25.74 28.36
C HIS F 228 -47.08 26.99 27.49
N ARG F 229 -48.14 27.84 27.42
CA ARG F 229 -48.12 29.09 26.65
C ARG F 229 -47.28 30.11 27.43
N CYS F 230 -46.07 30.36 26.94
CA CYS F 230 -45.14 31.27 27.59
C CYS F 230 -44.51 32.28 26.59
N PRO F 231 -44.14 31.91 25.33
CA PRO F 231 -43.56 32.93 24.43
C PRO F 231 -44.59 33.95 23.98
N ILE F 232 -44.11 35.12 23.57
CA ILE F 232 -44.95 36.25 23.16
C ILE F 232 -44.86 36.42 21.65
N SER F 233 -46.01 36.73 21.03
CA SER F 233 -46.12 37.00 19.61
C SER F 233 -46.69 38.39 19.42
N ARG F 234 -46.00 39.24 18.64
CA ARG F 234 -46.47 40.61 18.37
C ARG F 234 -47.26 40.64 17.05
N LEU F 235 -48.28 41.53 16.94
CA LEU F 235 -49.13 41.69 15.75
C LEU F 235 -48.27 41.87 14.48
N LYS F 236 -47.18 42.65 14.63
CA LYS F 236 -46.16 42.99 13.63
C LYS F 236 -45.56 41.73 12.96
N ILE F 237 -45.42 40.63 13.72
CA ILE F 237 -44.80 39.37 13.26
C ILE F 237 -45.82 38.19 13.24
N ARG F 238 -47.01 38.36 13.86
CA ARG F 238 -48.06 37.33 13.96
C ARG F 238 -48.61 36.83 12.61
N LYS F 239 -48.61 37.69 11.57
CA LYS F 239 -49.12 37.38 10.23
C LYS F 239 -48.37 36.23 9.54
N LEU F 240 -47.02 36.33 9.44
CA LEU F 240 -46.16 35.33 8.81
C LEU F 240 -46.20 33.98 9.52
N LYS F 241 -46.39 33.99 10.85
CA LYS F 241 -46.45 32.79 11.69
C LYS F 241 -47.71 31.97 11.43
N ASP F 242 -48.86 32.65 11.26
CA ASP F 242 -50.15 32.01 11.03
C ASP F 242 -50.16 31.27 9.68
N ILE F 243 -49.63 31.90 8.61
CA ILE F 243 -49.60 31.29 7.27
C ILE F 243 -48.51 30.19 7.20
N LEU F 244 -47.41 30.32 7.97
CA LEU F 244 -46.31 29.35 8.01
C LEU F 244 -46.75 28.05 8.69
N GLU F 245 -47.72 28.16 9.63
CA GLU F 245 -48.29 27.04 10.36
C GLU F 245 -49.45 26.43 9.56
N LYS F 246 -50.19 27.26 8.80
CA LYS F 246 -51.31 26.85 7.98
C LYS F 246 -50.81 26.10 6.73
N LYS F 247 -49.65 26.49 6.19
CA LYS F 247 -49.02 25.84 5.04
C LYS F 247 -48.57 24.42 5.40
N SER F 248 -48.24 24.22 6.70
CA SER F 248 -47.85 22.93 7.27
C SER F 248 -49.06 22.00 7.38
N GLN F 249 -50.26 22.58 7.63
CA GLN F 249 -51.54 21.86 7.72
C GLN F 249 -52.01 21.35 6.36
N LYS F 250 -51.47 21.93 5.26
CA LYS F 250 -51.78 21.56 3.87
C LYS F 250 -51.03 20.27 3.45
N HIS F 251 -50.64 19.45 4.45
CA HIS F 251 -49.94 18.16 4.30
C HIS F 251 -50.86 17.06 3.77
N HIS F 252 -52.20 17.27 3.83
CA HIS F 252 -53.23 16.30 3.41
C HIS F 252 -53.07 15.87 1.95
N HIS F 253 -52.21 16.58 1.16
CA HIS F 253 -51.88 16.26 -0.24
C HIS F 253 -51.23 14.87 -0.32
N HIS F 254 -50.42 14.52 0.72
CA HIS F 254 -49.74 13.23 0.89
C HIS F 254 -50.80 12.13 1.10
N HIS F 255 -51.89 12.47 1.80
CA HIS F 255 -53.03 11.59 2.10
C HIS F 255 -54.06 11.63 0.94
N HIS F 256 -53.61 12.02 -0.27
CA HIS F 256 -54.41 12.11 -1.48
C HIS F 256 -53.64 11.58 -2.68
#